data_2X5G
# 
_entry.id   2X5G 
# 
_audit_conform.dict_name       mmcif_pdbx.dic 
_audit_conform.dict_version    5.398 
_audit_conform.dict_location   http://mmcif.pdb.org/dictionaries/ascii/mmcif_pdbx.dic 
# 
loop_
_database_2.database_id 
_database_2.database_code 
_database_2.pdbx_database_accession 
_database_2.pdbx_DOI 
PDB   2X5G         pdb_00002x5g 10.2210/pdb2x5g/pdb 
PDBE  EBI-36220    ?            ?                   
WWPDB D_1290036220 ?            ?                   
# 
loop_
_pdbx_audit_revision_history.ordinal 
_pdbx_audit_revision_history.data_content_type 
_pdbx_audit_revision_history.major_revision 
_pdbx_audit_revision_history.minor_revision 
_pdbx_audit_revision_history.revision_date 
1 'Structure model' 1 0 2010-07-21 
2 'Structure model' 1 1 2011-05-08 
3 'Structure model' 1 2 2011-07-13 
4 'Structure model' 1 3 2017-08-23 
5 'Structure model' 1 4 2024-11-06 
# 
_pdbx_audit_revision_details.ordinal             1 
_pdbx_audit_revision_details.revision_ordinal    1 
_pdbx_audit_revision_details.data_content_type   'Structure model' 
_pdbx_audit_revision_details.provider            repository 
_pdbx_audit_revision_details.type                'Initial release' 
_pdbx_audit_revision_details.description         ? 
_pdbx_audit_revision_details.details             ? 
# 
loop_
_pdbx_audit_revision_group.ordinal 
_pdbx_audit_revision_group.revision_ordinal 
_pdbx_audit_revision_group.data_content_type 
_pdbx_audit_revision_group.group 
1 2 'Structure model' 'Version format compliance' 
2 3 'Structure model' 'Version format compliance' 
3 4 'Structure model' 'Refinement description'    
4 5 'Structure model' 'Data collection'           
5 5 'Structure model' 'Database references'       
6 5 'Structure model' 'Derived calculations'      
7 5 'Structure model' Other                       
8 5 'Structure model' 'Structure summary'         
# 
loop_
_pdbx_audit_revision_category.ordinal 
_pdbx_audit_revision_category.revision_ordinal 
_pdbx_audit_revision_category.data_content_type 
_pdbx_audit_revision_category.category 
1 4 'Structure model' software                  
2 5 'Structure model' chem_comp_atom            
3 5 'Structure model' chem_comp_bond            
4 5 'Structure model' database_2                
5 5 'Structure model' pdbx_database_status      
6 5 'Structure model' pdbx_entry_details        
7 5 'Structure model' pdbx_modification_feature 
8 5 'Structure model' struct_conn               
9 5 'Structure model' struct_site               
# 
loop_
_pdbx_audit_revision_item.ordinal 
_pdbx_audit_revision_item.revision_ordinal 
_pdbx_audit_revision_item.data_content_type 
_pdbx_audit_revision_item.item 
1 4 'Structure model' '_software.name'                               
2 5 'Structure model' '_database_2.pdbx_DOI'                         
3 5 'Structure model' '_database_2.pdbx_database_accession'          
4 5 'Structure model' '_pdbx_database_status.status_code_sf'         
5 5 'Structure model' '_pdbx_entry_details.has_protein_modification' 
6 5 'Structure model' '_struct_conn.pdbx_leaving_atom_flag'          
7 5 'Structure model' '_struct_site.pdbx_auth_asym_id'               
8 5 'Structure model' '_struct_site.pdbx_auth_comp_id'               
9 5 'Structure model' '_struct_site.pdbx_auth_seq_id'                
# 
_pdbx_database_status.status_code                     REL 
_pdbx_database_status.entry_id                        2X5G 
_pdbx_database_status.deposit_site                    PDBE 
_pdbx_database_status.process_site                    PDBE 
_pdbx_database_status.SG_entry                        . 
_pdbx_database_status.recvd_initial_deposition_date   2010-02-08 
_pdbx_database_status.pdb_format_compatible           Y 
_pdbx_database_status.status_code_sf                  REL 
_pdbx_database_status.status_code_mr                  ? 
_pdbx_database_status.status_code_cs                  ? 
_pdbx_database_status.methods_development_category    ? 
_pdbx_database_status.status_code_nmr_data            ? 
# 
_pdbx_database_related.db_name        PDB 
_pdbx_database_related.db_id          2X5H 
_pdbx_database_related.content_type   unspecified 
_pdbx_database_related.details        
'CRYSTAL STRUCTURE OF THE ORF131 L26M L51M DOUBLE MUTANT FROM SULFOLOBUS ISLANDICUS RUDIVIRUS 1' 
# 
loop_
_audit_author.name 
_audit_author.pdbx_ordinal 
'Oke, M.'        1 
'Carter, L.G.'   2 
'Johnson, K.A.'  3 
'Liu, H.'        4 
'Mcmahon, S.A.'  5 
'Naismith, J.H.' 6 
'White, M.F.'    7 
# 
_citation.id                        primary 
_citation.title                     'The Scottish Structural Proteomics Facility: Targets, Methods and Outputs.' 
_citation.journal_abbrev            J.Struct.Funct.Genom. 
_citation.journal_volume            11 
_citation.page_first                167 
_citation.page_last                 ? 
_citation.year                      2010 
_citation.journal_id_ASTM           ? 
_citation.country                   NE 
_citation.journal_id_ISSN           1345-711X 
_citation.journal_id_CSD            ? 
_citation.book_publisher            ? 
_citation.pdbx_database_id_PubMed   20419351 
_citation.pdbx_database_id_DOI      10.1007/S10969-010-9090-Y 
# 
loop_
_citation_author.citation_id 
_citation_author.name 
_citation_author.ordinal 
_citation_author.identifier_ORCID 
primary 'Oke, M.'             1  ? 
primary 'Carter, L.G.'        2  ? 
primary 'Johnson, K.A.'       3  ? 
primary 'Liu, H.'             4  ? 
primary 'Mcmahon, S.A.'       5  ? 
primary 'Yan, X.'             6  ? 
primary 'Kerou, M.'           7  ? 
primary 'Weikart, N.D.'       8  ? 
primary 'Kadi, N.'            9  ? 
primary 'Sheikh, M.A.'        10 ? 
primary 'Schmelz, S.'         11 ? 
primary 'Dorward, M.'         12 ? 
primary 'Zawadzki, M.'        13 ? 
primary 'Cozens, C.'          14 ? 
primary 'Falconer, H.'        15 ? 
primary 'Powers, H.'          16 ? 
primary 'Overton, I.M.'       17 ? 
primary 'Van Niekerk, C.A.J.' 18 ? 
primary 'Peng, X.'            19 ? 
primary 'Patel, P.'           20 ? 
primary 'Garrett, R.A.'       21 ? 
primary 'Prangishvili, D.'    22 ? 
primary 'Botting, C.H.'       23 ? 
primary 'Coote, P.J.'         24 ? 
primary 'Dryden, D.T.F.'      25 ? 
primary 'Barton, G.J.'        26 ? 
primary 'Schwarz-Linek, U.'   27 ? 
primary 'Challis, G.L.'       28 ? 
primary 'Taylor, G.L.'        29 ? 
primary 'White, M.F.'         30 ? 
primary 'Naismith, J.H.'      31 ? 
# 
loop_
_entity.id 
_entity.type 
_entity.src_method 
_entity.pdbx_description 
_entity.formula_weight 
_entity.pdbx_number_of_molecules 
_entity.pdbx_ec 
_entity.pdbx_mutation 
_entity.pdbx_fragment 
_entity.details 
1 polymer     man 'ORF 131'      11096.696 1  ? YES 'TRUNCATED VERSION, RESIDUES 1-96' ? 
2 non-polymer syn 'CHLORIDE ION' 35.453    3  ? ?   ?                                  ? 
3 non-polymer syn 'MALONATE ION' 102.046   2  ? ?   ?                                  ? 
4 water       nat water          18.015    27 ? ?   ?                                  ? 
# 
_entity_name_com.entity_id   1 
_entity_name_com.name        'UNCHARACTERIZED PROTEIN 131, CAG38830' 
# 
_entity_poly.entity_id                      1 
_entity_poly.type                           'polypeptide(L)' 
_entity_poly.nstd_linkage                   no 
_entity_poly.nstd_monomer                   yes 
_entity_poly.pdbx_seq_one_letter_code       
;GASLKEIIDELGKQAKEQNKIASRILKIKGIKRIVVQLNAVPQDGKIRYS(MSE)TIHSQNNFRKQIGITPQDAEDLKLI
AEFLEKYSDFLNEYVKFTPR
;
_entity_poly.pdbx_seq_one_letter_code_can   
;GASLKEIIDELGKQAKEQNKIASRILKIKGIKRIVVQLNAVPQDGKIRYSMTIHSQNNFRKQIGITPQDAEDLKLIAEFL
EKYSDFLNEYVKFTPR
;
_entity_poly.pdbx_strand_id                 A 
_entity_poly.pdbx_target_identifier         ? 
# 
loop_
_pdbx_entity_nonpoly.entity_id 
_pdbx_entity_nonpoly.name 
_pdbx_entity_nonpoly.comp_id 
2 'CHLORIDE ION' CL  
3 'MALONATE ION' MLI 
4 water          HOH 
# 
loop_
_entity_poly_seq.entity_id 
_entity_poly_seq.num 
_entity_poly_seq.mon_id 
_entity_poly_seq.hetero 
1 1  GLY n 
1 2  ALA n 
1 3  SER n 
1 4  LEU n 
1 5  LYS n 
1 6  GLU n 
1 7  ILE n 
1 8  ILE n 
1 9  ASP n 
1 10 GLU n 
1 11 LEU n 
1 12 GLY n 
1 13 LYS n 
1 14 GLN n 
1 15 ALA n 
1 16 LYS n 
1 17 GLU n 
1 18 GLN n 
1 19 ASN n 
1 20 LYS n 
1 21 ILE n 
1 22 ALA n 
1 23 SER n 
1 24 ARG n 
1 25 ILE n 
1 26 LEU n 
1 27 LYS n 
1 28 ILE n 
1 29 LYS n 
1 30 GLY n 
1 31 ILE n 
1 32 LYS n 
1 33 ARG n 
1 34 ILE n 
1 35 VAL n 
1 36 VAL n 
1 37 GLN n 
1 38 LEU n 
1 39 ASN n 
1 40 ALA n 
1 41 VAL n 
1 42 PRO n 
1 43 GLN n 
1 44 ASP n 
1 45 GLY n 
1 46 LYS n 
1 47 ILE n 
1 48 ARG n 
1 49 TYR n 
1 50 SER n 
1 51 MSE n 
1 52 THR n 
1 53 ILE n 
1 54 HIS n 
1 55 SER n 
1 56 GLN n 
1 57 ASN n 
1 58 ASN n 
1 59 PHE n 
1 60 ARG n 
1 61 LYS n 
1 62 GLN n 
1 63 ILE n 
1 64 GLY n 
1 65 ILE n 
1 66 THR n 
1 67 PRO n 
1 68 GLN n 
1 69 ASP n 
1 70 ALA n 
1 71 GLU n 
1 72 ASP n 
1 73 LEU n 
1 74 LYS n 
1 75 LEU n 
1 76 ILE n 
1 77 ALA n 
1 78 GLU n 
1 79 PHE n 
1 80 LEU n 
1 81 GLU n 
1 82 LYS n 
1 83 TYR n 
1 84 SER n 
1 85 ASP n 
1 86 PHE n 
1 87 LEU n 
1 88 ASN n 
1 89 GLU n 
1 90 TYR n 
1 91 VAL n 
1 92 LYS n 
1 93 PHE n 
1 94 THR n 
1 95 PRO n 
1 96 ARG n 
# 
_entity_src_gen.entity_id                          1 
_entity_src_gen.pdbx_src_id                        1 
_entity_src_gen.pdbx_alt_source_flag               sample 
_entity_src_gen.pdbx_seq_type                      ? 
_entity_src_gen.pdbx_beg_seq_num                   ? 
_entity_src_gen.pdbx_end_seq_num                   ? 
_entity_src_gen.gene_src_common_name               ? 
_entity_src_gen.gene_src_genus                     ? 
_entity_src_gen.pdbx_gene_src_gene                 ? 
_entity_src_gen.gene_src_species                   ? 
_entity_src_gen.gene_src_strain                    ? 
_entity_src_gen.gene_src_tissue                    ? 
_entity_src_gen.gene_src_tissue_fraction           ? 
_entity_src_gen.gene_src_details                   ? 
_entity_src_gen.pdbx_gene_src_fragment             ? 
_entity_src_gen.pdbx_gene_src_scientific_name      'SULFOLOBUS ISLANDICUS RUDIVIRUS 1' 
_entity_src_gen.pdbx_gene_src_ncbi_taxonomy_id     282066 
_entity_src_gen.pdbx_gene_src_variant              XX 
_entity_src_gen.pdbx_gene_src_cell_line            ? 
_entity_src_gen.pdbx_gene_src_atcc                 ? 
_entity_src_gen.pdbx_gene_src_organ                ? 
_entity_src_gen.pdbx_gene_src_organelle            ? 
_entity_src_gen.pdbx_gene_src_cell                 ? 
_entity_src_gen.pdbx_gene_src_cellular_location    ? 
_entity_src_gen.host_org_common_name               ? 
_entity_src_gen.pdbx_host_org_scientific_name      'ESCHERICHIA COLI' 
_entity_src_gen.pdbx_host_org_ncbi_taxonomy_id     511693 
_entity_src_gen.host_org_genus                     ? 
_entity_src_gen.pdbx_host_org_gene                 ? 
_entity_src_gen.pdbx_host_org_organ                ? 
_entity_src_gen.host_org_species                   ? 
_entity_src_gen.pdbx_host_org_tissue               ? 
_entity_src_gen.pdbx_host_org_tissue_fraction      ? 
_entity_src_gen.pdbx_host_org_strain               ? 
_entity_src_gen.pdbx_host_org_variant              BL21 
_entity_src_gen.pdbx_host_org_cell_line            ? 
_entity_src_gen.pdbx_host_org_atcc                 ? 
_entity_src_gen.pdbx_host_org_culture_collection   ? 
_entity_src_gen.pdbx_host_org_cell                 ? 
_entity_src_gen.pdbx_host_org_organelle            ? 
_entity_src_gen.pdbx_host_org_cellular_location    ? 
_entity_src_gen.pdbx_host_org_vector_type          ? 
_entity_src_gen.pdbx_host_org_vector               ? 
_entity_src_gen.host_org_details                   ? 
_entity_src_gen.expression_system_id               ? 
_entity_src_gen.plasmid_name                       PDEST14 
_entity_src_gen.plasmid_details                    ? 
_entity_src_gen.pdbx_description                   ? 
# 
loop_
_chem_comp.id 
_chem_comp.type 
_chem_comp.mon_nstd_flag 
_chem_comp.name 
_chem_comp.pdbx_synonyms 
_chem_comp.formula 
_chem_comp.formula_weight 
ALA 'L-peptide linking' y ALANINE          ? 'C3 H7 N O2'     89.093  
ARG 'L-peptide linking' y ARGININE         ? 'C6 H15 N4 O2 1' 175.209 
ASN 'L-peptide linking' y ASPARAGINE       ? 'C4 H8 N2 O3'    132.118 
ASP 'L-peptide linking' y 'ASPARTIC ACID'  ? 'C4 H7 N O4'     133.103 
CL  non-polymer         . 'CHLORIDE ION'   ? 'Cl -1'          35.453  
GLN 'L-peptide linking' y GLUTAMINE        ? 'C5 H10 N2 O3'   146.144 
GLU 'L-peptide linking' y 'GLUTAMIC ACID'  ? 'C5 H9 N O4'     147.129 
GLY 'peptide linking'   y GLYCINE          ? 'C2 H5 N O2'     75.067  
HIS 'L-peptide linking' y HISTIDINE        ? 'C6 H10 N3 O2 1' 156.162 
HOH non-polymer         . WATER            ? 'H2 O'           18.015  
ILE 'L-peptide linking' y ISOLEUCINE       ? 'C6 H13 N O2'    131.173 
LEU 'L-peptide linking' y LEUCINE          ? 'C6 H13 N O2'    131.173 
LYS 'L-peptide linking' y LYSINE           ? 'C6 H15 N2 O2 1' 147.195 
MLI non-polymer         . 'MALONATE ION'   ? 'C3 H2 O4 -2'    102.046 
MSE 'L-peptide linking' n SELENOMETHIONINE ? 'C5 H11 N O2 Se' 196.106 
PHE 'L-peptide linking' y PHENYLALANINE    ? 'C9 H11 N O2'    165.189 
PRO 'L-peptide linking' y PROLINE          ? 'C5 H9 N O2'     115.130 
SER 'L-peptide linking' y SERINE           ? 'C3 H7 N O3'     105.093 
THR 'L-peptide linking' y THREONINE        ? 'C4 H9 N O3'     119.119 
TYR 'L-peptide linking' y TYROSINE         ? 'C9 H11 N O3'    181.189 
VAL 'L-peptide linking' y VALINE           ? 'C5 H11 N O2'    117.146 
# 
loop_
_pdbx_poly_seq_scheme.asym_id 
_pdbx_poly_seq_scheme.entity_id 
_pdbx_poly_seq_scheme.seq_id 
_pdbx_poly_seq_scheme.mon_id 
_pdbx_poly_seq_scheme.ndb_seq_num 
_pdbx_poly_seq_scheme.pdb_seq_num 
_pdbx_poly_seq_scheme.auth_seq_num 
_pdbx_poly_seq_scheme.pdb_mon_id 
_pdbx_poly_seq_scheme.auth_mon_id 
_pdbx_poly_seq_scheme.pdb_strand_id 
_pdbx_poly_seq_scheme.pdb_ins_code 
_pdbx_poly_seq_scheme.hetero 
A 1 1  GLY 1  1  ?  ?   ?   A . n 
A 1 2  ALA 2  2  2  ALA ALA A . n 
A 1 3  SER 3  3  3  SER SER A . n 
A 1 4  LEU 4  4  4  LEU LEU A . n 
A 1 5  LYS 5  5  5  LYS LYS A . n 
A 1 6  GLU 6  6  6  GLU GLU A . n 
A 1 7  ILE 7  7  7  ILE ILE A . n 
A 1 8  ILE 8  8  8  ILE ILE A . n 
A 1 9  ASP 9  9  9  ASP ASP A . n 
A 1 10 GLU 10 10 10 GLU GLU A . n 
A 1 11 LEU 11 11 11 LEU LEU A . n 
A 1 12 GLY 12 12 12 GLY GLY A . n 
A 1 13 LYS 13 13 13 LYS LYS A . n 
A 1 14 GLN 14 14 14 GLN GLN A . n 
A 1 15 ALA 15 15 15 ALA ALA A . n 
A 1 16 LYS 16 16 16 LYS LYS A . n 
A 1 17 GLU 17 17 17 GLU GLU A . n 
A 1 18 GLN 18 18 18 GLN GLN A . n 
A 1 19 ASN 19 19 19 ASN ASN A . n 
A 1 20 LYS 20 20 20 LYS LYS A . n 
A 1 21 ILE 21 21 21 ILE ILE A . n 
A 1 22 ALA 22 22 22 ALA ALA A . n 
A 1 23 SER 23 23 23 SER SER A . n 
A 1 24 ARG 24 24 24 ARG ARG A . n 
A 1 25 ILE 25 25 25 ILE ILE A . n 
A 1 26 LEU 26 26 26 LEU LEU A . n 
A 1 27 LYS 27 27 27 LYS LYS A . n 
A 1 28 ILE 28 28 28 ILE ILE A . n 
A 1 29 LYS 29 29 29 LYS LYS A . n 
A 1 30 GLY 30 30 30 GLY GLY A . n 
A 1 31 ILE 31 31 31 ILE ILE A . n 
A 1 32 LYS 32 32 32 LYS LYS A . n 
A 1 33 ARG 33 33 33 ARG ARG A . n 
A 1 34 ILE 34 34 34 ILE ILE A . n 
A 1 35 VAL 35 35 35 VAL VAL A . n 
A 1 36 VAL 36 36 36 VAL VAL A . n 
A 1 37 GLN 37 37 37 GLN GLN A . n 
A 1 38 LEU 38 38 38 LEU LEU A . n 
A 1 39 ASN 39 39 39 ASN ASN A . n 
A 1 40 ALA 40 40 40 ALA ALA A . n 
A 1 41 VAL 41 41 41 VAL VAL A . n 
A 1 42 PRO 42 42 42 PRO PRO A . n 
A 1 43 GLN 43 43 ?  ?   ?   A . n 
A 1 44 ASP 44 44 ?  ?   ?   A . n 
A 1 45 GLY 45 45 ?  ?   ?   A . n 
A 1 46 LYS 46 46 46 LYS LYS A . n 
A 1 47 ILE 47 47 47 ILE ILE A . n 
A 1 48 ARG 48 48 48 ARG ARG A . n 
A 1 49 TYR 49 49 49 TYR TYR A . n 
A 1 50 SER 50 50 50 SER SER A . n 
A 1 51 MSE 51 51 51 MSE MSE A . n 
A 1 52 THR 52 52 52 THR THR A . n 
A 1 53 ILE 53 53 53 ILE ILE A . n 
A 1 54 HIS 54 54 54 HIS HIS A . n 
A 1 55 SER 55 55 55 SER SER A . n 
A 1 56 GLN 56 56 56 GLN GLN A . n 
A 1 57 ASN 57 57 57 ASN ASN A . n 
A 1 58 ASN 58 58 58 ASN ASN A . n 
A 1 59 PHE 59 59 59 PHE PHE A . n 
A 1 60 ARG 60 60 60 ARG ARG A . n 
A 1 61 LYS 61 61 61 LYS LYS A . n 
A 1 62 GLN 62 62 62 GLN GLN A . n 
A 1 63 ILE 63 63 63 ILE ILE A . n 
A 1 64 GLY 64 64 64 GLY GLY A . n 
A 1 65 ILE 65 65 65 ILE ILE A . n 
A 1 66 THR 66 66 66 THR THR A . n 
A 1 67 PRO 67 67 67 PRO PRO A . n 
A 1 68 GLN 68 68 68 GLN GLN A . n 
A 1 69 ASP 69 69 69 ASP ASP A . n 
A 1 70 ALA 70 70 70 ALA ALA A . n 
A 1 71 GLU 71 71 71 GLU GLU A . n 
A 1 72 ASP 72 72 72 ASP ASP A . n 
A 1 73 LEU 73 73 73 LEU LEU A . n 
A 1 74 LYS 74 74 74 LYS LYS A . n 
A 1 75 LEU 75 75 75 LEU LEU A . n 
A 1 76 ILE 76 76 76 ILE ILE A . n 
A 1 77 ALA 77 77 77 ALA ALA A . n 
A 1 78 GLU 78 78 78 GLU GLU A . n 
A 1 79 PHE 79 79 79 PHE PHE A . n 
A 1 80 LEU 80 80 80 LEU LEU A . n 
A 1 81 GLU 81 81 81 GLU GLU A . n 
A 1 82 LYS 82 82 82 LYS LYS A . n 
A 1 83 TYR 83 83 83 TYR TYR A . n 
A 1 84 SER 84 84 84 SER SER A . n 
A 1 85 ASP 85 85 85 ASP ASP A . n 
A 1 86 PHE 86 86 86 PHE PHE A . n 
A 1 87 LEU 87 87 87 LEU LEU A . n 
A 1 88 ASN 88 88 88 ASN ASN A . n 
A 1 89 GLU 89 89 89 GLU GLU A . n 
A 1 90 TYR 90 90 90 TYR TYR A . n 
A 1 91 VAL 91 91 91 VAL VAL A . n 
A 1 92 LYS 92 92 92 LYS LYS A . n 
A 1 93 PHE 93 93 93 PHE PHE A . n 
A 1 94 THR 94 94 94 THR THR A . n 
A 1 95 PRO 95 95 95 PRO PRO A . n 
A 1 96 ARG 96 96 ?  ?   ?   A . n 
# 
loop_
_pdbx_nonpoly_scheme.asym_id 
_pdbx_nonpoly_scheme.entity_id 
_pdbx_nonpoly_scheme.mon_id 
_pdbx_nonpoly_scheme.ndb_seq_num 
_pdbx_nonpoly_scheme.pdb_seq_num 
_pdbx_nonpoly_scheme.auth_seq_num 
_pdbx_nonpoly_scheme.pdb_mon_id 
_pdbx_nonpoly_scheme.auth_mon_id 
_pdbx_nonpoly_scheme.pdb_strand_id 
_pdbx_nonpoly_scheme.pdb_ins_code 
B 2 CL  1  1096 1096 CL  CL  A . 
C 2 CL  1  1097 1097 CL  CL  A . 
D 2 CL  1  1098 1098 CL  CL  A . 
E 3 MLI 1  1099 1099 MLI MLI A . 
F 3 MLI 1  1100 1100 MLI MLI A . 
G 4 HOH 1  2001 2001 HOH HOH A . 
G 4 HOH 2  2002 2002 HOH HOH A . 
G 4 HOH 3  2003 2003 HOH HOH A . 
G 4 HOH 4  2004 2004 HOH HOH A . 
G 4 HOH 5  2005 2005 HOH HOH A . 
G 4 HOH 6  2006 2006 HOH HOH A . 
G 4 HOH 7  2007 2007 HOH HOH A . 
G 4 HOH 8  2008 2008 HOH HOH A . 
G 4 HOH 9  2009 2009 HOH HOH A . 
G 4 HOH 10 2010 2010 HOH HOH A . 
G 4 HOH 11 2011 2011 HOH HOH A . 
G 4 HOH 12 2012 2012 HOH HOH A . 
G 4 HOH 13 2013 2013 HOH HOH A . 
G 4 HOH 14 2014 2014 HOH HOH A . 
G 4 HOH 15 2015 2015 HOH HOH A . 
G 4 HOH 16 2016 2016 HOH HOH A . 
G 4 HOH 17 2017 2017 HOH HOH A . 
G 4 HOH 18 2018 2018 HOH HOH A . 
G 4 HOH 19 2019 2019 HOH HOH A . 
G 4 HOH 20 2020 2020 HOH HOH A . 
G 4 HOH 21 2021 2021 HOH HOH A . 
G 4 HOH 22 2022 2022 HOH HOH A . 
G 4 HOH 23 2023 2023 HOH HOH A . 
G 4 HOH 24 2024 2024 HOH HOH A . 
G 4 HOH 25 2025 2025 HOH HOH A . 
G 4 HOH 26 2026 2026 HOH HOH A . 
G 4 HOH 27 2027 2027 HOH HOH A . 
# 
loop_
_software.name 
_software.classification 
_software.version 
_software.citation_id 
_software.pdbx_ordinal 
_software.date 
_software.type 
_software.location 
_software.language 
PHENIX  refinement       '(PHENIX.REFINE)' ? 1 ? ? ? ? 
MOSFLM  'data reduction' .                 ? 2 ? ? ? ? 
SCALA   'data scaling'   .                 ? 3 ? ? ? ? 
SHELXDE phasing          .                 ? 4 ? ? ? ? 
SOLVE   phasing          .                 ? 5 ? ? ? ? 
RESOLVE phasing          .                 ? 6 ? ? ? ? 
# 
_cell.entry_id           2X5G 
_cell.length_a           58.453 
_cell.length_b           58.453 
_cell.length_c           68.113 
_cell.angle_alpha        90.00 
_cell.angle_beta         90.00 
_cell.angle_gamma        120.00 
_cell.Z_PDB              6 
_cell.pdbx_unique_axis   ? 
# 
_symmetry.entry_id                         2X5G 
_symmetry.space_group_name_H-M             'P 31 2 1' 
_symmetry.pdbx_full_space_group_name_H-M   ? 
_symmetry.cell_setting                     ? 
_symmetry.Int_Tables_number                152 
# 
_exptl.entry_id          2X5G 
_exptl.method            'X-RAY DIFFRACTION' 
_exptl.crystals_number   1 
# 
_exptl_crystal.id                    1 
_exptl_crystal.density_meas          ? 
_exptl_crystal.density_Matthews      3.2 
_exptl_crystal.density_percent_sol   60 
_exptl_crystal.description           NONE 
_exptl_crystal.preparation           ? 
# 
_exptl_crystal_grow.crystal_id      1 
_exptl_crystal_grow.method          ? 
_exptl_crystal_grow.temp            ? 
_exptl_crystal_grow.temp_details    ? 
_exptl_crystal_grow.pH              ? 
_exptl_crystal_grow.pdbx_pH_range   ? 
_exptl_crystal_grow.pdbx_details    '2.1 M SODIUM MALONATE AND CRYOPROTECTED WITH 2.4 M MALONATE' 
# 
_diffrn.id                     1 
_diffrn.ambient_temp           100 
_diffrn.ambient_temp_details   ? 
_diffrn.crystal_id             1 
# 
_diffrn_detector.diffrn_id              1 
_diffrn_detector.detector               'IMAGE PLATE' 
_diffrn_detector.type                   MARRESEARCH 
_diffrn_detector.pdbx_collection_date   2006-09-10 
_diffrn_detector.details                MIRRORS 
# 
_diffrn_radiation.diffrn_id                        1 
_diffrn_radiation.wavelength_id                    1 
_diffrn_radiation.pdbx_monochromatic_or_laue_m_l   M 
_diffrn_radiation.monochromator                    'SI(111)' 
_diffrn_radiation.pdbx_diffrn_protocol             MAD 
_diffrn_radiation.pdbx_scattering_type             x-ray 
# 
_diffrn_radiation_wavelength.id           1 
_diffrn_radiation_wavelength.wavelength   0.6 
_diffrn_radiation_wavelength.wt           1.0 
# 
_diffrn_source.diffrn_id                   1 
_diffrn_source.source                      SYNCHROTRON 
_diffrn_source.type                        'ESRF BEAMLINE BM14' 
_diffrn_source.pdbx_synchrotron_site       ESRF 
_diffrn_source.pdbx_synchrotron_beamline   BM14 
_diffrn_source.pdbx_wavelength             0.6 
_diffrn_source.pdbx_wavelength_list        ? 
# 
_reflns.pdbx_diffrn_id               1 
_reflns.pdbx_ordinal                 1 
_reflns.entry_id                     2X5G 
_reflns.observed_criterion_sigma_I   0.0 
_reflns.observed_criterion_sigma_F   ? 
_reflns.d_resolution_low             25.31 
_reflns.d_resolution_high            2.00 
_reflns.number_obs                   9346 
_reflns.number_all                   ? 
_reflns.percent_possible_obs         99.0 
_reflns.pdbx_Rmerge_I_obs            0.04 
_reflns.pdbx_Rsym_value              ? 
_reflns.pdbx_netI_over_sigmaI        20.90 
_reflns.B_iso_Wilson_estimate        0 
_reflns.pdbx_redundancy              3.6 
# 
_reflns_shell.pdbx_diffrn_id         1 
_reflns_shell.pdbx_ordinal           1 
_reflns_shell.d_res_high             2.00 
_reflns_shell.d_res_low              2.10 
_reflns_shell.percent_possible_all   92.0 
_reflns_shell.Rmerge_I_obs           0.41 
_reflns_shell.pdbx_Rsym_value        ? 
_reflns_shell.meanI_over_sigI_obs    1.70 
_reflns_shell.pdbx_redundancy        2.0 
# 
_refine.pdbx_refine_id                           'X-RAY DIFFRACTION' 
_refine.entry_id                                 2X5G 
_refine.pdbx_diffrn_id                           1 
_refine.pdbx_TLS_residual_ADP_flag               ? 
_refine.ls_number_reflns_obs                     9346 
_refine.ls_number_reflns_all                     ? 
_refine.pdbx_ls_sigma_I                          ? 
_refine.pdbx_ls_sigma_F                          1.36 
_refine.pdbx_data_cutoff_high_absF               ? 
_refine.pdbx_data_cutoff_low_absF                ? 
_refine.pdbx_data_cutoff_high_rms_absF           ? 
_refine.ls_d_res_low                             25.311 
_refine.ls_d_res_high                            2.00 
_refine.ls_percent_reflns_obs                    98.83 
_refine.ls_R_factor_obs                          0.2123 
_refine.ls_R_factor_all                          ? 
_refine.ls_R_factor_R_work                       0.2104 
_refine.ls_R_factor_R_free                       0.2489 
_refine.ls_R_factor_R_free_error                 ? 
_refine.ls_R_factor_R_free_error_details         ? 
_refine.ls_percent_reflns_R_free                 4.9 
_refine.ls_number_reflns_R_free                  457 
_refine.ls_number_parameters                     ? 
_refine.ls_number_restraints                     ? 
_refine.occupancy_min                            ? 
_refine.occupancy_max                            ? 
_refine.correlation_coeff_Fo_to_Fc               ? 
_refine.correlation_coeff_Fo_to_Fc_free          ? 
_refine.B_iso_mean                               ? 
_refine.aniso_B[1][1]                            1.2218 
_refine.aniso_B[2][2]                            1.2218 
_refine.aniso_B[3][3]                            -2.4437 
_refine.aniso_B[1][2]                            -0.0000 
_refine.aniso_B[1][3]                            -0.0000 
_refine.aniso_B[2][3]                            0.0000 
_refine.solvent_model_details                    'FLAT BULK SOLVENT MODEL' 
_refine.solvent_model_param_ksol                 0.441 
_refine.solvent_model_param_bsol                 54.997 
_refine.pdbx_solvent_vdw_probe_radii             1.11 
_refine.pdbx_solvent_ion_probe_radii             ? 
_refine.pdbx_solvent_shrinkage_radii             0.90 
_refine.pdbx_ls_cross_valid_method               ? 
_refine.details                                  ? 
_refine.pdbx_starting_model                      NONE 
_refine.pdbx_method_to_determine_struct          MAD 
_refine.pdbx_isotropic_thermal_model             ? 
_refine.pdbx_stereochemistry_target_values       ML 
_refine.pdbx_stereochem_target_val_spec_case     ? 
_refine.pdbx_R_Free_selection_details            ? 
_refine.pdbx_overall_ESU_R                       ? 
_refine.pdbx_overall_ESU_R_Free                  ? 
_refine.overall_SU_ML                            0.26 
_refine.pdbx_overall_phase_error                 27.56 
_refine.overall_SU_B                             ? 
_refine.overall_SU_R_Cruickshank_DPI             ? 
_refine.pdbx_overall_SU_R_free_Cruickshank_DPI   ? 
_refine.pdbx_overall_SU_R_Blow_DPI               ? 
_refine.pdbx_overall_SU_R_free_Blow_DPI          ? 
# 
_refine_hist.pdbx_refine_id                   'X-RAY DIFFRACTION' 
_refine_hist.cycle_id                         LAST 
_refine_hist.pdbx_number_atoms_protein        741 
_refine_hist.pdbx_number_atoms_nucleic_acid   0 
_refine_hist.pdbx_number_atoms_ligand         17 
_refine_hist.number_atoms_solvent             27 
_refine_hist.number_atoms_total               785 
_refine_hist.d_res_high                       2.00 
_refine_hist.d_res_low                        25.311 
# 
loop_
_refine_ls_restr.type 
_refine_ls_restr.dev_ideal 
_refine_ls_restr.dev_ideal_target 
_refine_ls_restr.weight 
_refine_ls_restr.number 
_refine_ls_restr.pdbx_refine_id 
_refine_ls_restr.pdbx_restraint_function 
f_bond_d           0.018  ? ? 791  'X-RAY DIFFRACTION' ? 
f_angle_d          1.741  ? ? 1061 'X-RAY DIFFRACTION' ? 
f_dihedral_angle_d 18.056 ? ? 322  'X-RAY DIFFRACTION' ? 
f_chiral_restr     0.100  ? ? 120  'X-RAY DIFFRACTION' ? 
f_plane_restr      0.018  ? ? 136  'X-RAY DIFFRACTION' ? 
# 
loop_
_refine_ls_shell.pdbx_refine_id 
_refine_ls_shell.pdbx_total_number_of_bins_used 
_refine_ls_shell.d_res_high 
_refine_ls_shell.d_res_low 
_refine_ls_shell.number_reflns_R_work 
_refine_ls_shell.R_factor_R_work 
_refine_ls_shell.percent_reflns_obs 
_refine_ls_shell.R_factor_R_free 
_refine_ls_shell.R_factor_R_free_error 
_refine_ls_shell.percent_reflns_R_free 
_refine_ls_shell.number_reflns_R_free 
_refine_ls_shell.number_reflns_all 
_refine_ls_shell.R_factor_all 
'X-RAY DIFFRACTION' . 2.0002 2.2895  2886 0.2548 98.00  0.3545 . . 141 . . 
'X-RAY DIFFRACTION' . 2.2895 2.8838  2959 0.2057 100.00 0.2716 . . 157 . . 
'X-RAY DIFFRACTION' . 2.8838 25.3129 3044 0.2012 99.00  0.2229 . . 159 . . 
# 
_struct.entry_id                  2X5G 
_struct.title                     'Crystal structure of the ORF131L51M mutant from Sulfolobus islandicus rudivirus 1' 
_struct.pdbx_model_details        ? 
_struct.pdbx_CASP_flag            ? 
_struct.pdbx_model_type_details   ? 
# 
_struct_keywords.entry_id        2X5G 
_struct_keywords.pdbx_keywords   'VIRAL PROTEIN' 
_struct_keywords.text            'VIRAL PROTEIN' 
# 
loop_
_struct_asym.id 
_struct_asym.pdbx_blank_PDB_chainid_flag 
_struct_asym.pdbx_modified 
_struct_asym.entity_id 
_struct_asym.details 
A N N 1 ? 
B N N 2 ? 
C N N 2 ? 
D N N 2 ? 
E N N 3 ? 
F N N 3 ? 
G N N 4 ? 
# 
_struct_ref.id                         1 
_struct_ref.db_name                    UNP 
_struct_ref.db_code                    Y131_SIRV1 
_struct_ref.entity_id                  1 
_struct_ref.pdbx_seq_one_letter_code   ? 
_struct_ref.pdbx_align_begin           ? 
_struct_ref.pdbx_db_accession          Q8QL44 
_struct_ref.pdbx_db_isoform            ? 
# 
_struct_ref_seq.align_id                      1 
_struct_ref_seq.ref_id                        1 
_struct_ref_seq.pdbx_PDB_id_code              2X5G 
_struct_ref_seq.pdbx_strand_id                A 
_struct_ref_seq.seq_align_beg                 1 
_struct_ref_seq.pdbx_seq_align_beg_ins_code   ? 
_struct_ref_seq.seq_align_end                 96 
_struct_ref_seq.pdbx_seq_align_end_ins_code   ? 
_struct_ref_seq.pdbx_db_accession             Q8QL44 
_struct_ref_seq.db_align_beg                  1 
_struct_ref_seq.pdbx_db_align_beg_ins_code    ? 
_struct_ref_seq.db_align_end                  96 
_struct_ref_seq.pdbx_db_align_end_ins_code    ? 
_struct_ref_seq.pdbx_auth_seq_align_beg       1 
_struct_ref_seq.pdbx_auth_seq_align_end       96 
# 
_struct_ref_seq_dif.align_id                     1 
_struct_ref_seq_dif.pdbx_pdb_id_code             2X5G 
_struct_ref_seq_dif.mon_id                       MSE 
_struct_ref_seq_dif.pdbx_pdb_strand_id           A 
_struct_ref_seq_dif.seq_num                      51 
_struct_ref_seq_dif.pdbx_pdb_ins_code            ? 
_struct_ref_seq_dif.pdbx_seq_db_name             UNP 
_struct_ref_seq_dif.pdbx_seq_db_accession_code   Q8QL44 
_struct_ref_seq_dif.db_mon_id                    LEU 
_struct_ref_seq_dif.pdbx_seq_db_seq_num          51 
_struct_ref_seq_dif.details                      'engineered mutation' 
_struct_ref_seq_dif.pdbx_auth_seq_num            51 
_struct_ref_seq_dif.pdbx_ordinal                 1 
# 
_pdbx_struct_assembly.id                   1 
_pdbx_struct_assembly.details              author_and_software_defined_assembly 
_pdbx_struct_assembly.method_details       PISA 
_pdbx_struct_assembly.oligomeric_details   dimeric 
_pdbx_struct_assembly.oligomeric_count     2 
# 
loop_
_pdbx_struct_assembly_prop.biol_id 
_pdbx_struct_assembly_prop.type 
_pdbx_struct_assembly_prop.value 
_pdbx_struct_assembly_prop.details 
1 'ABSA (A^2)' 3250  ? 
1 MORE         -76.1 ? 
1 'SSA (A^2)'  11480 ? 
# 
_pdbx_struct_assembly_gen.assembly_id       1 
_pdbx_struct_assembly_gen.oper_expression   1,2 
_pdbx_struct_assembly_gen.asym_id_list      A,B,C,D,E,F,G 
# 
loop_
_pdbx_struct_oper_list.id 
_pdbx_struct_oper_list.type 
_pdbx_struct_oper_list.name 
_pdbx_struct_oper_list.symmetry_operation 
_pdbx_struct_oper_list.matrix[1][1] 
_pdbx_struct_oper_list.matrix[1][2] 
_pdbx_struct_oper_list.matrix[1][3] 
_pdbx_struct_oper_list.vector[1] 
_pdbx_struct_oper_list.matrix[2][1] 
_pdbx_struct_oper_list.matrix[2][2] 
_pdbx_struct_oper_list.matrix[2][3] 
_pdbx_struct_oper_list.vector[2] 
_pdbx_struct_oper_list.matrix[3][1] 
_pdbx_struct_oper_list.matrix[3][2] 
_pdbx_struct_oper_list.matrix[3][3] 
_pdbx_struct_oper_list.vector[3] 
1 'identity operation'         1_555 x,y,z              1.0000000000 0.0000000000 0.0000000000  0.0000000000   0.0000000000 1.0000000000  0.0000000000  0.0000000000 0.0000000000  0.0000000000  1.0000000000  0.0000000000   
2 'crystal symmetry operation' 6_765 -x+2,-x+y+1,-z+1/3 0.5451042872 0.1578509212 -0.8233737928 -10.2580819056 0.1578509212 -0.9838736366 -0.0841175012 6.1720127267 -0.8233737928 -0.0841175012 -0.5612306507 -18.0665799246 
# 
loop_
_struct_conf.conf_type_id 
_struct_conf.id 
_struct_conf.pdbx_PDB_helix_id 
_struct_conf.beg_label_comp_id 
_struct_conf.beg_label_asym_id 
_struct_conf.beg_label_seq_id 
_struct_conf.pdbx_beg_PDB_ins_code 
_struct_conf.end_label_comp_id 
_struct_conf.end_label_asym_id 
_struct_conf.end_label_seq_id 
_struct_conf.pdbx_end_PDB_ins_code 
_struct_conf.beg_auth_comp_id 
_struct_conf.beg_auth_asym_id 
_struct_conf.beg_auth_seq_id 
_struct_conf.end_auth_comp_id 
_struct_conf.end_auth_asym_id 
_struct_conf.end_auth_seq_id 
_struct_conf.pdbx_PDB_helix_class 
_struct_conf.details 
_struct_conf.pdbx_PDB_helix_length 
HELX_P HELX_P1 1 SER A 3  ? ASN A 19 ? SER A 3  ASN A 19 1 ? 17 
HELX_P HELX_P2 2 THR A 66 ? GLN A 68 ? THR A 66 GLN A 68 5 ? 3  
HELX_P HELX_P3 3 ASP A 69 ? VAL A 91 ? ASP A 69 VAL A 91 1 ? 23 
# 
_struct_conf_type.id          HELX_P 
_struct_conf_type.criteria    ? 
_struct_conf_type.reference   ? 
# 
loop_
_struct_conn.id 
_struct_conn.conn_type_id 
_struct_conn.pdbx_leaving_atom_flag 
_struct_conn.pdbx_PDB_id 
_struct_conn.ptnr1_label_asym_id 
_struct_conn.ptnr1_label_comp_id 
_struct_conn.ptnr1_label_seq_id 
_struct_conn.ptnr1_label_atom_id 
_struct_conn.pdbx_ptnr1_label_alt_id 
_struct_conn.pdbx_ptnr1_PDB_ins_code 
_struct_conn.pdbx_ptnr1_standard_comp_id 
_struct_conn.ptnr1_symmetry 
_struct_conn.ptnr2_label_asym_id 
_struct_conn.ptnr2_label_comp_id 
_struct_conn.ptnr2_label_seq_id 
_struct_conn.ptnr2_label_atom_id 
_struct_conn.pdbx_ptnr2_label_alt_id 
_struct_conn.pdbx_ptnr2_PDB_ins_code 
_struct_conn.ptnr1_auth_asym_id 
_struct_conn.ptnr1_auth_comp_id 
_struct_conn.ptnr1_auth_seq_id 
_struct_conn.ptnr2_auth_asym_id 
_struct_conn.ptnr2_auth_comp_id 
_struct_conn.ptnr2_auth_seq_id 
_struct_conn.ptnr2_symmetry 
_struct_conn.pdbx_ptnr3_label_atom_id 
_struct_conn.pdbx_ptnr3_label_seq_id 
_struct_conn.pdbx_ptnr3_label_comp_id 
_struct_conn.pdbx_ptnr3_label_asym_id 
_struct_conn.pdbx_ptnr3_label_alt_id 
_struct_conn.pdbx_ptnr3_PDB_ins_code 
_struct_conn.details 
_struct_conn.pdbx_dist_value 
_struct_conn.pdbx_value_order 
_struct_conn.pdbx_role 
covale1 covale both ? A SER 50 C ? ? ? 1_555 A MSE 51 N ? ? A SER 50 A MSE 51 1_555 ? ? ? ? ? ? ? 1.305 ? ? 
covale2 covale both ? A MSE 51 C ? ? ? 1_555 A THR 52 N ? ? A MSE 51 A THR 52 1_555 ? ? ? ? ? ? ? 1.312 ? ? 
# 
_struct_conn_type.id          covale 
_struct_conn_type.criteria    ? 
_struct_conn_type.reference   ? 
# 
_pdbx_modification_feature.ordinal                            1 
_pdbx_modification_feature.label_comp_id                      MSE 
_pdbx_modification_feature.label_asym_id                      A 
_pdbx_modification_feature.label_seq_id                       51 
_pdbx_modification_feature.label_alt_id                       ? 
_pdbx_modification_feature.modified_residue_label_comp_id     . 
_pdbx_modification_feature.modified_residue_label_asym_id     . 
_pdbx_modification_feature.modified_residue_label_seq_id      . 
_pdbx_modification_feature.modified_residue_label_alt_id      . 
_pdbx_modification_feature.auth_comp_id                       MSE 
_pdbx_modification_feature.auth_asym_id                       A 
_pdbx_modification_feature.auth_seq_id                        51 
_pdbx_modification_feature.PDB_ins_code                       ? 
_pdbx_modification_feature.symmetry                           1_555 
_pdbx_modification_feature.modified_residue_auth_comp_id      . 
_pdbx_modification_feature.modified_residue_auth_asym_id      . 
_pdbx_modification_feature.modified_residue_auth_seq_id       . 
_pdbx_modification_feature.modified_residue_PDB_ins_code      . 
_pdbx_modification_feature.modified_residue_symmetry          . 
_pdbx_modification_feature.comp_id_linking_atom               . 
_pdbx_modification_feature.modified_residue_id_linking_atom   . 
_pdbx_modification_feature.modified_residue_id                MET 
_pdbx_modification_feature.ref_pcm_id                         1 
_pdbx_modification_feature.ref_comp_id                        MSE 
_pdbx_modification_feature.type                               Selenomethionine 
_pdbx_modification_feature.category                           'Named protein modification' 
# 
_struct_sheet.id               AA 
_struct_sheet.type             ? 
_struct_sheet.number_strands   3 
_struct_sheet.details          ? 
# 
loop_
_struct_sheet_order.sheet_id 
_struct_sheet_order.range_id_1 
_struct_sheet_order.range_id_2 
_struct_sheet_order.offset 
_struct_sheet_order.sense 
AA 1 2 ? anti-parallel 
AA 2 3 ? anti-parallel 
# 
loop_
_struct_sheet_range.sheet_id 
_struct_sheet_range.id 
_struct_sheet_range.beg_label_comp_id 
_struct_sheet_range.beg_label_asym_id 
_struct_sheet_range.beg_label_seq_id 
_struct_sheet_range.pdbx_beg_PDB_ins_code 
_struct_sheet_range.end_label_comp_id 
_struct_sheet_range.end_label_asym_id 
_struct_sheet_range.end_label_seq_id 
_struct_sheet_range.pdbx_end_PDB_ins_code 
_struct_sheet_range.beg_auth_comp_id 
_struct_sheet_range.beg_auth_asym_id 
_struct_sheet_range.beg_auth_seq_id 
_struct_sheet_range.end_auth_comp_id 
_struct_sheet_range.end_auth_asym_id 
_struct_sheet_range.end_auth_seq_id 
AA 1 ALA A 22 ? LEU A 26 ? ALA A 22 LEU A 26 
AA 2 ILE A 34 ? VAL A 41 ? ILE A 34 VAL A 41 
AA 3 ARG A 48 ? SER A 55 ? ARG A 48 SER A 55 
# 
loop_
_pdbx_struct_sheet_hbond.sheet_id 
_pdbx_struct_sheet_hbond.range_id_1 
_pdbx_struct_sheet_hbond.range_id_2 
_pdbx_struct_sheet_hbond.range_1_label_atom_id 
_pdbx_struct_sheet_hbond.range_1_label_comp_id 
_pdbx_struct_sheet_hbond.range_1_label_asym_id 
_pdbx_struct_sheet_hbond.range_1_label_seq_id 
_pdbx_struct_sheet_hbond.range_1_PDB_ins_code 
_pdbx_struct_sheet_hbond.range_1_auth_atom_id 
_pdbx_struct_sheet_hbond.range_1_auth_comp_id 
_pdbx_struct_sheet_hbond.range_1_auth_asym_id 
_pdbx_struct_sheet_hbond.range_1_auth_seq_id 
_pdbx_struct_sheet_hbond.range_2_label_atom_id 
_pdbx_struct_sheet_hbond.range_2_label_comp_id 
_pdbx_struct_sheet_hbond.range_2_label_asym_id 
_pdbx_struct_sheet_hbond.range_2_label_seq_id 
_pdbx_struct_sheet_hbond.range_2_PDB_ins_code 
_pdbx_struct_sheet_hbond.range_2_auth_atom_id 
_pdbx_struct_sheet_hbond.range_2_auth_comp_id 
_pdbx_struct_sheet_hbond.range_2_auth_asym_id 
_pdbx_struct_sheet_hbond.range_2_auth_seq_id 
AA 1 2 N LEU A 26 ? N LEU A 26 O VAL A 36 ? O VAL A 36 
AA 2 3 N VAL A 41 ? N VAL A 41 O ARG A 48 ? O ARG A 48 
# 
loop_
_struct_site.id 
_struct_site.pdbx_evidence_code 
_struct_site.pdbx_auth_asym_id 
_struct_site.pdbx_auth_comp_id 
_struct_site.pdbx_auth_seq_id 
_struct_site.pdbx_auth_ins_code 
_struct_site.pdbx_num_residues 
_struct_site.details 
AC1 Software A CL  1096 ? 3 'BINDING SITE FOR RESIDUE CL A 1096'  
AC2 Software A CL  1097 ? 5 'BINDING SITE FOR RESIDUE CL A 1097'  
AC3 Software A CL  1098 ? 3 'BINDING SITE FOR RESIDUE CL A 1098'  
AC4 Software A MLI 1099 ? 7 'BINDING SITE FOR RESIDUE MLI A 1099' 
AC5 Software A MLI 1100 ? 7 'BINDING SITE FOR RESIDUE MLI A 1100' 
# 
loop_
_struct_site_gen.id 
_struct_site_gen.site_id 
_struct_site_gen.pdbx_num_res 
_struct_site_gen.label_comp_id 
_struct_site_gen.label_asym_id 
_struct_site_gen.label_seq_id 
_struct_site_gen.pdbx_auth_ins_code 
_struct_site_gen.auth_comp_id 
_struct_site_gen.auth_asym_id 
_struct_site_gen.auth_seq_id 
_struct_site_gen.label_atom_id 
_struct_site_gen.label_alt_id 
_struct_site_gen.symmetry 
_struct_site_gen.details 
1  AC1 3 ARG A 33 ? ARG A 33   . ? 1_555 ? 
2  AC1 3 SER A 55 ? SER A 55   . ? 1_555 ? 
3  AC1 3 GLY A 64 ? GLY A 64   . ? 1_555 ? 
4  AC2 5 PHE A 59 ? PHE A 59   . ? 3_664 ? 
5  AC2 5 LYS A 82 ? LYS A 82   . ? 1_555 ? 
6  AC2 5 TYR A 83 ? TYR A 83   . ? 1_555 ? 
7  AC2 5 ASP A 85 ? ASP A 85   . ? 1_555 ? 
8  AC2 5 PHE A 86 ? PHE A 86   . ? 1_555 ? 
9  AC3 3 LEU A 26 ? LEU A 26   . ? 1_555 ? 
10 AC3 3 VAL A 36 ? VAL A 36   . ? 1_555 ? 
11 AC3 3 HOH G .  ? HOH A 2006 . ? 1_555 ? 
12 AC4 7 ILE A 28 ? ILE A 28   . ? 1_555 ? 
13 AC4 7 LYS A 29 ? LYS A 29   . ? 1_555 ? 
14 AC4 7 PHE A 79 ? PHE A 79   . ? 1_555 ? 
15 AC4 7 LYS A 82 ? LYS A 82   . ? 1_555 ? 
16 AC4 7 MLI F .  ? MLI A 1100 . ? 1_555 ? 
17 AC4 7 HOH G .  ? HOH A 2007 . ? 1_555 ? 
18 AC4 7 HOH G .  ? HOH A 2019 . ? 1_555 ? 
19 AC5 7 ALA A 2  ? ALA A 2    . ? 1_555 ? 
20 AC5 7 LEU A 4  ? LEU A 4    . ? 1_555 ? 
21 AC5 7 ILE A 7  ? ILE A 7    . ? 1_555 ? 
22 AC5 7 LEU A 26 ? LEU A 26   . ? 1_555 ? 
23 AC5 7 LYS A 27 ? LYS A 27   . ? 1_555 ? 
24 AC5 7 PHE A 79 ? PHE A 79   . ? 1_555 ? 
25 AC5 7 MLI E .  ? MLI A 1099 . ? 1_555 ? 
# 
_pdbx_entry_details.entry_id                   2X5G 
_pdbx_entry_details.compound_details           'ENGINEERED RESIDUE IN CHAIN A, LEU  51 TO MSE' 
_pdbx_entry_details.source_details             ? 
_pdbx_entry_details.nonpolymer_details         ? 
_pdbx_entry_details.sequence_details           ? 
_pdbx_entry_details.has_ligand_of_interest     ? 
_pdbx_entry_details.has_protein_modification   Y 
# 
_pdbx_validate_torsion.id              1 
_pdbx_validate_torsion.PDB_model_num   1 
_pdbx_validate_torsion.auth_comp_id    ARG 
_pdbx_validate_torsion.auth_asym_id    A 
_pdbx_validate_torsion.auth_seq_id     33 
_pdbx_validate_torsion.PDB_ins_code    ? 
_pdbx_validate_torsion.label_alt_id    ? 
_pdbx_validate_torsion.phi             -139.38 
_pdbx_validate_torsion.psi             -36.05 
# 
_pdbx_struct_mod_residue.id               1 
_pdbx_struct_mod_residue.label_asym_id    A 
_pdbx_struct_mod_residue.label_comp_id    MSE 
_pdbx_struct_mod_residue.label_seq_id     51 
_pdbx_struct_mod_residue.auth_asym_id     A 
_pdbx_struct_mod_residue.auth_comp_id     MSE 
_pdbx_struct_mod_residue.auth_seq_id      51 
_pdbx_struct_mod_residue.PDB_ins_code     ? 
_pdbx_struct_mod_residue.parent_comp_id   MET 
_pdbx_struct_mod_residue.details          SELENOMETHIONINE 
# 
_pdbx_struct_special_symmetry.id              1 
_pdbx_struct_special_symmetry.PDB_model_num   1 
_pdbx_struct_special_symmetry.auth_asym_id    A 
_pdbx_struct_special_symmetry.auth_comp_id    HOH 
_pdbx_struct_special_symmetry.auth_seq_id     2003 
_pdbx_struct_special_symmetry.PDB_ins_code    ? 
_pdbx_struct_special_symmetry.label_asym_id   G 
_pdbx_struct_special_symmetry.label_comp_id   HOH 
_pdbx_struct_special_symmetry.label_seq_id    . 
# 
loop_
_pdbx_refine_tls.pdbx_refine_id 
_pdbx_refine_tls.id 
_pdbx_refine_tls.details 
_pdbx_refine_tls.method 
_pdbx_refine_tls.origin_x 
_pdbx_refine_tls.origin_y 
_pdbx_refine_tls.origin_z 
_pdbx_refine_tls.T[1][1] 
_pdbx_refine_tls.T[2][2] 
_pdbx_refine_tls.T[3][3] 
_pdbx_refine_tls.T[1][2] 
_pdbx_refine_tls.T[1][3] 
_pdbx_refine_tls.T[2][3] 
_pdbx_refine_tls.L[1][1] 
_pdbx_refine_tls.L[2][2] 
_pdbx_refine_tls.L[3][3] 
_pdbx_refine_tls.L[1][2] 
_pdbx_refine_tls.L[1][3] 
_pdbx_refine_tls.L[2][3] 
_pdbx_refine_tls.S[1][1] 
_pdbx_refine_tls.S[1][2] 
_pdbx_refine_tls.S[1][3] 
_pdbx_refine_tls.S[2][1] 
_pdbx_refine_tls.S[2][2] 
_pdbx_refine_tls.S[2][3] 
_pdbx_refine_tls.S[3][1] 
_pdbx_refine_tls.S[3][2] 
_pdbx_refine_tls.S[3][3] 
'X-RAY DIFFRACTION' 1  ? refined 10.1500  -0.7091 6.5410   0.3569 0.6389 0.5095 0.0176  0.0090  -0.1927 2.7805  1.0005 2.3102 0.5214  -0.6171 0.8091  -0.0963 -0.2044      -0.2438      0.2921      0.6834  -0.8337     0.5113      1.0163       -0.6483 
'X-RAY DIFFRACTION' 2  ? refined 0.3644   -1.7189 -1.7408  0.3771 0.3445 0.3773 0.0673  0.0680  -0.0199 2.4885  1.5968 4.2703 -1.2943 -1.3393 0.2921  0.3002  -0.2170      0.3333       -0.2971     0.1437  0.1407      -0.1686     0.0982       -0.4454 
'X-RAY DIFFRACTION' 3  ? refined -3.2468  -3.0724 -13.9516 0.3441 0.2880 0.6337 -0.0320 0.0916  0.1030  2.3989  4.9647 3.9848 -0.1095 -0.1746 -0.6125 -0.7298 0.5893       -0.1414      -0.8407     -0.5400 -0.8406     0.1964      0.1888       1.2262  
'X-RAY DIFFRACTION' 4  ? refined -10.6786 0.4422  1.9092   0.3018 0.3868 0.2878 0.0094  0.0465  0.0372  1.1870  2.4193 2.8122 1.0307  1.7697  1.4000  -0.0104 -0.4195      0.0928       0.3108      -0.3513 0.5418      0.5302      -0.6373      0.3304  
'X-RAY DIFFRACTION' 5  ? refined 0.6859   9.3363  7.9725   0.6034 0.3654 0.4178 -0.0291 0.0304  0.0109  1.7645  2.1222 3.7642 -0.1448 -0.8552 1.0175  0.2178  -0.3342      0.5610       -0.5532     0.6808  -0.0271     -1.1061     0.2984       -0.4928 
'X-RAY DIFFRACTION' 6  ? refined -3.2320  -4.3559 -15.9647 0.4748 0.3339 0.3614 0.0835  -0.0272 -0.0312 0.0000  0.0000 0.0000 0.0000  0.0000  0.0000  -0.0053 -653932.0833 -443936.7150 653932.0765 0.0090  561373.7759 443936.7013 -561373.7695 -0.0037 
'X-RAY DIFFRACTION' 7  ? refined -8.2515  3.9674  12.5195  1.4831 1.4224 0.3592 -0.1735 0.0996  -0.0662 0.0000  0.0000 0.0000 0.0000  0.0000  0.0000  0.0000  0.0000       0.0000       0.0000      0.0000  0.0000      0.0000      0.0000       0.0000  
'X-RAY DIFFRACTION' 8  ? refined -3.3921  -6.0184 -1.3704  0.4515 0.5701 0.4909 -0.0332 0.0629  0.0522  0.0000  0.0000 0.0000 0.0000  0.0000  0.0000  0.0000  0.0000       0.0000       0.0000      0.0000  0.0000      0.0000      0.0000       0.0000  
'X-RAY DIFFRACTION' 9  ? refined -9.1644  -5.1647 5.8593   1.3651 0.7447 0.3329 -0.2451 0.2946  -0.1621 6.8080  2.8719 2.2529 6.3902  7.4406  -0.8318 -0.1535 0.1376       0.2449       0.3878      0.0163  -0.5013     -0.1521     0.1957       -0.0435 
'X-RAY DIFFRACTION' 10 ? refined -3.3980  -5.8491 6.3120   1.2547 0.8332 0.9332 -0.3065 -0.3341 -0.1785 -2.8154 5.9443 2.8705 -2.5113 -2.6882 0.6107  0.7336  -6.1080      1.5288       3.5210      -0.9746 0.4283      -1.6184     0.3341       0.2101 
# 
loop_
_pdbx_refine_tls_group.pdbx_refine_id 
_pdbx_refine_tls_group.id 
_pdbx_refine_tls_group.refine_tls_id 
_pdbx_refine_tls_group.beg_auth_asym_id 
_pdbx_refine_tls_group.beg_auth_seq_id 
_pdbx_refine_tls_group.beg_label_asym_id 
_pdbx_refine_tls_group.beg_label_seq_id 
_pdbx_refine_tls_group.end_auth_asym_id 
_pdbx_refine_tls_group.end_auth_seq_id 
_pdbx_refine_tls_group.end_label_asym_id 
_pdbx_refine_tls_group.end_label_seq_id 
_pdbx_refine_tls_group.selection 
_pdbx_refine_tls_group.selection_details 
'X-RAY DIFFRACTION' 1  1  ? ? ? ? ? ? ? ? ? '(CHAIN A AND RESID 2:23)'    
'X-RAY DIFFRACTION' 2  2  ? ? ? ? ? ? ? ? ? '(CHAIN A AND RESID 24:57)'   
'X-RAY DIFFRACTION' 3  3  ? ? ? ? ? ? ? ? ? '(CHAIN A AND RESID 58:68)'   
'X-RAY DIFFRACTION' 4  4  ? ? ? ? ? ? ? ? ? '(CHAIN A AND RESID 69:86)'   
'X-RAY DIFFRACTION' 5  5  ? ? ? ? ? ? ? ? ? '(CHAIN A AND RESID 87:95)'   
'X-RAY DIFFRACTION' 6  6  ? ? ? ? ? ? ? ? ? '(CHAIN B AND RESID 1:1)'     
'X-RAY DIFFRACTION' 7  7  ? ? ? ? ? ? ? ? ? '(CHAIN B AND RESID 2:2)'     
'X-RAY DIFFRACTION' 8  8  ? ? ? ? ? ? ? ? ? '(CHAIN B AND RESID 3:3)'     
'X-RAY DIFFRACTION' 9  9  ? ? ? ? ? ? ? ? ? '(CHAIN D AND RESID 201:201)' 
'X-RAY DIFFRACTION' 10 10 ? ? ? ? ? ? ? ? ? '(CHAIN D AND RESID 202:202)' 
# 
loop_
_pdbx_unobs_or_zero_occ_residues.id 
_pdbx_unobs_or_zero_occ_residues.PDB_model_num 
_pdbx_unobs_or_zero_occ_residues.polymer_flag 
_pdbx_unobs_or_zero_occ_residues.occupancy_flag 
_pdbx_unobs_or_zero_occ_residues.auth_asym_id 
_pdbx_unobs_or_zero_occ_residues.auth_comp_id 
_pdbx_unobs_or_zero_occ_residues.auth_seq_id 
_pdbx_unobs_or_zero_occ_residues.PDB_ins_code 
_pdbx_unobs_or_zero_occ_residues.label_asym_id 
_pdbx_unobs_or_zero_occ_residues.label_comp_id 
_pdbx_unobs_or_zero_occ_residues.label_seq_id 
1 1 Y 1 A GLY 1  ? A GLY 1  
2 1 Y 1 A GLN 43 ? A GLN 43 
3 1 Y 1 A ASP 44 ? A ASP 44 
4 1 Y 1 A GLY 45 ? A GLY 45 
5 1 Y 1 A ARG 96 ? A ARG 96 
# 
loop_
_chem_comp_atom.comp_id 
_chem_comp_atom.atom_id 
_chem_comp_atom.type_symbol 
_chem_comp_atom.pdbx_aromatic_flag 
_chem_comp_atom.pdbx_stereo_config 
_chem_comp_atom.pdbx_ordinal 
ALA N    N  N N 1   
ALA CA   C  N S 2   
ALA C    C  N N 3   
ALA O    O  N N 4   
ALA CB   C  N N 5   
ALA OXT  O  N N 6   
ALA H    H  N N 7   
ALA H2   H  N N 8   
ALA HA   H  N N 9   
ALA HB1  H  N N 10  
ALA HB2  H  N N 11  
ALA HB3  H  N N 12  
ALA HXT  H  N N 13  
ARG N    N  N N 14  
ARG CA   C  N S 15  
ARG C    C  N N 16  
ARG O    O  N N 17  
ARG CB   C  N N 18  
ARG CG   C  N N 19  
ARG CD   C  N N 20  
ARG NE   N  N N 21  
ARG CZ   C  N N 22  
ARG NH1  N  N N 23  
ARG NH2  N  N N 24  
ARG OXT  O  N N 25  
ARG H    H  N N 26  
ARG H2   H  N N 27  
ARG HA   H  N N 28  
ARG HB2  H  N N 29  
ARG HB3  H  N N 30  
ARG HG2  H  N N 31  
ARG HG3  H  N N 32  
ARG HD2  H  N N 33  
ARG HD3  H  N N 34  
ARG HE   H  N N 35  
ARG HH11 H  N N 36  
ARG HH12 H  N N 37  
ARG HH21 H  N N 38  
ARG HH22 H  N N 39  
ARG HXT  H  N N 40  
ASN N    N  N N 41  
ASN CA   C  N S 42  
ASN C    C  N N 43  
ASN O    O  N N 44  
ASN CB   C  N N 45  
ASN CG   C  N N 46  
ASN OD1  O  N N 47  
ASN ND2  N  N N 48  
ASN OXT  O  N N 49  
ASN H    H  N N 50  
ASN H2   H  N N 51  
ASN HA   H  N N 52  
ASN HB2  H  N N 53  
ASN HB3  H  N N 54  
ASN HD21 H  N N 55  
ASN HD22 H  N N 56  
ASN HXT  H  N N 57  
ASP N    N  N N 58  
ASP CA   C  N S 59  
ASP C    C  N N 60  
ASP O    O  N N 61  
ASP CB   C  N N 62  
ASP CG   C  N N 63  
ASP OD1  O  N N 64  
ASP OD2  O  N N 65  
ASP OXT  O  N N 66  
ASP H    H  N N 67  
ASP H2   H  N N 68  
ASP HA   H  N N 69  
ASP HB2  H  N N 70  
ASP HB3  H  N N 71  
ASP HD2  H  N N 72  
ASP HXT  H  N N 73  
CL  CL   CL N N 74  
GLN N    N  N N 75  
GLN CA   C  N S 76  
GLN C    C  N N 77  
GLN O    O  N N 78  
GLN CB   C  N N 79  
GLN CG   C  N N 80  
GLN CD   C  N N 81  
GLN OE1  O  N N 82  
GLN NE2  N  N N 83  
GLN OXT  O  N N 84  
GLN H    H  N N 85  
GLN H2   H  N N 86  
GLN HA   H  N N 87  
GLN HB2  H  N N 88  
GLN HB3  H  N N 89  
GLN HG2  H  N N 90  
GLN HG3  H  N N 91  
GLN HE21 H  N N 92  
GLN HE22 H  N N 93  
GLN HXT  H  N N 94  
GLU N    N  N N 95  
GLU CA   C  N S 96  
GLU C    C  N N 97  
GLU O    O  N N 98  
GLU CB   C  N N 99  
GLU CG   C  N N 100 
GLU CD   C  N N 101 
GLU OE1  O  N N 102 
GLU OE2  O  N N 103 
GLU OXT  O  N N 104 
GLU H    H  N N 105 
GLU H2   H  N N 106 
GLU HA   H  N N 107 
GLU HB2  H  N N 108 
GLU HB3  H  N N 109 
GLU HG2  H  N N 110 
GLU HG3  H  N N 111 
GLU HE2  H  N N 112 
GLU HXT  H  N N 113 
GLY N    N  N N 114 
GLY CA   C  N N 115 
GLY C    C  N N 116 
GLY O    O  N N 117 
GLY OXT  O  N N 118 
GLY H    H  N N 119 
GLY H2   H  N N 120 
GLY HA2  H  N N 121 
GLY HA3  H  N N 122 
GLY HXT  H  N N 123 
HIS N    N  N N 124 
HIS CA   C  N S 125 
HIS C    C  N N 126 
HIS O    O  N N 127 
HIS CB   C  N N 128 
HIS CG   C  Y N 129 
HIS ND1  N  Y N 130 
HIS CD2  C  Y N 131 
HIS CE1  C  Y N 132 
HIS NE2  N  Y N 133 
HIS OXT  O  N N 134 
HIS H    H  N N 135 
HIS H2   H  N N 136 
HIS HA   H  N N 137 
HIS HB2  H  N N 138 
HIS HB3  H  N N 139 
HIS HD1  H  N N 140 
HIS HD2  H  N N 141 
HIS HE1  H  N N 142 
HIS HE2  H  N N 143 
HIS HXT  H  N N 144 
HOH O    O  N N 145 
HOH H1   H  N N 146 
HOH H2   H  N N 147 
ILE N    N  N N 148 
ILE CA   C  N S 149 
ILE C    C  N N 150 
ILE O    O  N N 151 
ILE CB   C  N S 152 
ILE CG1  C  N N 153 
ILE CG2  C  N N 154 
ILE CD1  C  N N 155 
ILE OXT  O  N N 156 
ILE H    H  N N 157 
ILE H2   H  N N 158 
ILE HA   H  N N 159 
ILE HB   H  N N 160 
ILE HG12 H  N N 161 
ILE HG13 H  N N 162 
ILE HG21 H  N N 163 
ILE HG22 H  N N 164 
ILE HG23 H  N N 165 
ILE HD11 H  N N 166 
ILE HD12 H  N N 167 
ILE HD13 H  N N 168 
ILE HXT  H  N N 169 
LEU N    N  N N 170 
LEU CA   C  N S 171 
LEU C    C  N N 172 
LEU O    O  N N 173 
LEU CB   C  N N 174 
LEU CG   C  N N 175 
LEU CD1  C  N N 176 
LEU CD2  C  N N 177 
LEU OXT  O  N N 178 
LEU H    H  N N 179 
LEU H2   H  N N 180 
LEU HA   H  N N 181 
LEU HB2  H  N N 182 
LEU HB3  H  N N 183 
LEU HG   H  N N 184 
LEU HD11 H  N N 185 
LEU HD12 H  N N 186 
LEU HD13 H  N N 187 
LEU HD21 H  N N 188 
LEU HD22 H  N N 189 
LEU HD23 H  N N 190 
LEU HXT  H  N N 191 
LYS N    N  N N 192 
LYS CA   C  N S 193 
LYS C    C  N N 194 
LYS O    O  N N 195 
LYS CB   C  N N 196 
LYS CG   C  N N 197 
LYS CD   C  N N 198 
LYS CE   C  N N 199 
LYS NZ   N  N N 200 
LYS OXT  O  N N 201 
LYS H    H  N N 202 
LYS H2   H  N N 203 
LYS HA   H  N N 204 
LYS HB2  H  N N 205 
LYS HB3  H  N N 206 
LYS HG2  H  N N 207 
LYS HG3  H  N N 208 
LYS HD2  H  N N 209 
LYS HD3  H  N N 210 
LYS HE2  H  N N 211 
LYS HE3  H  N N 212 
LYS HZ1  H  N N 213 
LYS HZ2  H  N N 214 
LYS HZ3  H  N N 215 
LYS HXT  H  N N 216 
MLI C1   C  N N 217 
MLI C2   C  N N 218 
MLI C3   C  N N 219 
MLI O6   O  N N 220 
MLI O7   O  N N 221 
MLI O8   O  N N 222 
MLI O9   O  N N 223 
MLI H11  H  N N 224 
MLI H12  H  N N 225 
MSE N    N  N N 226 
MSE CA   C  N S 227 
MSE C    C  N N 228 
MSE O    O  N N 229 
MSE OXT  O  N N 230 
MSE CB   C  N N 231 
MSE CG   C  N N 232 
MSE SE   SE N N 233 
MSE CE   C  N N 234 
MSE H    H  N N 235 
MSE H2   H  N N 236 
MSE HA   H  N N 237 
MSE HXT  H  N N 238 
MSE HB2  H  N N 239 
MSE HB3  H  N N 240 
MSE HG2  H  N N 241 
MSE HG3  H  N N 242 
MSE HE1  H  N N 243 
MSE HE2  H  N N 244 
MSE HE3  H  N N 245 
PHE N    N  N N 246 
PHE CA   C  N S 247 
PHE C    C  N N 248 
PHE O    O  N N 249 
PHE CB   C  N N 250 
PHE CG   C  Y N 251 
PHE CD1  C  Y N 252 
PHE CD2  C  Y N 253 
PHE CE1  C  Y N 254 
PHE CE2  C  Y N 255 
PHE CZ   C  Y N 256 
PHE OXT  O  N N 257 
PHE H    H  N N 258 
PHE H2   H  N N 259 
PHE HA   H  N N 260 
PHE HB2  H  N N 261 
PHE HB3  H  N N 262 
PHE HD1  H  N N 263 
PHE HD2  H  N N 264 
PHE HE1  H  N N 265 
PHE HE2  H  N N 266 
PHE HZ   H  N N 267 
PHE HXT  H  N N 268 
PRO N    N  N N 269 
PRO CA   C  N S 270 
PRO C    C  N N 271 
PRO O    O  N N 272 
PRO CB   C  N N 273 
PRO CG   C  N N 274 
PRO CD   C  N N 275 
PRO OXT  O  N N 276 
PRO H    H  N N 277 
PRO HA   H  N N 278 
PRO HB2  H  N N 279 
PRO HB3  H  N N 280 
PRO HG2  H  N N 281 
PRO HG3  H  N N 282 
PRO HD2  H  N N 283 
PRO HD3  H  N N 284 
PRO HXT  H  N N 285 
SER N    N  N N 286 
SER CA   C  N S 287 
SER C    C  N N 288 
SER O    O  N N 289 
SER CB   C  N N 290 
SER OG   O  N N 291 
SER OXT  O  N N 292 
SER H    H  N N 293 
SER H2   H  N N 294 
SER HA   H  N N 295 
SER HB2  H  N N 296 
SER HB3  H  N N 297 
SER HG   H  N N 298 
SER HXT  H  N N 299 
THR N    N  N N 300 
THR CA   C  N S 301 
THR C    C  N N 302 
THR O    O  N N 303 
THR CB   C  N R 304 
THR OG1  O  N N 305 
THR CG2  C  N N 306 
THR OXT  O  N N 307 
THR H    H  N N 308 
THR H2   H  N N 309 
THR HA   H  N N 310 
THR HB   H  N N 311 
THR HG1  H  N N 312 
THR HG21 H  N N 313 
THR HG22 H  N N 314 
THR HG23 H  N N 315 
THR HXT  H  N N 316 
TYR N    N  N N 317 
TYR CA   C  N S 318 
TYR C    C  N N 319 
TYR O    O  N N 320 
TYR CB   C  N N 321 
TYR CG   C  Y N 322 
TYR CD1  C  Y N 323 
TYR CD2  C  Y N 324 
TYR CE1  C  Y N 325 
TYR CE2  C  Y N 326 
TYR CZ   C  Y N 327 
TYR OH   O  N N 328 
TYR OXT  O  N N 329 
TYR H    H  N N 330 
TYR H2   H  N N 331 
TYR HA   H  N N 332 
TYR HB2  H  N N 333 
TYR HB3  H  N N 334 
TYR HD1  H  N N 335 
TYR HD2  H  N N 336 
TYR HE1  H  N N 337 
TYR HE2  H  N N 338 
TYR HH   H  N N 339 
TYR HXT  H  N N 340 
VAL N    N  N N 341 
VAL CA   C  N S 342 
VAL C    C  N N 343 
VAL O    O  N N 344 
VAL CB   C  N N 345 
VAL CG1  C  N N 346 
VAL CG2  C  N N 347 
VAL OXT  O  N N 348 
VAL H    H  N N 349 
VAL H2   H  N N 350 
VAL HA   H  N N 351 
VAL HB   H  N N 352 
VAL HG11 H  N N 353 
VAL HG12 H  N N 354 
VAL HG13 H  N N 355 
VAL HG21 H  N N 356 
VAL HG22 H  N N 357 
VAL HG23 H  N N 358 
VAL HXT  H  N N 359 
# 
loop_
_chem_comp_bond.comp_id 
_chem_comp_bond.atom_id_1 
_chem_comp_bond.atom_id_2 
_chem_comp_bond.value_order 
_chem_comp_bond.pdbx_aromatic_flag 
_chem_comp_bond.pdbx_stereo_config 
_chem_comp_bond.pdbx_ordinal 
ALA N   CA   sing N N 1   
ALA N   H    sing N N 2   
ALA N   H2   sing N N 3   
ALA CA  C    sing N N 4   
ALA CA  CB   sing N N 5   
ALA CA  HA   sing N N 6   
ALA C   O    doub N N 7   
ALA C   OXT  sing N N 8   
ALA CB  HB1  sing N N 9   
ALA CB  HB2  sing N N 10  
ALA CB  HB3  sing N N 11  
ALA OXT HXT  sing N N 12  
ARG N   CA   sing N N 13  
ARG N   H    sing N N 14  
ARG N   H2   sing N N 15  
ARG CA  C    sing N N 16  
ARG CA  CB   sing N N 17  
ARG CA  HA   sing N N 18  
ARG C   O    doub N N 19  
ARG C   OXT  sing N N 20  
ARG CB  CG   sing N N 21  
ARG CB  HB2  sing N N 22  
ARG CB  HB3  sing N N 23  
ARG CG  CD   sing N N 24  
ARG CG  HG2  sing N N 25  
ARG CG  HG3  sing N N 26  
ARG CD  NE   sing N N 27  
ARG CD  HD2  sing N N 28  
ARG CD  HD3  sing N N 29  
ARG NE  CZ   sing N N 30  
ARG NE  HE   sing N N 31  
ARG CZ  NH1  sing N N 32  
ARG CZ  NH2  doub N N 33  
ARG NH1 HH11 sing N N 34  
ARG NH1 HH12 sing N N 35  
ARG NH2 HH21 sing N N 36  
ARG NH2 HH22 sing N N 37  
ARG OXT HXT  sing N N 38  
ASN N   CA   sing N N 39  
ASN N   H    sing N N 40  
ASN N   H2   sing N N 41  
ASN CA  C    sing N N 42  
ASN CA  CB   sing N N 43  
ASN CA  HA   sing N N 44  
ASN C   O    doub N N 45  
ASN C   OXT  sing N N 46  
ASN CB  CG   sing N N 47  
ASN CB  HB2  sing N N 48  
ASN CB  HB3  sing N N 49  
ASN CG  OD1  doub N N 50  
ASN CG  ND2  sing N N 51  
ASN ND2 HD21 sing N N 52  
ASN ND2 HD22 sing N N 53  
ASN OXT HXT  sing N N 54  
ASP N   CA   sing N N 55  
ASP N   H    sing N N 56  
ASP N   H2   sing N N 57  
ASP CA  C    sing N N 58  
ASP CA  CB   sing N N 59  
ASP CA  HA   sing N N 60  
ASP C   O    doub N N 61  
ASP C   OXT  sing N N 62  
ASP CB  CG   sing N N 63  
ASP CB  HB2  sing N N 64  
ASP CB  HB3  sing N N 65  
ASP CG  OD1  doub N N 66  
ASP CG  OD2  sing N N 67  
ASP OD2 HD2  sing N N 68  
ASP OXT HXT  sing N N 69  
GLN N   CA   sing N N 70  
GLN N   H    sing N N 71  
GLN N   H2   sing N N 72  
GLN CA  C    sing N N 73  
GLN CA  CB   sing N N 74  
GLN CA  HA   sing N N 75  
GLN C   O    doub N N 76  
GLN C   OXT  sing N N 77  
GLN CB  CG   sing N N 78  
GLN CB  HB2  sing N N 79  
GLN CB  HB3  sing N N 80  
GLN CG  CD   sing N N 81  
GLN CG  HG2  sing N N 82  
GLN CG  HG3  sing N N 83  
GLN CD  OE1  doub N N 84  
GLN CD  NE2  sing N N 85  
GLN NE2 HE21 sing N N 86  
GLN NE2 HE22 sing N N 87  
GLN OXT HXT  sing N N 88  
GLU N   CA   sing N N 89  
GLU N   H    sing N N 90  
GLU N   H2   sing N N 91  
GLU CA  C    sing N N 92  
GLU CA  CB   sing N N 93  
GLU CA  HA   sing N N 94  
GLU C   O    doub N N 95  
GLU C   OXT  sing N N 96  
GLU CB  CG   sing N N 97  
GLU CB  HB2  sing N N 98  
GLU CB  HB3  sing N N 99  
GLU CG  CD   sing N N 100 
GLU CG  HG2  sing N N 101 
GLU CG  HG3  sing N N 102 
GLU CD  OE1  doub N N 103 
GLU CD  OE2  sing N N 104 
GLU OE2 HE2  sing N N 105 
GLU OXT HXT  sing N N 106 
GLY N   CA   sing N N 107 
GLY N   H    sing N N 108 
GLY N   H2   sing N N 109 
GLY CA  C    sing N N 110 
GLY CA  HA2  sing N N 111 
GLY CA  HA3  sing N N 112 
GLY C   O    doub N N 113 
GLY C   OXT  sing N N 114 
GLY OXT HXT  sing N N 115 
HIS N   CA   sing N N 116 
HIS N   H    sing N N 117 
HIS N   H2   sing N N 118 
HIS CA  C    sing N N 119 
HIS CA  CB   sing N N 120 
HIS CA  HA   sing N N 121 
HIS C   O    doub N N 122 
HIS C   OXT  sing N N 123 
HIS CB  CG   sing N N 124 
HIS CB  HB2  sing N N 125 
HIS CB  HB3  sing N N 126 
HIS CG  ND1  sing Y N 127 
HIS CG  CD2  doub Y N 128 
HIS ND1 CE1  doub Y N 129 
HIS ND1 HD1  sing N N 130 
HIS CD2 NE2  sing Y N 131 
HIS CD2 HD2  sing N N 132 
HIS CE1 NE2  sing Y N 133 
HIS CE1 HE1  sing N N 134 
HIS NE2 HE2  sing N N 135 
HIS OXT HXT  sing N N 136 
HOH O   H1   sing N N 137 
HOH O   H2   sing N N 138 
ILE N   CA   sing N N 139 
ILE N   H    sing N N 140 
ILE N   H2   sing N N 141 
ILE CA  C    sing N N 142 
ILE CA  CB   sing N N 143 
ILE CA  HA   sing N N 144 
ILE C   O    doub N N 145 
ILE C   OXT  sing N N 146 
ILE CB  CG1  sing N N 147 
ILE CB  CG2  sing N N 148 
ILE CB  HB   sing N N 149 
ILE CG1 CD1  sing N N 150 
ILE CG1 HG12 sing N N 151 
ILE CG1 HG13 sing N N 152 
ILE CG2 HG21 sing N N 153 
ILE CG2 HG22 sing N N 154 
ILE CG2 HG23 sing N N 155 
ILE CD1 HD11 sing N N 156 
ILE CD1 HD12 sing N N 157 
ILE CD1 HD13 sing N N 158 
ILE OXT HXT  sing N N 159 
LEU N   CA   sing N N 160 
LEU N   H    sing N N 161 
LEU N   H2   sing N N 162 
LEU CA  C    sing N N 163 
LEU CA  CB   sing N N 164 
LEU CA  HA   sing N N 165 
LEU C   O    doub N N 166 
LEU C   OXT  sing N N 167 
LEU CB  CG   sing N N 168 
LEU CB  HB2  sing N N 169 
LEU CB  HB3  sing N N 170 
LEU CG  CD1  sing N N 171 
LEU CG  CD2  sing N N 172 
LEU CG  HG   sing N N 173 
LEU CD1 HD11 sing N N 174 
LEU CD1 HD12 sing N N 175 
LEU CD1 HD13 sing N N 176 
LEU CD2 HD21 sing N N 177 
LEU CD2 HD22 sing N N 178 
LEU CD2 HD23 sing N N 179 
LEU OXT HXT  sing N N 180 
LYS N   CA   sing N N 181 
LYS N   H    sing N N 182 
LYS N   H2   sing N N 183 
LYS CA  C    sing N N 184 
LYS CA  CB   sing N N 185 
LYS CA  HA   sing N N 186 
LYS C   O    doub N N 187 
LYS C   OXT  sing N N 188 
LYS CB  CG   sing N N 189 
LYS CB  HB2  sing N N 190 
LYS CB  HB3  sing N N 191 
LYS CG  CD   sing N N 192 
LYS CG  HG2  sing N N 193 
LYS CG  HG3  sing N N 194 
LYS CD  CE   sing N N 195 
LYS CD  HD2  sing N N 196 
LYS CD  HD3  sing N N 197 
LYS CE  NZ   sing N N 198 
LYS CE  HE2  sing N N 199 
LYS CE  HE3  sing N N 200 
LYS NZ  HZ1  sing N N 201 
LYS NZ  HZ2  sing N N 202 
LYS NZ  HZ3  sing N N 203 
LYS OXT HXT  sing N N 204 
MLI C1  C2   sing N N 205 
MLI C1  C3   sing N N 206 
MLI C1  H11  sing N N 207 
MLI C1  H12  sing N N 208 
MLI C2  O6   doub N N 209 
MLI C2  O7   sing N N 210 
MLI C3  O8   doub N N 211 
MLI C3  O9   sing N N 212 
MSE N   CA   sing N N 213 
MSE N   H    sing N N 214 
MSE N   H2   sing N N 215 
MSE CA  C    sing N N 216 
MSE CA  CB   sing N N 217 
MSE CA  HA   sing N N 218 
MSE C   O    doub N N 219 
MSE C   OXT  sing N N 220 
MSE OXT HXT  sing N N 221 
MSE CB  CG   sing N N 222 
MSE CB  HB2  sing N N 223 
MSE CB  HB3  sing N N 224 
MSE CG  SE   sing N N 225 
MSE CG  HG2  sing N N 226 
MSE CG  HG3  sing N N 227 
MSE SE  CE   sing N N 228 
MSE CE  HE1  sing N N 229 
MSE CE  HE2  sing N N 230 
MSE CE  HE3  sing N N 231 
PHE N   CA   sing N N 232 
PHE N   H    sing N N 233 
PHE N   H2   sing N N 234 
PHE CA  C    sing N N 235 
PHE CA  CB   sing N N 236 
PHE CA  HA   sing N N 237 
PHE C   O    doub N N 238 
PHE C   OXT  sing N N 239 
PHE CB  CG   sing N N 240 
PHE CB  HB2  sing N N 241 
PHE CB  HB3  sing N N 242 
PHE CG  CD1  doub Y N 243 
PHE CG  CD2  sing Y N 244 
PHE CD1 CE1  sing Y N 245 
PHE CD1 HD1  sing N N 246 
PHE CD2 CE2  doub Y N 247 
PHE CD2 HD2  sing N N 248 
PHE CE1 CZ   doub Y N 249 
PHE CE1 HE1  sing N N 250 
PHE CE2 CZ   sing Y N 251 
PHE CE2 HE2  sing N N 252 
PHE CZ  HZ   sing N N 253 
PHE OXT HXT  sing N N 254 
PRO N   CA   sing N N 255 
PRO N   CD   sing N N 256 
PRO N   H    sing N N 257 
PRO CA  C    sing N N 258 
PRO CA  CB   sing N N 259 
PRO CA  HA   sing N N 260 
PRO C   O    doub N N 261 
PRO C   OXT  sing N N 262 
PRO CB  CG   sing N N 263 
PRO CB  HB2  sing N N 264 
PRO CB  HB3  sing N N 265 
PRO CG  CD   sing N N 266 
PRO CG  HG2  sing N N 267 
PRO CG  HG3  sing N N 268 
PRO CD  HD2  sing N N 269 
PRO CD  HD3  sing N N 270 
PRO OXT HXT  sing N N 271 
SER N   CA   sing N N 272 
SER N   H    sing N N 273 
SER N   H2   sing N N 274 
SER CA  C    sing N N 275 
SER CA  CB   sing N N 276 
SER CA  HA   sing N N 277 
SER C   O    doub N N 278 
SER C   OXT  sing N N 279 
SER CB  OG   sing N N 280 
SER CB  HB2  sing N N 281 
SER CB  HB3  sing N N 282 
SER OG  HG   sing N N 283 
SER OXT HXT  sing N N 284 
THR N   CA   sing N N 285 
THR N   H    sing N N 286 
THR N   H2   sing N N 287 
THR CA  C    sing N N 288 
THR CA  CB   sing N N 289 
THR CA  HA   sing N N 290 
THR C   O    doub N N 291 
THR C   OXT  sing N N 292 
THR CB  OG1  sing N N 293 
THR CB  CG2  sing N N 294 
THR CB  HB   sing N N 295 
THR OG1 HG1  sing N N 296 
THR CG2 HG21 sing N N 297 
THR CG2 HG22 sing N N 298 
THR CG2 HG23 sing N N 299 
THR OXT HXT  sing N N 300 
TYR N   CA   sing N N 301 
TYR N   H    sing N N 302 
TYR N   H2   sing N N 303 
TYR CA  C    sing N N 304 
TYR CA  CB   sing N N 305 
TYR CA  HA   sing N N 306 
TYR C   O    doub N N 307 
TYR C   OXT  sing N N 308 
TYR CB  CG   sing N N 309 
TYR CB  HB2  sing N N 310 
TYR CB  HB3  sing N N 311 
TYR CG  CD1  doub Y N 312 
TYR CG  CD2  sing Y N 313 
TYR CD1 CE1  sing Y N 314 
TYR CD1 HD1  sing N N 315 
TYR CD2 CE2  doub Y N 316 
TYR CD2 HD2  sing N N 317 
TYR CE1 CZ   doub Y N 318 
TYR CE1 HE1  sing N N 319 
TYR CE2 CZ   sing Y N 320 
TYR CE2 HE2  sing N N 321 
TYR CZ  OH   sing N N 322 
TYR OH  HH   sing N N 323 
TYR OXT HXT  sing N N 324 
VAL N   CA   sing N N 325 
VAL N   H    sing N N 326 
VAL N   H2   sing N N 327 
VAL CA  C    sing N N 328 
VAL CA  CB   sing N N 329 
VAL CA  HA   sing N N 330 
VAL C   O    doub N N 331 
VAL C   OXT  sing N N 332 
VAL CB  CG1  sing N N 333 
VAL CB  CG2  sing N N 334 
VAL CB  HB   sing N N 335 
VAL CG1 HG11 sing N N 336 
VAL CG1 HG12 sing N N 337 
VAL CG1 HG13 sing N N 338 
VAL CG2 HG21 sing N N 339 
VAL CG2 HG22 sing N N 340 
VAL CG2 HG23 sing N N 341 
VAL OXT HXT  sing N N 342 
# 
_atom_sites.entry_id                    2X5G 
_atom_sites.fract_transf_matrix[1][1]   -0.00719610 
_atom_sites.fract_transf_matrix[1][2]   0.01501961 
_atom_sites.fract_transf_matrix[1][3]   -0.01062385 
_atom_sites.fract_transf_matrix[2][1]   0.01143875 
_atom_sites.fract_transf_matrix[2][2]   0.00904581 
_atom_sites.fract_transf_matrix[2][3]   -0.01332475 
_atom_sites.fract_transf_matrix[3][1]   -0.00451923 
_atom_sites.fract_transf_matrix[3][2]   -0.00944453 
_atom_sites.fract_transf_matrix[3][3]   -0.01029121 
_atom_sites.fract_transf_vector[1]      0.820777 
_atom_sites.fract_transf_vector[2]      0.456451 
_atom_sites.fract_transf_vector[3]      0.079664 
# 
loop_
_atom_type.symbol 
C  
CL 
N  
O  
SE 
# 
loop_
_atom_site.group_PDB 
_atom_site.id 
_atom_site.type_symbol 
_atom_site.label_atom_id 
_atom_site.label_alt_id 
_atom_site.label_comp_id 
_atom_site.label_asym_id 
_atom_site.label_entity_id 
_atom_site.label_seq_id 
_atom_site.pdbx_PDB_ins_code 
_atom_site.Cartn_x 
_atom_site.Cartn_y 
_atom_site.Cartn_z 
_atom_site.occupancy 
_atom_site.B_iso_or_equiv 
_atom_site.pdbx_formal_charge 
_atom_site.auth_seq_id 
_atom_site.auth_comp_id 
_atom_site.auth_asym_id 
_atom_site.auth_atom_id 
_atom_site.pdbx_PDB_model_num 
ATOM   1   N  N   . ALA A 1 2  ? 0.558   -10.690 10.128  1.00 54.23  ? 2    ALA A N   1 
ATOM   2   C  CA  . ALA A 1 2  ? 1.220   -9.375  10.221  1.00 58.48  ? 2    ALA A CA  1 
ATOM   3   C  C   . ALA A 1 2  ? 0.229   -8.209  10.102  1.00 43.42  ? 2    ALA A C   1 
ATOM   4   O  O   . ALA A 1 2  ? -0.412  -8.040  9.079   1.00 47.15  ? 2    ALA A O   1 
ATOM   5   C  CB  . ALA A 1 2  ? 2.315   -9.243  9.173   1.00 65.20  ? 2    ALA A CB  1 
ATOM   6   N  N   . SER A 1 3  ? 0.060   -7.437  11.176  1.00 48.49  ? 3    SER A N   1 
ATOM   7   C  CA  . SER A 1 3  ? -0.825  -6.251  11.131  1.00 46.43  ? 3    SER A CA  1 
ATOM   8   C  C   . SER A 1 3  ? -0.282  -5.123  10.237  1.00 34.48  ? 3    SER A C   1 
ATOM   9   O  O   . SER A 1 3  ? 0.877   -5.105  9.893   1.00 38.89  ? 3    SER A O   1 
ATOM   10  C  CB  . SER A 1 3  ? -1.010  -5.696  12.550  1.00 45.97  ? 3    SER A CB  1 
ATOM   11  O  OG  . SER A 1 3  ? 0.220   -5.150  13.033  1.00 40.35  ? 3    SER A OG  1 
ATOM   12  N  N   . LEU A 1 4  ? -1.122  -4.163  9.889   1.00 34.49  ? 4    LEU A N   1 
ATOM   13  C  CA  . LEU A 1 4  ? -0.681  -2.962  9.190   1.00 36.37  ? 4    LEU A CA  1 
ATOM   14  C  C   . LEU A 1 4  ? 0.476   -2.225  9.920   1.00 30.34  ? 4    LEU A C   1 
ATOM   15  O  O   . LEU A 1 4  ? 1.440   -1.770  9.301   1.00 32.12  ? 4    LEU A O   1 
ATOM   16  C  CB  . LEU A 1 4  ? -1.889  -2.026  9.033   1.00 35.10  ? 4    LEU A CB  1 
ATOM   17  C  CG  . LEU A 1 4  ? -1.706  -0.694  8.318   1.00 35.42  ? 4    LEU A CG  1 
ATOM   18  C  CD1 . LEU A 1 4  ? -1.138  -0.895  6.929   1.00 32.16  ? 4    LEU A CD1 1 
ATOM   19  C  CD2 . LEU A 1 4  ? -3.083  0.015   8.281   1.00 38.44  ? 4    LEU A CD2 1 
ATOM   20  N  N   . LYS A 1 5  ? 0.318   -2.049  11.238  1.00 33.28  ? 5    LYS A N   1 
ATOM   21  C  CA  . LYS A 1 5  ? 1.306   -1.382  12.069  1.00 38.18  ? 5    LYS A CA  1 
ATOM   22  C  C   . LYS A 1 5  ? 2.649   -2.146  11.986  1.00 40.10  ? 5    LYS A C   1 
ATOM   23  O  O   . LYS A 1 5  ? 3.673   -1.502  11.825  1.00 36.61  ? 5    LYS A O   1 
ATOM   24  C  CB  . LYS A 1 5  ? 0.851   -1.299  13.544  1.00 35.79  ? 5    LYS A CB  1 
ATOM   25  C  CG  . LYS A 1 5  ? 1.919   -0.832  14.503  1.00 38.36  ? 5    LYS A CG  1 
ATOM   26  C  CD  . LYS A 1 5  ? 1.358   -0.800  15.983  1.00 45.18  ? 5    LYS A CD  1 
ATOM   27  C  CE  . LYS A 1 5  ? 2.321   -0.196  16.979  1.00 43.31  ? 5    LYS A CE  1 
ATOM   28  N  NZ  . LYS A 1 5  ? 3.602   -0.804  16.722  1.00 38.50  ? 5    LYS A NZ  1 
ATOM   29  N  N   . GLU A 1 6  ? 2.641   -3.491  12.099  1.00 36.40  ? 6    GLU A N   1 
ATOM   30  C  CA  . GLU A 1 6  ? 3.876   -4.305  11.960  1.00 41.45  ? 6    GLU A CA  1 
ATOM   31  C  C   . GLU A 1 6  ? 4.540   -4.038  10.616  1.00 39.52  ? 6    GLU A C   1 
ATOM   32  O  O   . GLU A 1 6  ? 5.734   -3.867  10.538  1.00 40.08  ? 6    GLU A O   1 
ATOM   33  C  CB  . GLU A 1 6  ? 3.612   -5.826  12.028  1.00 43.43  ? 6    GLU A CB  1 
ATOM   34  C  CG  . GLU A 1 6  ? 3.519   -6.450  13.408  1.00 55.48  ? 6    GLU A CG  1 
ATOM   35  C  CD  . GLU A 1 6  ? 3.316   -7.978  13.326  1.00 69.11  ? 6    GLU A CD  1 
ATOM   36  O  OE1 . GLU A 1 6  ? 4.320   -8.731  13.206  1.00 76.60  ? 6    GLU A OE1 1 
ATOM   37  O  OE2 . GLU A 1 6  ? 2.137   -8.414  13.343  1.00 63.15  ? 6    GLU A OE2 1 
ATOM   38  N  N   . ILE A 1 7  ? 3.754   -4.002  9.547   1.00 39.65  ? 7    ILE A N   1 
ATOM   39  C  CA  . ILE A 1 7  ? 4.286   -3.717  8.226   1.00 35.39  ? 7    ILE A CA  1 
ATOM   40  C  C   . ILE A 1 7  ? 4.847   -2.315  8.169   1.00 36.73  ? 7    ILE A C   1 
ATOM   41  O  O   . ILE A 1 7  ? 5.963   -2.110  7.678   1.00 35.77  ? 7    ILE A O   1 
ATOM   42  C  CB  . ILE A 1 7  ? 3.200   -3.930  7.172   1.00 33.62  ? 7    ILE A CB  1 
ATOM   43  C  CG1 . ILE A 1 7  ? 2.833   -5.424  7.208   1.00 41.24  ? 7    ILE A CG1 1 
ATOM   44  C  CG2 . ILE A 1 7  ? 3.670   -3.460  5.780   1.00 33.93  ? 7    ILE A CG2 1 
ATOM   45  C  CD1 . ILE A 1 7  ? 1.653   -5.788  6.304   1.00 40.63  ? 7    ILE A CD1 1 
ATOM   46  N  N   . ILE A 1 8  ? 4.077   -1.345  8.665   1.00 32.68  ? 8    ILE A N   1 
ATOM   47  C  CA  . ILE A 1 8  ? 4.544   0.033   8.679   1.00 36.00  ? 8    ILE A CA  1 
ATOM   48  C  C   . ILE A 1 8  ? 5.862   0.065   9.439   1.00 40.33  ? 8    ILE A C   1 
ATOM   49  O  O   . ILE A 1 8  ? 6.833   0.634   8.955   1.00 38.91  ? 8    ILE A O   1 
ATOM   50  C  CB  . ILE A 1 8  ? 3.558   0.955   9.371   1.00 33.07  ? 8    ILE A CB  1 
ATOM   51  C  CG1 . ILE A 1 8  ? 2.312   1.112   8.512   1.00 32.93  ? 8    ILE A CG1 1 
ATOM   52  C  CG2 . ILE A 1 8  ? 4.240   2.298   9.690   1.00 36.72  ? 8    ILE A CG2 1 
ATOM   53  C  CD1 . ILE A 1 8  ? 1.165   1.881   9.240   1.00 27.92  ? 8    ILE A CD1 1 
ATOM   54  N  N   . ASP A 1 9  ? 5.898   -0.534  10.639  1.00 38.15  ? 9    ASP A N   1 
ATOM   55  C  CA  . ASP A 1 9  ? 7.122   -0.478  11.445  1.00 44.91  ? 9    ASP A CA  1 
ATOM   56  C  C   . ASP A 1 9  ? 8.279   -1.139  10.677  1.00 49.68  ? 9    ASP A C   1 
ATOM   57  O  O   . ASP A 1 9  ? 9.363   -0.558  10.563  1.00 45.05  ? 9    ASP A O   1 
ATOM   58  C  CB  . ASP A 1 9  ? 6.919   -1.192  12.780  1.00 42.68  ? 9    ASP A CB  1 
ATOM   59  C  CG  . ASP A 1 9  ? 5.930   -0.482  13.655  1.00 48.38  ? 9    ASP A CG  1 
ATOM   60  O  OD1 . ASP A 1 9  ? 5.629   0.689   13.378  1.00 41.72  ? 9    ASP A OD1 1 
ATOM   61  O  OD2 . ASP A 1 9  ? 5.438   -1.098  14.596  1.00 50.50  ? 9    ASP A OD2 1 
ATOM   62  N  N   . GLU A 1 10 ? 8.042   -2.343  10.146  1.00 44.80  ? 10   GLU A N   1 
ATOM   63  C  CA  . GLU A 1 10 ? 9.100   -3.060  9.405   1.00 52.57  ? 10   GLU A CA  1 
ATOM   64  C  C   . GLU A 1 10 ? 9.631   -2.272  8.208   1.00 48.85  ? 10   GLU A C   1 
ATOM   65  O  O   . GLU A 1 10 ? 10.844  -2.222  8.018   1.00 50.31  ? 10   GLU A O   1 
ATOM   66  C  CB  . GLU A 1 10 ? 8.648   -4.470  8.987   1.00 60.75  ? 10   GLU A CB  1 
ATOM   67  C  CG  . GLU A 1 10 ? 8.570   -5.427  10.164  1.00 76.34  ? 10   GLU A CG  1 
ATOM   68  C  CD  . GLU A 1 10 ? 8.046   -6.825  9.794   1.00 86.63  ? 10   GLU A CD  1 
ATOM   69  O  OE1 . GLU A 1 10 ? 7.966   -7.138  8.561   1.00 90.17  ? 10   GLU A OE1 1 
ATOM   70  O  OE2 . GLU A 1 10 ? 7.729   -7.601  10.755  1.00 79.45  ? 10   GLU A OE2 1 
ATOM   71  N  N   . LEU A 1 11 ? 8.753   -1.642  7.412   1.00 38.39  ? 11   LEU A N   1 
ATOM   72  C  CA  . LEU A 1 11 ? 9.184   -0.891  6.216   1.00 39.37  ? 11   LEU A CA  1 
ATOM   73  C  C   . LEU A 1 11 ? 9.963   0.387   6.615   1.00 50.14  ? 11   LEU A C   1 
ATOM   74  O  O   . LEU A 1 11 ? 10.915  0.796   5.926   1.00 43.22  ? 11   LEU A O   1 
ATOM   75  C  CB  . LEU A 1 11 ? 8.022   -0.560  5.274   1.00 37.46  ? 11   LEU A CB  1 
ATOM   76  C  CG  . LEU A 1 11 ? 7.347   -1.787  4.658   1.00 37.97  ? 11   LEU A CG  1 
ATOM   77  C  CD1 . LEU A 1 11 ? 6.194   -1.314  3.826   1.00 36.51  ? 11   LEU A CD1 1 
ATOM   78  C  CD2 . LEU A 1 11 ? 8.379   -2.626  3.830   1.00 40.07  ? 11   LEU A CD2 1 
ATOM   79  N  N   . GLY A 1 12 ? 9.558   0.996   7.729   1.00 45.24  ? 12   GLY A N   1 
ATOM   80  C  CA  . GLY A 1 12 ? 10.246  2.170   8.243   1.00 46.10  ? 12   GLY A CA  1 
ATOM   81  C  C   . GLY A 1 12 ? 11.695  1.841   8.626   1.00 51.49  ? 12   GLY A C   1 
ATOM   82  O  O   . GLY A 1 12 ? 12.606  2.554   8.240   1.00 49.97  ? 12   GLY A O   1 
ATOM   83  N  N   . LYS A 1 13 ? 11.882  0.779   9.408   1.00 53.70  ? 13   LYS A N   1 
ATOM   84  C  CA  . LYS A 1 13 ? 13.177  0.314   9.848   1.00 62.14  ? 13   LYS A CA  1 
ATOM   85  C  C   . LYS A 1 13 ? 14.050  -0.066  8.636   1.00 62.08  ? 13   LYS A C   1 
ATOM   86  O  O   . LYS A 1 13 ? 15.225  0.218   8.604   1.00 68.55  ? 13   LYS A O   1 
ATOM   87  C  CB  . LYS A 1 13 ? 12.976  -0.884  10.776  1.00 74.15  ? 13   LYS A CB  1 
ATOM   88  C  CG  . LYS A 1 13 ? 14.200  -1.349  11.519  1.00 86.72  ? 13   LYS A CG  1 
ATOM   89  C  CD  . LYS A 1 13 ? 14.010  -2.754  12.077  1.00 100.52 ? 13   LYS A CD  1 
ATOM   90  C  CE  . LYS A 1 13 ? 15.108  -3.115  13.069  1.00 108.18 ? 13   LYS A CE  1 
ATOM   91  N  NZ  . LYS A 1 13 ? 15.124  -4.571  13.366  1.00 109.41 ? 13   LYS A NZ  1 
ATOM   92  N  N   . GLN A 1 14 ? 13.462  -0.675  7.620   1.00 53.76  ? 14   GLN A N   1 
ATOM   93  C  CA  . GLN A 1 14 ? 14.219  -1.130  6.441   1.00 51.46  ? 14   GLN A CA  1 
ATOM   94  C  C   . GLN A 1 14 ? 14.665  0.078   5.572   1.00 51.78  ? 14   GLN A C   1 
ATOM   95  O  O   . GLN A 1 14 ? 15.831  0.195   5.196   1.00 61.99  ? 14   GLN A O   1 
ATOM   96  C  CB  . GLN A 1 14 ? 13.354  -2.135  5.628   1.00 50.30  ? 14   GLN A CB  1 
ATOM   97  C  CG  . GLN A 1 14 ? 14.069  -2.917  4.539   1.00 65.68  ? 14   GLN A CG  1 
ATOM   98  C  CD  . GLN A 1 14 ? 13.102  -3.809  3.716   1.00 79.86  ? 14   GLN A CD  1 
ATOM   99  O  OE1 . GLN A 1 14 ? 12.279  -4.539  4.280   1.00 77.23  ? 14   GLN A OE1 1 
ATOM   100 N  NE2 . GLN A 1 14 ? 13.205  -3.735  2.384   1.00 69.26  ? 14   GLN A NE2 1 
ATOM   101 N  N   . ALA A 1 15 ? 13.722  0.960   5.260   1.00 46.92  ? 15   ALA A N   1 
ATOM   102 C  CA  . ALA A 1 15 ? 13.976  2.165   4.495   1.00 59.19  ? 15   ALA A CA  1 
ATOM   103 C  C   . ALA A 1 15 ? 15.037  3.051   5.143   1.00 71.66  ? 15   ALA A C   1 
ATOM   104 O  O   . ALA A 1 15 ? 15.663  3.832   4.446   1.00 68.59  ? 15   ALA A O   1 
ATOM   105 C  CB  . ALA A 1 15 ? 12.688  2.980   4.325   1.00 53.71  ? 15   ALA A CB  1 
ATOM   106 N  N   . LYS A 1 16 ? 15.201  2.944   6.461   1.00 74.88  ? 16   LYS A N   1 
ATOM   107 C  CA  . LYS A 1 16 ? 16.216  3.700   7.187   1.00 76.63  ? 16   LYS A CA  1 
ATOM   108 C  C   . LYS A 1 16 ? 17.576  2.989   7.104   1.00 80.28  ? 16   LYS A C   1 
ATOM   109 O  O   . LYS A 1 16 ? 18.556  3.600   6.716   1.00 88.71  ? 16   LYS A O   1 
ATOM   110 C  CB  . LYS A 1 16 ? 15.786  3.892   8.648   1.00 85.07  ? 16   LYS A CB  1 
ATOM   111 C  CG  . LYS A 1 16 ? 16.761  4.722   9.532   1.00 94.56  ? 16   LYS A CG  1 
ATOM   112 C  CD  . LYS A 1 16 ? 16.292  4.834   11.017  1.00 103.13 ? 16   LYS A CD  1 
ATOM   113 C  CE  . LYS A 1 16 ? 17.328  5.553   11.930  1.00 98.09  ? 16   LYS A CE  1 
ATOM   114 N  NZ  . LYS A 1 16 ? 16.908  5.620   13.374  1.00 98.44  ? 16   LYS A NZ  1 
ATOM   115 N  N   . GLU A 1 17 ? 17.632  1.700   7.444   1.00 73.68  ? 17   GLU A N   1 
ATOM   116 C  CA  . GLU A 1 17 ? 18.875  0.935   7.418   1.00 91.46  ? 17   GLU A CA  1 
ATOM   117 C  C   . GLU A 1 17 ? 19.508  0.920   6.045   1.00 98.51  ? 17   GLU A C   1 
ATOM   118 O  O   . GLU A 1 17 ? 20.683  0.617   5.927   1.00 108.00 ? 17   GLU A O   1 
ATOM   119 C  CB  . GLU A 1 17 ? 18.645  -0.528  7.809   1.00 100.59 ? 17   GLU A CB  1 
ATOM   120 C  CG  . GLU A 1 17 ? 18.420  -0.786  9.279   1.00 109.25 ? 17   GLU A CG  1 
ATOM   121 C  CD  . GLU A 1 17 ? 18.085  -2.249  9.588   1.00 113.91 ? 17   GLU A CD  1 
ATOM   122 O  OE1 . GLU A 1 17 ? 17.247  -2.856  8.876   1.00 116.69 ? 17   GLU A OE1 1 
ATOM   123 O  OE2 . GLU A 1 17 ? 18.651  -2.790  10.563  1.00 114.47 ? 17   GLU A OE2 1 
ATOM   124 N  N   . GLN A 1 18 ? 18.736  1.205   5.005   1.00 82.57  ? 18   GLN A N   1 
ATOM   125 C  CA  . GLN A 1 18 ? 19.227  1.013   3.647   1.00 81.34  ? 18   GLN A CA  1 
ATOM   126 C  C   . GLN A 1 18 ? 19.180  2.263   2.799   1.00 72.14  ? 18   GLN A C   1 
ATOM   127 O  O   . GLN A 1 18 ? 19.685  2.278   1.697   1.00 73.40  ? 18   GLN A O   1 
ATOM   128 C  CB  . GLN A 1 18 ? 18.405  -0.059  2.943   1.00 77.58  ? 18   GLN A CB  1 
ATOM   129 C  CG  . GLN A 1 18 ? 18.311  -1.354  3.696   1.00 79.08  ? 18   GLN A CG  1 
ATOM   130 C  CD  . GLN A 1 18 ? 17.447  -2.366  2.970   1.00 75.71  ? 18   GLN A CD  1 
ATOM   131 O  OE1 . GLN A 1 18 ? 17.000  -2.127  1.845   1.00 69.47  ? 18   GLN A OE1 1 
ATOM   132 N  NE2 . GLN A 1 18 ? 17.220  -3.508  3.601   1.00 76.01  ? 18   GLN A NE2 1 
ATOM   133 N  N   . ASN A 1 19 ? 18.553  3.308   3.303   1.00 72.51  ? 19   ASN A N   1 
ATOM   134 C  CA  . ASN A 1 19 ? 18.431  4.564   2.557   1.00 80.10  ? 19   ASN A CA  1 
ATOM   135 C  C   . ASN A 1 19 ? 17.784  4.427   1.154   1.00 81.03  ? 19   ASN A C   1 
ATOM   136 O  O   . ASN A 1 19 ? 18.264  5.018   0.184   1.00 79.87  ? 19   ASN A O   1 
ATOM   137 C  CB  . ASN A 1 19 ? 19.816  5.254   2.456   1.00 90.07  ? 19   ASN A CB  1 
ATOM   138 C  CG  . ASN A 1 19 ? 19.774  6.742   2.801   1.00 90.15  ? 19   ASN A CG  1 
ATOM   139 O  OD1 . ASN A 1 19 ? 18.714  7.310   3.060   1.00 86.71  ? 19   ASN A OD1 1 
ATOM   140 N  ND2 . ASN A 1 19 ? 20.949  7.380   2.802   1.00 102.29 ? 19   ASN A ND2 1 
ATOM   141 N  N   A LYS A 1 20 ? 16.705  3.643   1.058   0.50 75.90  ? 20   LYS A N   1 
ATOM   142 N  N   B LYS A 1 20 ? 16.701  3.656   1.059   0.50 75.91  ? 20   LYS A N   1 
ATOM   143 C  CA  A LYS A 1 20 ? 15.919  3.538   -0.180  0.50 69.45  ? 20   LYS A CA  1 
ATOM   144 C  CA  B LYS A 1 20 ? 15.860  3.698   -0.135  0.50 68.76  ? 20   LYS A CA  1 
ATOM   145 C  C   A LYS A 1 20 ? 14.489  3.062   0.106   0.50 60.98  ? 20   LYS A C   1 
ATOM   146 C  C   B LYS A 1 20 ? 14.482  3.087   0.113   0.50 61.04  ? 20   LYS A C   1 
ATOM   147 O  O   A LYS A 1 20 ? 14.215  2.530   1.188   0.50 57.18  ? 20   LYS A O   1 
ATOM   148 O  O   B LYS A 1 20 ? 14.237  2.492   1.168   0.50 57.44  ? 20   LYS A O   1 
ATOM   149 C  CB  A LYS A 1 20 ? 16.588  2.586   -1.178  0.50 72.18  ? 20   LYS A CB  1 
ATOM   150 C  CB  B LYS A 1 20 ? 16.542  3.030   -1.333  0.50 71.82  ? 20   LYS A CB  1 
ATOM   151 C  CG  A LYS A 1 20 ? 16.609  1.144   -0.728  0.50 70.60  ? 20   LYS A CG  1 
ATOM   152 C  CG  B LYS A 1 20 ? 16.184  3.713   -2.634  0.50 64.39  ? 20   LYS A CG  1 
ATOM   153 C  CD  A LYS A 1 20 ? 16.721  0.210   -1.910  0.50 72.29  ? 20   LYS A CD  1 
ATOM   154 C  CD  B LYS A 1 20 ? 15.462  2.776   -3.552  0.50 58.92  ? 20   LYS A CD  1 
ATOM   155 C  CE  A LYS A 1 20 ? 16.269  -1.190  -1.547  0.50 75.07  ? 20   LYS A CE  1 
ATOM   156 C  CE  B LYS A 1 20 ? 14.398  3.482   -4.335  0.50 50.93  ? 20   LYS A CE  1 
ATOM   157 N  NZ  A LYS A 1 20 ? 16.090  -2.035  -2.743  0.50 77.49  ? 20   LYS A NZ  1 
ATOM   158 N  NZ  B LYS A 1 20 ? 14.518  4.963   -4.292  0.50 54.82  ? 20   LYS A NZ  1 
ATOM   159 N  N   . ILE A 1 21 ? 13.591  3.272   -0.863  1.00 59.46  ? 21   ILE A N   1 
ATOM   160 C  CA  . ILE A 1 21 ? 12.178  2.847   -0.766  1.00 55.63  ? 21   ILE A CA  1 
ATOM   161 C  C   . ILE A 1 21 ? 12.126  1.393   -0.284  1.00 54.19  ? 21   ILE A C   1 
ATOM   162 O  O   . ILE A 1 21 ? 12.871  0.546   -0.769  1.00 55.02  ? 21   ILE A O   1 
ATOM   163 C  CB  . ILE A 1 21 ? 11.479  3.003   -2.166  1.00 61.79  ? 21   ILE A CB  1 
ATOM   164 C  CG1 . ILE A 1 21 ? 11.561  4.453   -2.654  1.00 67.15  ? 21   ILE A CG1 1 
ATOM   165 C  CG2 . ILE A 1 21 ? 10.013  2.558   -2.179  1.00 45.66  ? 21   ILE A CG2 1 
ATOM   166 C  CD1 . ILE A 1 21 ? 10.881  4.658   -4.024  1.00 69.62  ? 21   ILE A CD1 1 
ATOM   167 N  N   . ALA A 1 22 ? 11.306  1.107   0.711   1.00 49.65  ? 22   ALA A N   1 
ATOM   168 C  CA  . ALA A 1 22 ? 11.054  -0.293  1.090   1.00 49.73  ? 22   ALA A CA  1 
ATOM   169 C  C   . ALA A 1 22 ? 9.561   -0.539  0.982   1.00 48.02  ? 22   ALA A C   1 
ATOM   170 O  O   . ALA A 1 22 ? 8.741   0.295   1.369   1.00 44.53  ? 22   ALA A O   1 
ATOM   171 C  CB  . ALA A 1 22 ? 11.519  -0.576  2.498   1.00 48.92  ? 22   ALA A CB  1 
ATOM   172 N  N   . SER A 1 23 ? 9.211   -1.706  0.476   1.00 39.54  ? 23   SER A N   1 
ATOM   173 C  CA  . SER A 1 23 ? 7.855   -1.966  0.067   1.00 39.46  ? 23   SER A CA  1 
ATOM   174 C  C   . SER A 1 23 ? 7.352   -3.336  0.486   1.00 43.56  ? 23   SER A C   1 
ATOM   175 O  O   . SER A 1 23 ? 8.140   -4.281  0.661   1.00 39.91  ? 23   SER A O   1 
ATOM   176 C  CB  . SER A 1 23 ? 7.729   -1.828  -1.451  1.00 43.24  ? 23   SER A CB  1 
ATOM   177 O  OG  . SER A 1 23 ? 7.845   -0.481  -1.819  1.00 50.69  ? 23   SER A OG  1 
ATOM   178 N  N   . ARG A 1 24 ? 6.028   -3.417  0.633   1.00 34.79  ? 24   ARG A N   1 
ATOM   179 C  CA  . ARG A 1 24 ? 5.383   -4.671  0.960   1.00 33.06  ? 24   ARG A CA  1 
ATOM   180 C  C   . ARG A 1 24 ? 3.932   -4.627  0.532   1.00 31.64  ? 24   ARG A C   1 
ATOM   181 O  O   . ARG A 1 24 ? 3.218   -3.660  0.783   1.00 32.33  ? 24   ARG A O   1 
ATOM   182 C  CB  . ARG A 1 24 ? 5.448   -4.950  2.470   1.00 40.65  ? 24   ARG A CB  1 
ATOM   183 C  CG  . ARG A 1 24 ? 4.972   -6.336  2.766   1.00 44.35  ? 24   ARG A CG  1 
ATOM   184 C  CD  . ARG A 1 24 ? 5.587   -6.888  3.977   1.00 55.60  ? 24   ARG A CD  1 
ATOM   185 N  NE  . ARG A 1 24 ? 4.681   -7.895  4.497   1.00 54.84  ? 24   ARG A NE  1 
ATOM   186 C  CZ  . ARG A 1 24 ? 4.864   -8.542  5.631   1.00 54.66  ? 24   ARG A CZ  1 
ATOM   187 N  NH1 . ARG A 1 24 ? 5.942   -8.260  6.388   1.00 52.52  ? 24   ARG A NH1 1 
ATOM   188 N  NH2 . ARG A 1 24 ? 3.958   -9.458  5.995   1.00 51.07  ? 24   ARG A NH2 1 
ATOM   189 N  N   . ILE A 1 25 ? 3.483   -5.712  -0.067  1.00 31.17  ? 25   ILE A N   1 
ATOM   190 C  CA  . ILE A 1 25 ? 2.057   -5.857  -0.402  1.00 31.29  ? 25   ILE A CA  1 
ATOM   191 C  C   . ILE A 1 25 ? 1.181   -5.973  0.864   1.00 28.80  ? 25   ILE A C   1 
ATOM   192 O  O   . ILE A 1 25 ? 1.530   -6.717  1.777   1.00 40.28  ? 25   ILE A O   1 
ATOM   193 C  CB  . ILE A 1 25 ? 1.909   -7.040  -1.396  1.00 35.03  ? 25   ILE A CB  1 
ATOM   194 C  CG1 . ILE A 1 25 ? 2.472   -6.579  -2.785  1.00 31.91  ? 25   ILE A CG1 1 
ATOM   195 C  CG2 . ILE A 1 25 ? 0.417   -7.455  -1.527  1.00 33.52  ? 25   ILE A CG2 1 
ATOM   196 C  CD1 . ILE A 1 25 ? 2.587   -7.696  -3.768  1.00 37.27  ? 25   ILE A CD1 1 
ATOM   197 N  N   . LEU A 1 26 ? 0.137   -5.140  0.979   1.00 32.19  ? 26   LEU A N   1 
ATOM   198 C  CA  . LEU A 1 26 ? -0.806  -5.255  2.097   1.00 32.28  ? 26   LEU A CA  1 
ATOM   199 C  C   . LEU A 1 26 ? -1.714  -6.429  1.739   1.00 41.18  ? 26   LEU A C   1 
ATOM   200 O  O   . LEU A 1 26 ? -2.158  -6.555  0.624   1.00 46.07  ? 26   LEU A O   1 
ATOM   201 C  CB  . LEU A 1 26 ? -1.653  -3.984  2.258   1.00 30.05  ? 26   LEU A CB  1 
ATOM   202 C  CG  . LEU A 1 26 ? -0.782  -2.751  2.535   1.00 38.25  ? 26   LEU A CG  1 
ATOM   203 C  CD1 . LEU A 1 26 ? -1.662  -1.530  2.759   1.00 40.27  ? 26   LEU A CD1 1 
ATOM   204 C  CD2 . LEU A 1 26 ? 0.101   -3.010  3.742   1.00 38.91  ? 26   LEU A CD2 1 
ATOM   205 N  N   . LYS A 1 27 ? -2.022  -7.309  2.646   1.00 40.60  ? 27   LYS A N   1 
ATOM   206 C  CA  . LYS A 1 27 ? -2.879  -8.376  2.182   1.00 42.28  ? 27   LYS A CA  1 
ATOM   207 C  C   . LYS A 1 27 ? -4.320  -8.087  2.592   1.00 44.27  ? 27   LYS A C   1 
ATOM   208 O  O   . LYS A 1 27 ? -4.860  -8.691  3.474   1.00 50.08  ? 27   LYS A O   1 
ATOM   209 C  CB  . LYS A 1 27 ? -2.315  -9.717  2.576   1.00 49.17  ? 27   LYS A CB  1 
ATOM   210 C  CG  . LYS A 1 27 ? -1.115  -10.054 1.640   1.00 50.25  ? 27   LYS A CG  1 
ATOM   211 C  CD  . LYS A 1 27 ? -0.562  -11.435 1.898   1.00 57.33  ? 27   LYS A CD  1 
ATOM   212 C  CE  . LYS A 1 27 ? 0.332   -11.955 0.770   1.00 57.80  ? 27   LYS A CE  1 
ATOM   213 N  NZ  . LYS A 1 27 ? 0.757   -13.380 1.075   1.00 65.92  ? 27   LYS A NZ  1 
ATOM   214 N  N   . ILE A 1 28 ? -4.912  -7.107  1.916   1.00 39.02  ? 28   ILE A N   1 
ATOM   215 C  CA  . ILE A 1 28 ? -6.284  -6.689  2.211   1.00 41.10  ? 28   ILE A CA  1 
ATOM   216 C  C   . ILE A 1 28 ? -7.255  -7.811  1.817   1.00 49.79  ? 28   ILE A C   1 
ATOM   217 O  O   . ILE A 1 28 ? -7.286  -8.236  0.643   1.00 42.20  ? 28   ILE A O   1 
ATOM   218 C  CB  . ILE A 1 28 ? -6.602  -5.494  1.423   1.00 40.90  ? 28   ILE A CB  1 
ATOM   219 C  CG1 . ILE A 1 28 ? -5.701  -4.322  1.841   1.00 37.40  ? 28   ILE A CG1 1 
ATOM   220 C  CG2 . ILE A 1 28 ? -8.078  -5.125  1.593   1.00 44.05  ? 28   ILE A CG2 1 
ATOM   221 C  CD1 . ILE A 1 28 ? -5.701  -3.217  0.844   1.00 34.00  ? 28   ILE A CD1 1 
ATOM   222 N  N   . LYS A 1 29 ? -8.054  -8.292  2.763   1.00 47.24  ? 29   LYS A N   1 
ATOM   223 C  CA  . LYS A 1 29 ? -8.920  -9.463  2.502   1.00 49.62  ? 29   LYS A CA  1 
ATOM   224 C  C   . LYS A 1 29 ? -9.953  -9.205  1.378   1.00 48.17  ? 29   LYS A C   1 
ATOM   225 O  O   . LYS A 1 29 ? -10.622 -8.171  1.378   1.00 45.59  ? 29   LYS A O   1 
ATOM   226 C  CB  . LYS A 1 29 ? -9.636  -9.909  3.808   1.00 60.30  ? 29   LYS A CB  1 
ATOM   227 C  CG  . LYS A 1 29 ? -10.595 -11.148 3.658   1.00 67.29  ? 29   LYS A CG  1 
ATOM   228 C  CD  . LYS A 1 29 ? -11.134 -11.688 5.032   1.00 83.06  ? 29   LYS A CD  1 
ATOM   229 C  CE  . LYS A 1 29 ? -12.384 -12.607 4.913   1.00 83.40  ? 29   LYS A CE  1 
ATOM   230 N  NZ  . LYS A 1 29 ? -12.928 -13.050 6.259   1.00 87.13  ? 29   LYS A NZ  1 
ATOM   231 N  N   . GLY A 1 30 ? -10.066 -10.129 0.426   1.00 42.30  ? 30   GLY A N   1 
ATOM   232 C  CA  . GLY A 1 30 ? -11.150 -10.083 -0.546  1.00 47.27  ? 30   GLY A CA  1 
ATOM   233 C  C   . GLY A 1 30 ? -10.752 -9.504  -1.892  1.00 50.41  ? 30   GLY A C   1 
ATOM   234 O  O   . GLY A 1 30 ? -11.498 -9.563  -2.873  1.00 45.35  ? 30   GLY A O   1 
ATOM   235 N  N   . ILE A 1 31 ? -9.558  -8.946  -1.968  1.00 50.26  ? 31   ILE A N   1 
ATOM   236 C  CA  . ILE A 1 31 ? -9.182  -8.357  -3.213  1.00 50.40  ? 31   ILE A CA  1 
ATOM   237 C  C   . ILE A 1 31 ? -8.876  -9.473  -4.219  1.00 53.09  ? 31   ILE A C   1 
ATOM   238 O  O   . ILE A 1 31 ? -8.144  -10.398 -3.916  1.00 45.29  ? 31   ILE A O   1 
ATOM   239 C  CB  . ILE A 1 31 ? -8.031  -7.426  -3.053  1.00 47.63  ? 31   ILE A CB  1 
ATOM   240 C  CG1 . ILE A 1 31 ? -8.450  -6.258  -2.160  1.00 50.13  ? 31   ILE A CG1 1 
ATOM   241 C  CG2 . ILE A 1 31 ? -7.645  -6.855  -4.415  1.00 52.26  ? 31   ILE A CG2 1 
ATOM   242 C  CD1 . ILE A 1 31 ? -7.589  -5.040  -2.384  1.00 48.10  ? 31   ILE A CD1 1 
ATOM   243 N  N   . LYS A 1 32 ? -9.463  -9.371  -5.407  1.00 53.43  ? 32   LYS A N   1 
ATOM   244 C  CA  . LYS A 1 32 ? -9.237  -10.342 -6.471  1.00 51.26  ? 32   LYS A CA  1 
ATOM   245 C  C   . LYS A 1 32 ? -8.043  -10.012 -7.381  1.00 46.60  ? 32   LYS A C   1 
ATOM   246 O  O   . LYS A 1 32 ? -7.273  -10.892 -7.698  1.00 45.41  ? 32   LYS A O   1 
ATOM   247 C  CB  . LYS A 1 32 ? -10.516 -10.523 -7.285  1.00 53.21  ? 32   LYS A CB  1 
ATOM   248 C  CG  . LYS A 1 32 ? -11.728 -10.710 -6.415  1.00 55.86  ? 32   LYS A CG  1 
ATOM   249 C  CD  . LYS A 1 32 ? -13.052 -10.526 -7.203  1.00 76.72  ? 32   LYS A CD  1 
ATOM   250 C  CE  . LYS A 1 32 ? -13.629 -11.851 -7.711  1.00 86.87  ? 32   LYS A CE  1 
ATOM   251 N  NZ  . LYS A 1 32 ? -14.187 -12.746 -6.644  1.00 91.14  ? 32   LYS A NZ  1 
ATOM   252 N  N   . ARG A 1 33 ? -7.807  -8.760  -7.746  1.00 45.28  ? 33   ARG A N   1 
ATOM   253 C  CA  . ARG A 1 33 ? -6.794  -8.484  -8.767  1.00 43.00  ? 33   ARG A CA  1 
ATOM   254 C  C   . ARG A 1 33 ? -5.930  -7.267  -8.478  1.00 51.28  ? 33   ARG A C   1 
ATOM   255 O  O   . ARG A 1 33 ? -4.745  -7.254  -8.825  1.00 47.78  ? 33   ARG A O   1 
ATOM   256 C  CB  . ARG A 1 33 ? -7.480  -8.353  -10.172 1.00 39.22  ? 33   ARG A CB  1 
ATOM   257 C  CG  . ARG A 1 33 ? -6.501  -8.468  -11.389 1.00 60.52  ? 33   ARG A CG  1 
ATOM   258 C  CD  . ARG A 1 33 ? -7.201  -8.073  -12.715 1.00 67.82  ? 33   ARG A CD  1 
ATOM   259 N  NE  . ARG A 1 33 ? -7.440  -6.620  -12.847 1.00 57.56  ? 33   ARG A NE  1 
ATOM   260 C  CZ  . ARG A 1 33 ? -6.723  -5.774  -13.604 1.00 51.80  ? 33   ARG A CZ  1 
ATOM   261 N  NH1 . ARG A 1 33 ? -5.710  -6.194  -14.339 1.00 52.23  ? 33   ARG A NH1 1 
ATOM   262 N  NH2 . ARG A 1 33 ? -7.047  -4.488  -13.661 1.00 47.74  ? 33   ARG A NH2 1 
ATOM   263 N  N   . ILE A 1 34 ? -6.490  -6.213  -7.890  1.00 40.77  ? 34   ILE A N   1 
ATOM   264 C  CA  . ILE A 1 34 ? -5.682  -5.049  -7.660  1.00 41.30  ? 34   ILE A CA  1 
ATOM   265 C  C   . ILE A 1 34 ? -4.890  -5.398  -6.362  1.00 56.29  ? 34   ILE A C   1 
ATOM   266 O  O   . ILE A 1 34 ? -5.429  -6.000  -5.436  1.00 60.07  ? 34   ILE A O   1 
ATOM   267 C  CB  . ILE A 1 34 ? -6.524  -3.825  -7.527  1.00 41.72  ? 34   ILE A CB  1 
ATOM   268 C  CG1 . ILE A 1 34 ? -7.456  -3.689  -8.736  1.00 45.76  ? 34   ILE A CG1 1 
ATOM   269 C  CG2 . ILE A 1 34 ? -5.651  -2.558  -7.461  1.00 42.43  ? 34   ILE A CG2 1 
ATOM   270 C  CD1 . ILE A 1 34 ? -8.393  -2.489  -8.599  1.00 46.22  ? 34   ILE A CD1 1 
ATOM   271 N  N   . VAL A 1 35 ? -3.610  -5.086  -6.329  1.00 42.40  ? 35   VAL A N   1 
ATOM   272 C  CA  . VAL A 1 35 ? -2.761  -5.406  -5.184  1.00 45.28  ? 35   VAL A CA  1 
ATOM   273 C  C   . VAL A 1 35 ? -2.420  -4.049  -4.655  1.00 41.88  ? 35   VAL A C   1 
ATOM   274 O  O   . VAL A 1 35 ? -2.156  -3.141  -5.450  1.00 39.87  ? 35   VAL A O   1 
ATOM   275 C  CB  . VAL A 1 35 ? -1.501  -6.118  -5.702  1.00 56.00  ? 35   VAL A CB  1 
ATOM   276 C  CG1 . VAL A 1 35 ? -0.469  -6.232  -4.665  1.00 53.95  ? 35   VAL A CG1 1 
ATOM   277 C  CG2 . VAL A 1 35 ? -1.850  -7.509  -6.293  1.00 53.67  ? 35   VAL A CG2 1 
ATOM   278 N  N   . VAL A 1 36 ? -2.494  -3.838  -3.347  1.00 39.33  ? 36   VAL A N   1 
ATOM   279 C  CA  . VAL A 1 36 ? -2.076  -2.563  -2.795  1.00 36.37  ? 36   VAL A CA  1 
ATOM   280 C  C   . VAL A 1 36 ? -0.706  -2.803  -2.161  1.00 36.76  ? 36   VAL A C   1 
ATOM   281 O  O   . VAL A 1 36 ? -0.498  -3.779  -1.425  1.00 36.44  ? 36   VAL A O   1 
ATOM   282 C  CB  . VAL A 1 36 ? -3.052  -1.985  -1.700  1.00 39.32  ? 36   VAL A CB  1 
ATOM   283 C  CG1 . VAL A 1 36 ? -2.493  -0.777  -1.142  1.00 39.09  ? 36   VAL A CG1 1 
ATOM   284 C  CG2 . VAL A 1 36 ? -4.397  -1.633  -2.289  1.00 44.90  ? 36   VAL A CG2 1 
ATOM   285 N  N   . GLN A 1 37 ? 0.239   -1.957  -2.492  1.00 34.44  ? 37   GLN A N   1 
ATOM   286 C  CA  . GLN A 1 37 ? 1.606   -2.139  -1.989  1.00 32.81  ? 37   GLN A CA  1 
ATOM   287 C  C   . GLN A 1 37 ? 1.882   -0.920  -1.126  1.00 36.37  ? 37   GLN A C   1 
ATOM   288 O  O   . GLN A 1 37 ? 1.616   0.198   -1.540  1.00 44.15  ? 37   GLN A O   1 
ATOM   289 C  CB  . GLN A 1 37 ? 2.573   -2.160  -3.151  1.00 31.93  ? 37   GLN A CB  1 
ATOM   290 C  CG  . GLN A 1 37 ? 4.003   -2.298  -2.720  1.00 36.60  ? 37   GLN A CG  1 
ATOM   291 C  CD  . GLN A 1 37 ? 4.893   -2.466  -3.936  1.00 42.32  ? 37   GLN A CD  1 
ATOM   292 O  OE1 . GLN A 1 37 ? 4.904   -3.515  -4.526  1.00 41.44  ? 37   GLN A OE1 1 
ATOM   293 N  NE2 . GLN A 1 37 ? 5.609   -1.420  -4.322  1.00 41.21  ? 37   GLN A NE2 1 
ATOM   294 N  N   . LEU A 1 38 ? 2.385   -1.113  0.073   1.00 31.91  ? 38   LEU A N   1 
ATOM   295 C  CA  . LEU A 1 38 ? 2.740   0.024   0.907   1.00 35.70  ? 38   LEU A CA  1 
ATOM   296 C  C   . LEU A 1 38 ? 4.212   0.344   0.697   1.00 39.81  ? 38   LEU A C   1 
ATOM   297 O  O   . LEU A 1 38 ? 5.023   -0.553  0.682   1.00 36.41  ? 38   LEU A O   1 
ATOM   298 C  CB  . LEU A 1 38 ? 2.465   -0.263  2.392   1.00 30.71  ? 38   LEU A CB  1 
ATOM   299 C  CG  . LEU A 1 38 ? 2.832   0.868   3.349   1.00 39.52  ? 38   LEU A CG  1 
ATOM   300 C  CD1 . LEU A 1 38 ? 1.894   2.118   3.186   1.00 39.69  ? 38   LEU A CD1 1 
ATOM   301 C  CD2 . LEU A 1 38 ? 2.766   0.333   4.759   1.00 38.99  ? 38   LEU A CD2 1 
ATOM   302 N  N   . ASN A 1 39 ? 4.552   1.624   0.552   1.00 33.48  ? 39   ASN A N   1 
ATOM   303 C  CA  . ASN A 1 39 ? 5.926   2.047   0.363   1.00 39.00  ? 39   ASN A CA  1 
ATOM   304 C  C   . ASN A 1 39 ? 6.415   3.038   1.431   1.00 41.96  ? 39   ASN A C   1 
ATOM   305 O  O   . ASN A 1 39 ? 5.736   4.004   1.750   1.00 43.28  ? 39   ASN A O   1 
ATOM   306 C  CB  . ASN A 1 39 ? 6.040   2.692   -1.005  1.00 43.40  ? 39   ASN A CB  1 
ATOM   307 C  CG  . ASN A 1 39 ? 5.350   1.885   -2.079  1.00 41.31  ? 39   ASN A CG  1 
ATOM   308 O  OD1 . ASN A 1 39 ? 5.816   0.835   -2.457  1.00 37.84  ? 39   ASN A OD1 1 
ATOM   309 N  ND2 . ASN A 1 39 ? 4.230   2.381   -2.570  1.00 45.27  ? 39   ASN A ND2 1 
ATOM   310 N  N   . ALA A 1 40 ? 7.578   2.755   1.995   1.00 47.42  ? 40   ALA A N   1 
ATOM   311 C  CA  . ALA A 1 40 ? 8.269   3.678   2.877   1.00 50.76  ? 40   ALA A CA  1 
ATOM   312 C  C   . ALA A 1 40 ? 9.413   4.334   2.101   1.00 60.89  ? 40   ALA A C   1 
ATOM   313 O  O   . ALA A 1 40 ? 10.357  3.655   1.678   1.00 57.11  ? 40   ALA A O   1 
ATOM   314 C  CB  . ALA A 1 40 ? 8.839   2.952   4.071   1.00 44.10  ? 40   ALA A CB  1 
ATOM   315 N  N   . VAL A 1 41 ? 9.321   5.653   1.945   1.00 51.59  ? 41   VAL A N   1 
ATOM   316 C  CA  . VAL A 1 41 ? 10.191  6.408   1.063   1.00 54.12  ? 41   VAL A CA  1 
ATOM   317 C  C   . VAL A 1 41 ? 11.024  7.379   1.903   1.00 62.83  ? 41   VAL A C   1 
ATOM   318 O  O   . VAL A 1 41 ? 10.466  8.189   2.613   1.00 61.21  ? 41   VAL A O   1 
ATOM   319 C  CB  . VAL A 1 41 ? 9.358   7.198   0.038   1.00 54.58  ? 41   VAL A CB  1 
ATOM   320 C  CG1 . VAL A 1 41 ? 10.275  8.056   -0.838  1.00 64.04  ? 41   VAL A CG1 1 
ATOM   321 C  CG2 . VAL A 1 41 ? 8.528   6.258   -0.827  1.00 53.46  ? 41   VAL A CG2 1 
ATOM   322 N  N   . PRO A 1 42 ? 12.365  7.280   1.852   1.00 78.34  ? 42   PRO A N   1 
ATOM   323 C  CA  . PRO A 1 42 ? 13.207  8.107   2.719   1.00 88.98  ? 42   PRO A CA  1 
ATOM   324 C  C   . PRO A 1 42 ? 13.795  9.305   1.988   1.00 89.62  ? 42   PRO A C   1 
ATOM   325 O  O   . PRO A 1 42 ? 13.157  10.351  1.955   1.00 89.46  ? 42   PRO A O   1 
ATOM   326 C  CB  . PRO A 1 42 ? 14.328  7.149   3.127   1.00 94.45  ? 42   PRO A CB  1 
ATOM   327 C  CG  . PRO A 1 42 ? 14.288  6.004   2.091   1.00 77.07  ? 42   PRO A CG  1 
ATOM   328 C  CD  . PRO A 1 42 ? 13.177  6.298   1.118   1.00 74.06  ? 42   PRO A CD  1 
ATOM   329 N  N   . LYS A 1 46 ? 11.849  11.778  8.230   1.00 98.39  ? 46   LYS A N   1 
ATOM   330 C  CA  . LYS A 1 46 ? 12.580  11.563  6.996   1.00 101.97 ? 46   LYS A CA  1 
ATOM   331 C  C   . LYS A 1 46 ? 12.093  10.287  6.274   1.00 96.40  ? 46   LYS A C   1 
ATOM   332 O  O   . LYS A 1 46 ? 12.628  9.926   5.229   1.00 95.25  ? 46   LYS A O   1 
ATOM   333 C  CB  . LYS A 1 46 ? 14.073  11.453  7.296   1.00 103.91 ? 46   LYS A CB  1 
ATOM   334 C  CG  . LYS A 1 46 ? 14.335  10.372  8.308   1.00 103.50 ? 46   LYS A CG  1 
ATOM   335 C  CD  . LYS A 1 46 ? 15.780  10.039  8.436   1.00 107.30 ? 46   LYS A CD  1 
ATOM   336 C  CE  . LYS A 1 46 ? 15.966  8.940   9.474   1.00 111.67 ? 46   LYS A CE  1 
ATOM   337 N  NZ  . LYS A 1 46 ? 15.229  7.668   9.167   1.00 110.66 ? 46   LYS A NZ  1 
ATOM   338 N  N   . ILE A 1 47 ? 11.104  9.598   6.845   1.00 82.35  ? 47   ILE A N   1 
ATOM   339 C  CA  . ILE A 1 47 ? 10.404  8.507   6.155   1.00 68.48  ? 47   ILE A CA  1 
ATOM   340 C  C   . ILE A 1 47 ? 8.958   8.925   5.922   1.00 67.24  ? 47   ILE A C   1 
ATOM   341 O  O   . ILE A 1 47 ? 8.274   9.276   6.876   1.00 65.64  ? 47   ILE A O   1 
ATOM   342 C  CB  . ILE A 1 47 ? 10.430  7.186   6.962   1.00 64.99  ? 47   ILE A CB  1 
ATOM   343 C  CG1 . ILE A 1 47 ? 11.847  6.634   6.997   1.00 73.65  ? 47   ILE A CG1 1 
ATOM   344 C  CG2 . ILE A 1 47 ? 9.511   6.109   6.315   1.00 63.77  ? 47   ILE A CG2 1 
ATOM   345 C  CD1 . ILE A 1 47 ? 11.963  5.361   7.764   1.00 77.29  ? 47   ILE A CD1 1 
ATOM   346 N  N   . ARG A 1 48 ? 8.509   8.892   4.660   1.00 56.03  ? 48   ARG A N   1 
ATOM   347 C  CA  . ARG A 1 48 ? 7.117   9.156   4.292   1.00 62.30  ? 48   ARG A CA  1 
ATOM   348 C  C   . ARG A 1 48 ? 6.478   7.930   3.573   1.00 66.56  ? 48   ARG A C   1 
ATOM   349 O  O   . ARG A 1 48 ? 7.162   7.189   2.860   1.00 60.55  ? 48   ARG A O   1 
ATOM   350 C  CB  . ARG A 1 48 ? 7.028   10.420  3.419   1.00 65.35  ? 48   ARG A CB  1 
ATOM   351 C  CG  . ARG A 1 48 ? 7.460   11.750  4.174   1.00 63.81  ? 48   ARG A CG  1 
ATOM   352 C  CD  . ARG A 1 48 ? 6.651   11.954  5.457   1.00 79.53  ? 48   ARG A CD  1 
ATOM   353 N  NE  . ARG A 1 48 ? 7.188   12.971  6.378   1.00 88.40  ? 48   ARG A NE  1 
ATOM   354 C  CZ  . ARG A 1 48 ? 6.855   14.263  6.355   1.00 94.19  ? 48   ARG A CZ  1 
ATOM   355 N  NH1 . ARG A 1 48 ? 6.001   14.717  5.443   1.00 99.52  ? 48   ARG A NH1 1 
ATOM   356 N  NH2 . ARG A 1 48 ? 7.373   15.107  7.242   1.00 94.74  ? 48   ARG A NH2 1 
ATOM   357 N  N   . TYR A 1 49 ? 5.180   7.715   3.737   1.00 53.42  ? 49   TYR A N   1 
ATOM   358 C  CA  . TYR A 1 49 ? 4.576   6.526   3.165   1.00 53.16  ? 49   TYR A CA  1 
ATOM   359 C  C   . TYR A 1 49 ? 3.703   6.845   1.971   1.00 60.37  ? 49   TYR A C   1 
ATOM   360 O  O   . TYR A 1 49 ? 3.175   7.947   1.844   1.00 50.59  ? 49   TYR A O   1 
ATOM   361 C  CB  . TYR A 1 49 ? 3.748   5.814   4.220   1.00 51.14  ? 49   TYR A CB  1 
ATOM   362 C  CG  . TYR A 1 49 ? 4.620   5.179   5.255   1.00 52.50  ? 49   TYR A CG  1 
ATOM   363 C  CD1 . TYR A 1 49 ? 5.045   3.873   5.114   1.00 48.28  ? 49   TYR A CD1 1 
ATOM   364 C  CD2 . TYR A 1 49 ? 5.045   5.900   6.359   1.00 50.59  ? 49   TYR A CD2 1 
ATOM   365 C  CE1 . TYR A 1 49 ? 5.834   3.298   6.040   1.00 41.43  ? 49   TYR A CE1 1 
ATOM   366 C  CE2 . TYR A 1 49 ? 5.852   5.330   7.297   1.00 49.67  ? 49   TYR A CE2 1 
ATOM   367 C  CZ  . TYR A 1 49 ? 6.249   4.022   7.123   1.00 44.97  ? 49   TYR A CZ  1 
ATOM   368 O  OH  . TYR A 1 49 ? 7.062   3.453   8.060   1.00 45.27  ? 49   TYR A OH  1 
ATOM   369 N  N   . SER A 1 50 ? 3.537   5.864   1.097   1.00 48.86  ? 50   SER A N   1 
ATOM   370 C  CA  . SER A 1 50 ? 2.533   5.963   0.048   1.00 51.96  ? 50   SER A CA  1 
ATOM   371 C  C   . SER A 1 50 ? 2.034   4.597   -0.276  1.00 48.36  ? 50   SER A C   1 
ATOM   372 O  O   . SER A 1 50 ? 2.640   3.563   0.055   1.00 41.89  ? 50   SER A O   1 
ATOM   373 C  CB  . SER A 1 50 ? 3.125   6.546   -1.242  1.00 49.55  ? 50   SER A CB  1 
ATOM   374 O  OG  . SER A 1 50 ? 4.147   5.704   -1.768  1.00 58.50  ? 50   SER A OG  1 
HETATM 375 N  N   . MSE A 1 51 ? 0.926   4.561   -0.964  1.00 43.73  ? 51   MSE A N   1 
HETATM 376 C  CA  A MSE A 1 51 ? 0.411   3.302   -1.360  0.50 44.15  ? 51   MSE A CA  1 
HETATM 377 C  CA  B MSE A 1 51 ? 0.409   3.293   -1.378  0.50 44.17  ? 51   MSE A CA  1 
HETATM 378 C  C   . MSE A 1 51 ? 0.173   3.298   -2.857  1.00 39.88  ? 51   MSE A C   1 
HETATM 379 O  O   . MSE A 1 51 ? -0.410  4.210   -3.407  1.00 40.05  ? 51   MSE A O   1 
HETATM 380 C  CB  A MSE A 1 51 ? -0.830  3.062   -0.560  0.50 44.85  ? 51   MSE A CB  1 
HETATM 381 C  CB  B MSE A 1 51 ? -0.859  2.977   -0.640  0.50 43.47  ? 51   MSE A CB  1 
HETATM 382 C  CG  A MSE A 1 51 ? -0.500  3.071   0.926   0.50 55.09  ? 51   MSE A CG  1 
HETATM 383 C  CG  B MSE A 1 51 ? -0.591  2.617   0.787   0.50 53.18  ? 51   MSE A CG  1 
HETATM 384 SE SE  A MSE A 1 51 ? -2.057  3.489   2.030   0.50 60.00  ? 51   MSE A SE  1 
HETATM 385 SE SE  B MSE A 1 51 ? -2.277  2.384   1.749   0.50 57.55  ? 51   MSE A SE  1 
HETATM 386 C  CE  A MSE A 1 51 ? -3.014  1.873   1.485   0.50 38.13  ? 51   MSE A CE  1 
HETATM 387 C  CE  B MSE A 1 51 ? -2.766  4.287   1.823   0.50 41.21  ? 51   MSE A CE  1 
ATOM   388 N  N   . THR A 1 52 ? 0.650   2.266   -3.512  1.00 43.69  ? 52   THR A N   1 
ATOM   389 C  CA  . THR A 1 52 ? 0.458   2.207   -4.926  1.00 43.03  ? 52   THR A CA  1 
ATOM   390 C  C   . THR A 1 52 ? -0.368  0.956   -5.223  1.00 42.57  ? 52   THR A C   1 
ATOM   391 O  O   . THR A 1 52 ? -0.360  -0.021  -4.457  1.00 37.37  ? 52   THR A O   1 
ATOM   392 C  CB  . THR A 1 52 ? 1.833   2.253   -5.653  1.00 43.10  ? 52   THR A CB  1 
ATOM   393 O  OG1 . THR A 1 52 ? 2.735   1.340   -5.020  1.00 44.09  ? 52   THR A OG1 1 
ATOM   394 C  CG2 . THR A 1 52 ? 2.434   3.625   -5.582  1.00 47.36  ? 52   THR A CG2 1 
ATOM   395 N  N   . ILE A 1 53 ? -1.085  0.972   -6.344  1.00 34.35  ? 53   ILE A N   1 
ATOM   396 C  CA  . ILE A 1 53 ? -1.840  -0.202  -6.718  1.00 40.26  ? 53   ILE A CA  1 
ATOM   397 C  C   . ILE A 1 53 ? -1.233  -0.865  -7.959  1.00 37.35  ? 53   ILE A C   1 
ATOM   398 O  O   . ILE A 1 53 ? -0.672  -0.196  -8.815  1.00 41.20  ? 53   ILE A O   1 
ATOM   399 C  CB  . ILE A 1 53 ? -3.348  0.124   -6.922  1.00 44.34  ? 53   ILE A CB  1 
ATOM   400 C  CG1 . ILE A 1 53 ? -3.534  1.131   -8.028  1.00 45.72  ? 53   ILE A CG1 1 
ATOM   401 C  CG2 . ILE A 1 53 ? -3.937  0.630   -5.620  1.00 44.74  ? 53   ILE A CG2 1 
ATOM   402 C  CD1 . ILE A 1 53 ? -4.977  1.302   -8.425  1.00 54.55  ? 53   ILE A CD1 1 
ATOM   403 N  N   . HIS A 1 54 ? -1.403  -2.178  -8.058  1.00 41.37  ? 54   HIS A N   1 
ATOM   404 C  CA  . HIS A 1 54 ? -0.711  -3.001  -9.064  1.00 36.17  ? 54   HIS A CA  1 
ATOM   405 C  C   . HIS A 1 54 ? -1.596  -4.111  -9.479  1.00 42.51  ? 54   HIS A C   1 
ATOM   406 O  O   . HIS A 1 54 ? -2.389  -4.609  -8.691  1.00 53.23  ? 54   HIS A O   1 
ATOM   407 C  CB  . HIS A 1 54 ? 0.565   -3.603  -8.462  1.00 37.69  ? 54   HIS A CB  1 
ATOM   408 C  CG  . HIS A 1 54 ? 1.412   -2.567  -7.796  1.00 44.97  ? 54   HIS A CG  1 
ATOM   409 N  ND1 . HIS A 1 54 ? 2.404   -1.885  -8.462  1.00 46.70  ? 54   HIS A ND1 1 
ATOM   410 C  CD2 . HIS A 1 54 ? 1.295   -1.984  -6.575  1.00 39.92  ? 54   HIS A CD2 1 
ATOM   411 C  CE1 . HIS A 1 54 ? 2.924   -0.967  -7.656  1.00 49.74  ? 54   HIS A CE1 1 
ATOM   412 N  NE2 . HIS A 1 54 ? 2.267   -1.001  -6.511  1.00 39.08  ? 54   HIS A NE2 1 
ATOM   413 N  N   . SER A 1 55 ? -1.459  -4.530  -10.718 1.00 40.07  ? 55   SER A N   1 
ATOM   414 C  CA  . SER A 1 55 ? -2.179  -5.695  -11.134 1.00 40.25  ? 55   SER A CA  1 
ATOM   415 C  C   . SER A 1 55 ? -1.316  -6.912  -10.862 1.00 40.78  ? 55   SER A C   1 
ATOM   416 O  O   . SER A 1 55 ? -0.090  -6.892  -10.965 1.00 43.51  ? 55   SER A O   1 
ATOM   417 C  CB  . SER A 1 55 ? -2.581  -5.578  -12.593 1.00 41.13  ? 55   SER A CB  1 
ATOM   418 O  OG  . SER A 1 55 ? -1.429  -5.676  -13.388 1.00 41.67  ? 55   SER A OG  1 
ATOM   419 N  N   . GLN A 1 56 ? -1.943  -8.003  -10.487 1.00 47.46  ? 56   GLN A N   1 
ATOM   420 C  CA  A GLN A 1 56 ? -1.155  -9.197  -10.257 0.50 49.35  ? 56   GLN A CA  1 
ATOM   421 C  CA  B GLN A 1 56 ? -1.230  -9.256  -10.276 0.50 49.74  ? 56   GLN A CA  1 
ATOM   422 C  C   . GLN A 1 56 ? -0.676  -9.715  -11.602 1.00 43.22  ? 56   GLN A C   1 
ATOM   423 O  O   . GLN A 1 56 ? 0.303   -10.428 -11.681 1.00 46.65  ? 56   GLN A O   1 
ATOM   424 C  CB  A GLN A 1 56 ? -1.970  -10.248 -9.512  0.50 50.29  ? 56   GLN A CB  1 
ATOM   425 C  CB  B GLN A 1 56 ? -2.176  -10.350 -9.777  0.50 51.58  ? 56   GLN A CB  1 
ATOM   426 C  CG  A GLN A 1 56 ? -3.320  -10.426 -10.109 0.50 51.56  ? 56   GLN A CG  1 
ATOM   427 C  CG  B GLN A 1 56 ? -2.419  -11.389 -10.869 0.50 53.13  ? 56   GLN A CG  1 
ATOM   428 C  CD  A GLN A 1 56 ? -4.044  -11.530 -9.456  0.50 52.33  ? 56   GLN A CD  1 
ATOM   429 C  CD  B GLN A 1 56 ? -3.696  -12.134 -10.698 0.50 48.50  ? 56   GLN A CD  1 
ATOM   430 O  OE1 A GLN A 1 56 ? -5.035  -11.305 -8.762  0.50 54.10  ? 56   GLN A OE1 1 
ATOM   431 O  OE1 B GLN A 1 56 ? -4.593  -12.065 -11.544 0.50 54.40  ? 56   GLN A OE1 1 
ATOM   432 N  NE2 A GLN A 1 56 ? -3.546  -12.749 -9.643  0.50 35.08  ? 56   GLN A NE2 1 
ATOM   433 N  NE2 B GLN A 1 56 ? -3.802  -12.850 -9.595  0.50 45.98  ? 56   GLN A NE2 1 
ATOM   434 N  N   . ASN A 1 57 ? -1.319  -9.298  -12.666 1.00 48.71  ? 57   ASN A N   1 
ATOM   435 C  CA  . ASN A 1 57 ? -0.963  -9.877  -13.942 1.00 47.21  ? 57   ASN A CA  1 
ATOM   436 C  C   . ASN A 1 57 ? 0.118   -9.098  -14.714 1.00 51.63  ? 57   ASN A C   1 
ATOM   437 O  O   . ASN A 1 57 ? 0.869   -9.702  -15.465 1.00 54.52  ? 57   ASN A O   1 
ATOM   438 C  CB  . ASN A 1 57 ? -2.236  -10.230 -14.781 1.00 61.83  ? 57   ASN A CB  1 
ATOM   439 C  CG  . ASN A 1 57 ? -3.381  -9.211  -14.627 1.00 62.19  ? 57   ASN A CG  1 
ATOM   440 O  OD1 . ASN A 1 57 ? -4.122  -9.117  -13.595 1.00 39.29  ? 57   ASN A OD1 1 
ATOM   441 N  ND2 . ASN A 1 57 ? -3.531  -8.440  -15.683 1.00 62.26  ? 57   ASN A ND2 1 
ATOM   442 N  N   . ASN A 1 58 ? 0.214   -7.786  -14.510 1.00 59.65  ? 58   ASN A N   1 
ATOM   443 C  CA  . ASN A 1 58 ? 1.333   -7.004  -15.029 1.00 77.17  ? 58   ASN A CA  1 
ATOM   444 C  C   . ASN A 1 58 ? 1.925   -6.206  -13.883 1.00 74.74  ? 58   ASN A C   1 
ATOM   445 O  O   . ASN A 1 58 ? 1.743   -4.991  -13.794 1.00 72.18  ? 58   ASN A O   1 
ATOM   446 C  CB  . ASN A 1 58 ? 0.875   -6.097  -16.171 1.00 88.65  ? 58   ASN A CB  1 
ATOM   447 C  CG  . ASN A 1 58 ? 0.687   -6.863  -17.471 1.00 102.54 ? 58   ASN A CG  1 
ATOM   448 O  OD1 . ASN A 1 58 ? 1.710   -6.835  -18.328 1.00 104.35 ? 58   ASN A OD1 1 
ATOM   449 N  ND2 . ASN A 1 58 ? -0.353  -7.499  -17.692 1.00 110.97 ? 58   ASN A ND2 1 
ATOM   450 N  N   . PHE A 1 59 ? 2.614   -6.916  -12.992 1.00 75.76  ? 59   PHE A N   1 
ATOM   451 C  CA  . PHE A 1 59 ? 2.869   -6.388  -11.671 1.00 65.70  ? 59   PHE A CA  1 
ATOM   452 C  C   . PHE A 1 59 ? 3.746   -5.158  -11.745 1.00 66.42  ? 59   PHE A C   1 
ATOM   453 O  O   . PHE A 1 59 ? 3.544   -4.220  -11.000 1.00 58.75  ? 59   PHE A O   1 
ATOM   454 C  CB  . PHE A 1 59 ? 3.481   -7.421  -10.723 1.00 64.69  ? 59   PHE A CB  1 
ATOM   455 C  CG  . PHE A 1 59 ? 3.580   -6.935  -9.310  1.00 53.78  ? 59   PHE A CG  1 
ATOM   456 C  CD1 . PHE A 1 59 ? 2.454   -6.810  -8.527  1.00 53.90  ? 59   PHE A CD1 1 
ATOM   457 C  CD2 . PHE A 1 59 ? 4.790   -6.536  -8.781  1.00 64.28  ? 59   PHE A CD2 1 
ATOM   458 C  CE1 . PHE A 1 59 ? 2.528   -6.347  -7.228  1.00 54.02  ? 59   PHE A CE1 1 
ATOM   459 C  CE2 . PHE A 1 59 ? 4.884   -6.067  -7.475  1.00 63.04  ? 59   PHE A CE2 1 
ATOM   460 C  CZ  . PHE A 1 59 ? 3.750   -5.957  -6.705  1.00 60.20  ? 59   PHE A CZ  1 
ATOM   461 N  N   . ARG A 1 60 ? 4.687   -5.144  -12.665 1.00 74.95  ? 60   ARG A N   1 
ATOM   462 C  CA  . ARG A 1 60 ? 5.608   -4.023  -12.733 1.00 93.68  ? 60   ARG A CA  1 
ATOM   463 C  C   . ARG A 1 60 ? 5.088   -2.870  -13.593 1.00 89.71  ? 60   ARG A C   1 
ATOM   464 O  O   . ARG A 1 60 ? 5.589   -1.766  -13.478 1.00 95.19  ? 60   ARG A O   1 
ATOM   465 C  CB  . ARG A 1 60 ? 6.989   -4.464  -13.241 1.00 104.98 ? 60   ARG A CB  1 
ATOM   466 C  CG  . ARG A 1 60 ? 7.697   -5.485  -12.364 1.00 108.13 ? 60   ARG A CG  1 
ATOM   467 C  CD  . ARG A 1 60 ? 7.977   -5.002  -10.927 1.00 106.60 ? 60   ARG A CD  1 
ATOM   468 N  NE  . ARG A 1 60 ? 8.896   -5.924  -10.236 1.00 109.55 ? 60   ARG A NE  1 
ATOM   469 C  CZ  . ARG A 1 60 ? 9.079   -5.979  -8.917  1.00 102.40 ? 60   ARG A CZ  1 
ATOM   470 N  NH1 . ARG A 1 60 ? 9.928   -6.862  -8.405  1.00 104.65 ? 60   ARG A NH1 1 
ATOM   471 N  NH2 . ARG A 1 60 ? 8.414   -5.159  -8.111  1.00 95.47  ? 60   ARG A NH2 1 
ATOM   472 N  N   . LYS A 1 61 ? 4.097   -3.106  -14.446 1.00 78.53  ? 61   LYS A N   1 
ATOM   473 C  CA  . LYS A 1 61 ? 3.622   -2.048  -15.347 1.00 87.42  ? 61   LYS A CA  1 
ATOM   474 C  C   . LYS A 1 61 ? 2.463   -1.250  -14.699 1.00 81.17  ? 61   LYS A C   1 
ATOM   475 O  O   . LYS A 1 61 ? 1.904   -1.691  -13.683 1.00 71.44  ? 61   LYS A O   1 
ATOM   476 C  CB  . LYS A 1 61 ? 3.224   -2.666  -16.692 1.00 95.00  ? 61   LYS A CB  1 
ATOM   477 C  CG  . LYS A 1 61 ? 4.345   -3.504  -17.323 1.00 105.18 ? 61   LYS A CG  1 
ATOM   478 C  CD  . LYS A 1 61 ? 3.991   -3.995  -18.710 1.00 108.68 ? 61   LYS A CD  1 
ATOM   479 C  CE  . LYS A 1 61 ? 5.149   -4.751  -19.325 1.00 111.22 ? 61   LYS A CE  1 
ATOM   480 N  NZ  . LYS A 1 61 ? 4.870   -5.145  -20.733 1.00 112.90 ? 61   LYS A NZ  1 
ATOM   481 N  N   . GLN A 1 62 ? 2.111   -0.078  -15.242 1.00 70.52  ? 62   GLN A N   1 
ATOM   482 C  CA  . GLN A 1 62 ? 0.973   0.678   -14.677 1.00 68.65  ? 62   GLN A CA  1 
ATOM   483 C  C   . GLN A 1 62 ? -0.360  -0.081  -14.860 1.00 59.76  ? 62   GLN A C   1 
ATOM   484 O  O   . GLN A 1 62 ? -0.647  -0.610  -15.929 1.00 63.68  ? 62   GLN A O   1 
ATOM   485 C  CB  . GLN A 1 62 ? 0.834   2.090   -15.253 1.00 72.36  ? 62   GLN A CB  1 
ATOM   486 C  CG  . GLN A 1 62 ? -0.142  2.965   -14.422 1.00 78.59  ? 62   GLN A CG  1 
ATOM   487 C  CD  . GLN A 1 62 ? -0.423  4.328   -15.046 1.00 87.39  ? 62   GLN A CD  1 
ATOM   488 O  OE1 . GLN A 1 62 ? -0.183  4.550   -16.231 1.00 90.85  ? 62   GLN A OE1 1 
ATOM   489 N  NE2 . GLN A 1 62 ? -0.951  5.239   -14.246 1.00 85.49  ? 62   GLN A NE2 1 
ATOM   490 N  N   . ILE A 1 63 ? -1.165  -0.128  -13.811 1.00 50.59  ? 63   ILE A N   1 
ATOM   491 C  CA  . ILE A 1 63 ? -2.432  -0.877  -13.866 1.00 61.83  ? 63   ILE A CA  1 
ATOM   492 C  C   . ILE A 1 63 ? -3.475  -0.242  -14.796 1.00 54.82  ? 63   ILE A C   1 
ATOM   493 O  O   . ILE A 1 63 ? -3.701  0.970   -14.784 1.00 41.36  ? 63   ILE A O   1 
ATOM   494 C  CB  . ILE A 1 63 ? -3.070  -1.067  -12.471 1.00 62.32  ? 63   ILE A CB  1 
ATOM   495 C  CG1 . ILE A 1 63 ? -4.374  -1.869  -12.621 1.00 69.56  ? 63   ILE A CG1 1 
ATOM   496 C  CG2 . ILE A 1 63 ? -3.299  0.297   -11.795 1.00 59.80  ? 63   ILE A CG2 1 
ATOM   497 C  CD1 . ILE A 1 63 ? -4.816  -2.677  -11.381 1.00 66.18  ? 63   ILE A CD1 1 
ATOM   498 N  N   . GLY A 1 64 ? -4.061  -1.072  -15.648 1.00 46.92  ? 64   GLY A N   1 
ATOM   499 C  CA  . GLY A 1 64 ? -5.231  -0.674  -16.423 1.00 55.74  ? 64   GLY A CA  1 
ATOM   500 C  C   . GLY A 1 64 ? -6.505  -1.215  -15.788 1.00 49.79  ? 64   GLY A C   1 
ATOM   501 O  O   . GLY A 1 64 ? -6.722  -2.411  -15.732 1.00 46.21  ? 64   GLY A O   1 
ATOM   502 N  N   . ILE A 1 65 ? -7.357  -0.341  -15.297 1.00 35.71  ? 65   ILE A N   1 
ATOM   503 C  CA  A ILE A 1 65 ? -8.546  -0.808  -14.610 0.50 37.08  ? 65   ILE A CA  1 
ATOM   504 C  CA  B ILE A 1 65 ? -8.555  -0.735  -14.600 0.50 37.46  ? 65   ILE A CA  1 
ATOM   505 C  C   . ILE A 1 65 ? -9.628  -1.081  -15.656 1.00 35.58  ? 65   ILE A C   1 
ATOM   506 O  O   . ILE A 1 65 ? -9.646  -0.480  -16.706 1.00 34.93  ? 65   ILE A O   1 
ATOM   507 C  CB  A ILE A 1 65 ? -9.056  0.208   -13.579 0.50 37.17  ? 65   ILE A CB  1 
ATOM   508 C  CB  B ILE A 1 65 ? -8.978  0.441   -13.697 0.50 37.26  ? 65   ILE A CB  1 
ATOM   509 C  CG1 A ILE A 1 65 ? -9.524  1.471   -14.293 0.50 42.20  ? 65   ILE A CG1 1 
ATOM   510 C  CG1 B ILE A 1 65 ? -7.973  0.578   -12.532 0.50 44.07  ? 65   ILE A CG1 1 
ATOM   511 C  CG2 A ILE A 1 65 ? -7.947  0.492   -12.537 0.50 37.09  ? 65   ILE A CG2 1 
ATOM   512 C  CG2 B ILE A 1 65 ? -10.354 0.271   -13.172 0.50 30.96  ? 65   ILE A CG2 1 
ATOM   513 C  CD1 A ILE A 1 65 ? -10.056 2.552   -13.391 0.50 47.02  ? 65   ILE A CD1 1 
ATOM   514 C  CD1 B ILE A 1 65 ? -8.053  1.919   -11.799 0.50 41.12  ? 65   ILE A CD1 1 
ATOM   515 N  N   . THR A 1 66 ? -10.484 -2.039  -15.373 1.00 31.95  ? 66   THR A N   1 
ATOM   516 C  CA  . THR A 1 66 ? -11.652 -2.293  -16.208 1.00 34.02  ? 66   THR A CA  1 
ATOM   517 C  C   . THR A 1 66 ? -12.840 -2.347  -15.255 1.00 32.47  ? 66   THR A C   1 
ATOM   518 O  O   . THR A 1 66 ? -12.659 -2.297  -14.029 1.00 37.14  ? 66   THR A O   1 
ATOM   519 C  CB  . THR A 1 66 ? -11.538 -3.640  -16.948 1.00 49.17  ? 66   THR A CB  1 
ATOM   520 O  OG1 . THR A 1 66 ? -11.757 -4.678  -16.009 1.00 45.63  ? 66   THR A OG1 1 
ATOM   521 C  CG2 . THR A 1 66 ? -10.144 -3.858  -17.588 1.00 57.60  ? 66   THR A CG2 1 
ATOM   522 N  N   . PRO A 1 67 ? -14.056 -2.476  -15.771 1.00 35.71  ? 67   PRO A N   1 
ATOM   523 C  CA  . PRO A 1 67 ? -15.243 -2.494  -14.896 1.00 40.47  ? 67   PRO A CA  1 
ATOM   524 C  C   . PRO A 1 67 ? -15.295 -3.659  -13.894 1.00 40.66  ? 67   PRO A C   1 
ATOM   525 O  O   . PRO A 1 67 ? -15.864 -3.470  -12.825 1.00 46.59  ? 67   PRO A O   1 
ATOM   526 C  CB  . PRO A 1 67 ? -16.416 -2.667  -15.907 1.00 49.13  ? 67   PRO A CB  1 
ATOM   527 C  CG  . PRO A 1 67 ? -15.870 -2.186  -17.207 1.00 50.99  ? 67   PRO A CG  1 
ATOM   528 C  CD  . PRO A 1 67 ? -14.416 -2.521  -17.203 1.00 42.88  ? 67   PRO A CD  1 
ATOM   529 N  N   . GLN A 1 68 ? -14.729 -4.823  -14.226 1.00 36.31  ? 68   GLN A N   1 
ATOM   530 C  CA  . GLN A 1 68 ? -14.652 -5.920  -13.262 1.00 47.90  ? 68   GLN A CA  1 
ATOM   531 C  C   . GLN A 1 68 ? -13.818 -5.571  -11.982 1.00 42.71  ? 68   GLN A C   1 
ATOM   532 O  O   . GLN A 1 68 ? -13.899 -6.300  -11.001 1.00 42.52  ? 68   GLN A O   1 
ATOM   533 C  CB  . GLN A 1 68 ? -14.061 -7.181  -13.900 1.00 48.78  ? 68   GLN A CB  1 
ATOM   534 C  CG  . GLN A 1 68 ? -12.616 -7.018  -14.339 1.00 67.22  ? 68   GLN A CG  1 
ATOM   535 C  CD  . GLN A 1 68 ? -11.819 -8.315  -14.288 1.00 87.50  ? 68   GLN A CD  1 
ATOM   536 O  OE1 . GLN A 1 68 ? -12.360 -9.387  -14.554 1.00 97.92  ? 68   GLN A OE1 1 
ATOM   537 N  NE2 . GLN A 1 68 ? -10.533 -8.222  -13.948 1.00 80.72  ? 68   GLN A NE2 1 
ATOM   538 N  N   . ASP A 1 69 ? -13.051 -4.484  -11.998 1.00 30.29  ? 69   ASP A N   1 
ATOM   539 C  CA  . ASP A 1 69 ? -12.310 -4.079  -10.795 1.00 35.71  ? 69   ASP A CA  1 
ATOM   540 C  C   . ASP A 1 69 ? -13.110 -3.218  -9.776  1.00 34.83  ? 69   ASP A C   1 
ATOM   541 O  O   . ASP A 1 69 ? -12.549 -2.841  -8.751  1.00 34.21  ? 69   ASP A O   1 
ATOM   542 C  CB  . ASP A 1 69 ? -11.069 -3.282  -11.170 1.00 30.99  ? 69   ASP A CB  1 
ATOM   543 C  CG  . ASP A 1 69 ? -10.080 -4.085  -11.986 1.00 31.55  ? 69   ASP A CG  1 
ATOM   544 O  OD1 . ASP A 1 69 ? -9.736  -5.240  -11.644 1.00 34.54  ? 69   ASP A OD1 1 
ATOM   545 O  OD2 . ASP A 1 69 ? -9.664  -3.531  -13.005 1.00 30.37  ? 69   ASP A OD2 1 
ATOM   546 N  N   . ALA A 1 70 ? -14.384 -2.932  -10.054 1.00 31.89  ? 70   ALA A N   1 
ATOM   547 C  CA  . ALA A 1 70 ? -15.223 -2.087  -9.190  1.00 29.66  ? 70   ALA A CA  1 
ATOM   548 C  C   . ALA A 1 70 ? -15.213 -2.586  -7.739  1.00 31.76  ? 70   ALA A C   1 
ATOM   549 O  O   . ALA A 1 70 ? -14.965 -1.813  -6.810  1.00 31.12  ? 70   ALA A O   1 
ATOM   550 C  CB  . ALA A 1 70 ? -16.718 -1.983  -9.774  1.00 31.12  ? 70   ALA A CB  1 
ATOM   551 N  N   . GLU A 1 71 ? -15.411 -3.890  -7.523  1.00 31.53  ? 71   GLU A N   1 
ATOM   552 C  CA  . GLU A 1 71 ? -15.466 -4.392  -6.123  1.00 32.95  ? 71   GLU A CA  1 
ATOM   553 C  C   . GLU A 1 71 ? -14.111 -4.273  -5.412  1.00 33.73  ? 71   GLU A C   1 
ATOM   554 O  O   . GLU A 1 71 ? -14.086 -3.878  -4.252  1.00 32.75  ? 71   GLU A O   1 
ATOM   555 C  CB  . GLU A 1 71 ? -15.982 -5.851  -6.038  1.00 48.63  ? 71   GLU A CB  1 
ATOM   556 C  CG  . GLU A 1 71 ? -17.497 -5.966  -6.326  1.00 68.24  ? 71   GLU A CG  1 
ATOM   557 C  CD  . GLU A 1 71 ? -18.388 -5.112  -5.362  1.00 96.80  ? 71   GLU A CD  1 
ATOM   558 O  OE1 . GLU A 1 71 ? -17.987 -4.857  -4.191  1.00 89.73  ? 71   GLU A OE1 1 
ATOM   559 O  OE2 . GLU A 1 71 ? -19.502 -4.695  -5.780  1.00 96.38  ? 71   GLU A OE2 1 
ATOM   560 N  N   . ASP A 1 72 ? -12.998 -4.562  -6.109  1.00 29.78  ? 72   ASP A N   1 
ATOM   561 C  CA  . ASP A 1 72 ? -11.669 -4.331  -5.535  1.00 29.27  ? 72   ASP A CA  1 
ATOM   562 C  C   . ASP A 1 72 ? -11.522 -2.874  -5.084  1.00 32.40  ? 72   ASP A C   1 
ATOM   563 O  O   . ASP A 1 72 ? -11.017 -2.598  -3.984  1.00 31.15  ? 72   ASP A O   1 
ATOM   564 C  CB  . ASP A 1 72 ? -10.526 -4.671  -6.504  1.00 23.91  ? 72   ASP A CB  1 
ATOM   565 C  CG  . ASP A 1 72 ? -10.247 -6.202  -6.592  1.00 34.59  ? 72   ASP A CG  1 
ATOM   566 O  OD1 . ASP A 1 72 ? -10.908 -6.995  -5.908  1.00 35.92  ? 72   ASP A OD1 1 
ATOM   567 O  OD2 . ASP A 1 72 ? -9.353  -6.613  -7.358  1.00 36.17  ? 72   ASP A OD2 1 
ATOM   568 N  N   . LEU A 1 73 ? -11.951 -1.953  -5.938  1.00 30.59  ? 73   LEU A N   1 
ATOM   569 C  CA  . LEU A 1 73 ? -11.764 -0.539  -5.626  1.00 34.93  ? 73   LEU A CA  1 
ATOM   570 C  C   . LEU A 1 73 ? -12.570 -0.155  -4.377  1.00 34.79  ? 73   LEU A C   1 
ATOM   571 O  O   . LEU A 1 73 ? -12.098 0.629   -3.558  1.00 30.46  ? 73   LEU A O   1 
ATOM   572 C  CB  . LEU A 1 73 ? -12.124 0.348   -6.817  1.00 31.49  ? 73   LEU A CB  1 
ATOM   573 C  CG  . LEU A 1 73 ? -11.152 0.256   -8.023  1.00 32.61  ? 73   LEU A CG  1 
ATOM   574 C  CD1 . LEU A 1 73 ? -11.740 1.047   -9.218  1.00 30.78  ? 73   LEU A CD1 1 
ATOM   575 C  CD2 . LEU A 1 73 ? -9.703  0.699   -7.664  1.00 27.87  ? 73   LEU A CD2 1 
ATOM   576 N  N   . LYS A 1 74 ? -13.755 -0.729  -4.229  1.00 29.06  ? 74   LYS A N   1 
ATOM   577 C  CA  . LYS A 1 74 ? -14.548 -0.515  -3.045  1.00 34.19  ? 74   LYS A CA  1 
ATOM   578 C  C   . LYS A 1 74 ? -13.897 -1.078  -1.816  1.00 33.13  ? 74   LYS A C   1 
ATOM   579 O  O   . LYS A 1 74 ? -13.991 -0.469  -0.812  1.00 32.93  ? 74   LYS A O   1 
ATOM   580 C  CB  . LYS A 1 74 ? -15.980 -1.092  -3.180  1.00 39.39  ? 74   LYS A CB  1 
ATOM   581 C  CG  . LYS A 1 74 ? -16.751 -0.429  -4.266  1.00 41.78  ? 74   LYS A CG  1 
ATOM   582 C  CD  . LYS A 1 74 ? -18.223 -0.889  -4.299  1.00 64.87  ? 74   LYS A CD  1 
ATOM   583 C  CE  . LYS A 1 74 ? -19.136 0.309   -4.680  1.00 70.03  ? 74   LYS A CE  1 
ATOM   584 N  NZ  . LYS A 1 74 ? -20.056 0.056   -5.850  1.00 66.32  ? 74   LYS A NZ  1 
ATOM   585 N  N   . LEU A 1 75 ? -13.280 -2.252  -1.892  1.00 32.12  ? 75   LEU A N   1 
ATOM   586 C  CA  . LEU A 1 75 ? -12.620 -2.862  -0.751  1.00 34.18  ? 75   LEU A CA  1 
ATOM   587 C  C   . LEU A 1 75 ? -11.387 -2.057  -0.374  1.00 29.67  ? 75   LEU A C   1 
ATOM   588 O  O   . LEU A 1 75 ? -11.051 -1.930  0.791   1.00 31.14  ? 75   LEU A O   1 
ATOM   589 C  CB  . LEU A 1 75 ? -12.181 -4.294  -1.049  1.00 32.68  ? 75   LEU A CB  1 
ATOM   590 C  CG  . LEU A 1 75 ? -13.361 -5.201  -1.294  1.00 42.33  ? 75   LEU A CG  1 
ATOM   591 C  CD1 . LEU A 1 75 ? -12.858 -6.520  -1.882  1.00 49.15  ? 75   LEU A CD1 1 
ATOM   592 C  CD2 . LEU A 1 75 ? -14.091 -5.412  0.019   1.00 43.48  ? 75   LEU A CD2 1 
ATOM   593 N  N   . ILE A 1 76 ? -10.740 -1.479  -1.351  1.00 29.51  ? 76   ILE A N   1 
ATOM   594 C  CA  . ILE A 1 76 ? -9.594  -0.653  -1.044  1.00 29.42  ? 76   ILE A CA  1 
ATOM   595 C  C   . ILE A 1 76 ? -10.082 0.624   -0.316  1.00 29.15  ? 76   ILE A C   1 
ATOM   596 O  O   . ILE A 1 76 ? -9.490  1.010   0.691   1.00 32.68  ? 76   ILE A O   1 
ATOM   597 C  CB  . ILE A 1 76 ? -8.766  -0.299  -2.264  1.00 29.71  ? 76   ILE A CB  1 
ATOM   598 C  CG1 . ILE A 1 76 ? -8.068  -1.573  -2.783  1.00 30.16  ? 76   ILE A CG1 1 
ATOM   599 C  CG2 . ILE A 1 76 ? -7.688  0.805   -1.907  1.00 22.45  ? 76   ILE A CG2 1 
ATOM   600 C  CD1 . ILE A 1 76 ? -7.463  -1.411  -4.225  1.00 31.59  ? 76   ILE A CD1 1 
ATOM   601 N  N   . ALA A 1 77 ? -11.185 1.216   -0.798  1.00 29.01  ? 77   ALA A N   1 
ATOM   602 C  CA  . ALA A 1 77 ? -11.778 2.398   -0.189  1.00 30.03  ? 77   ALA A CA  1 
ATOM   603 C  C   . ALA A 1 77 ? -12.160 2.088   1.257   1.00 33.55  ? 77   ALA A C   1 
ATOM   604 O  O   . ALA A 1 77 ? -11.862 2.865   2.172   1.00 33.44  ? 77   ALA A O   1 
ATOM   605 C  CB  . ALA A 1 77 ? -13.068 2.823   -0.983  1.00 29.90  ? 77   ALA A CB  1 
ATOM   606 N  N   . GLU A 1 78 ? -12.823 0.946   1.468   1.00 30.54  ? 78   GLU A N   1 
ATOM   607 C  CA  . GLU A 1 78 ? -13.185 0.524   2.839   1.00 36.01  ? 78   GLU A CA  1 
ATOM   608 C  C   . GLU A 1 78 ? -12.003 0.324   3.777   1.00 38.87  ? 78   GLU A C   1 
ATOM   609 O  O   . GLU A 1 78 ? -12.057 0.726   4.939   1.00 35.17  ? 78   GLU A O   1 
ATOM   610 C  CB  . GLU A 1 78 ? -14.078 -0.705  2.804   1.00 37.48  ? 78   GLU A CB  1 
ATOM   611 C  CG  . GLU A 1 78 ? -15.427 -0.257  2.228   1.00 57.52  ? 78   GLU A CG  1 
ATOM   612 C  CD  . GLU A 1 78 ? -16.398 -1.374  1.911   1.00 67.23  ? 78   GLU A CD  1 
ATOM   613 O  OE1 . GLU A 1 78 ? -16.008 -2.559  1.955   1.00 72.73  ? 78   GLU A OE1 1 
ATOM   614 O  OE2 . GLU A 1 78 ? -17.562 -1.053  1.595   1.00 70.73  ? 78   GLU A OE2 1 
ATOM   615 N  N   . PHE A 1 79 ? -10.930 -0.234  3.255   1.00 31.69  ? 79   PHE A N   1 
ATOM   616 C  CA  . PHE A 1 79 ? -9.763  -0.473  4.045   1.00 31.56  ? 79   PHE A CA  1 
ATOM   617 C  C   . PHE A 1 79 ? -9.144  0.881   4.409   1.00 33.80  ? 79   PHE A C   1 
ATOM   618 O  O   . PHE A 1 79 ? -8.809  1.090   5.571   1.00 34.72  ? 79   PHE A O   1 
ATOM   619 C  CB  . PHE A 1 79 ? -8.781  -1.368  3.297   1.00 27.30  ? 79   PHE A CB  1 
ATOM   620 C  CG  . PHE A 1 79 ? -7.410  -1.211  3.762   1.00 32.40  ? 79   PHE A CG  1 
ATOM   621 C  CD1 . PHE A 1 79 ? -6.902  -2.050  4.724   1.00 43.11  ? 79   PHE A CD1 1 
ATOM   622 C  CD2 . PHE A 1 79 ? -6.626  -0.220  3.260   1.00 33.53  ? 79   PHE A CD2 1 
ATOM   623 C  CE1 . PHE A 1 79 ? -5.595  -1.914  5.196   1.00 39.62  ? 79   PHE A CE1 1 
ATOM   624 C  CE2 . PHE A 1 79 ? -5.345  -0.095  3.716   1.00 38.09  ? 79   PHE A CE2 1 
ATOM   625 C  CZ  . PHE A 1 79 ? -4.855  -0.943  4.724   1.00 34.19  ? 79   PHE A CZ  1 
ATOM   626 N  N   . LEU A 1 80 ? -9.120  1.830   3.469   1.00 32.82  ? 80   LEU A N   1 
ATOM   627 C  CA  . LEU A 1 80 ? -8.573  3.153   3.754   1.00 31.96  ? 80   LEU A CA  1 
ATOM   628 C  C   . LEU A 1 80 ? -9.389  3.837   4.888   1.00 31.86  ? 80   LEU A C   1 
ATOM   629 O  O   . LEU A 1 80 ? -8.793  4.411   5.806   1.00 35.00  ? 80   LEU A O   1 
ATOM   630 C  CB  . LEU A 1 80 ? -8.530  4.047   2.517   1.00 28.22  ? 80   LEU A CB  1 
ATOM   631 C  CG  . LEU A 1 80 ? -7.574  3.612   1.408   1.00 30.96  ? 80   LEU A CG  1 
ATOM   632 C  CD1 . LEU A 1 80 ? -7.787  4.553   0.230   1.00 32.56  ? 80   LEU A CD1 1 
ATOM   633 C  CD2 . LEU A 1 80 ? -6.187  3.601   1.859   1.00 30.12  ? 80   LEU A CD2 1 
ATOM   634 N  N   . GLU A 1 81 ? -10.717 3.791   4.796   1.00 32.73  ? 81   GLU A N   1 
ATOM   635 C  CA  . GLU A 1 81 ? -11.604 4.402   5.775   1.00 41.96  ? 81   GLU A CA  1 
ATOM   636 C  C   . GLU A 1 81 ? -11.454 3.719   7.129   1.00 38.39  ? 81   GLU A C   1 
ATOM   637 O  O   . GLU A 1 81 ? -11.450 4.381   8.143   1.00 36.02  ? 81   GLU A O   1 
ATOM   638 C  CB  . GLU A 1 81 ? -13.087 4.330   5.340   1.00 42.04  ? 81   GLU A CB  1 
ATOM   639 C  CG  . GLU A 1 81 ? -13.442 5.253   4.208   1.00 50.22  ? 81   GLU A CG  1 
ATOM   640 C  CD  . GLU A 1 81 ? -14.887 5.090   3.703   1.00 71.51  ? 81   GLU A CD  1 
ATOM   641 O  OE1 . GLU A 1 81 ? -15.629 4.196   4.206   1.00 70.51  ? 81   GLU A OE1 1 
ATOM   642 O  OE2 . GLU A 1 81 ? -15.273 5.859   2.775   1.00 80.46  ? 81   GLU A OE2 1 
ATOM   643 N  N   . LYS A 1 82 ? -11.318 2.391   7.141   1.00 38.68  ? 82   LYS A N   1 
ATOM   644 C  CA  . LYS A 1 82 ? -11.208 1.635   8.399   1.00 40.42  ? 82   LYS A CA  1 
ATOM   645 C  C   . LYS A 1 82 ? -9.928  2.045   9.161   1.00 38.87  ? 82   LYS A C   1 
ATOM   646 O  O   . LYS A 1 82 ? -9.952  2.158   10.369  1.00 41.23  ? 82   LYS A O   1 
ATOM   647 C  CB  . LYS A 1 82 ? -11.218 0.138   8.120   1.00 45.99  ? 82   LYS A CB  1 
ATOM   648 C  CG  . LYS A 1 82 ? -10.839 -0.682  9.285   1.00 50.37  ? 82   LYS A CG  1 
ATOM   649 C  CD  . LYS A 1 82 ? -10.790 -2.150  8.934   1.00 57.60  ? 82   LYS A CD  1 
ATOM   650 C  CE  . LYS A 1 82 ? -10.296 -2.972  10.149  1.00 61.54  ? 82   LYS A CE  1 
ATOM   651 N  NZ  . LYS A 1 82 ? -11.280 -2.983  11.294  1.00 60.79  ? 82   LYS A NZ  1 
ATOM   652 N  N   . TYR A 1 83 ? -8.840  2.350   8.461   1.00 31.72  ? 83   TYR A N   1 
ATOM   653 C  CA  . TYR A 1 83 ? -7.577  2.622   9.124   1.00 35.44  ? 83   TYR A CA  1 
ATOM   654 C  C   . TYR A 1 83 ? -7.184  4.079   9.077   1.00 33.27  ? 83   TYR A C   1 
ATOM   655 O  O   . TYR A 1 83 ? -6.105  4.438   9.456   1.00 36.84  ? 83   TYR A O   1 
ATOM   656 C  CB  . TYR A 1 83 ? -6.475  1.802   8.453   1.00 31.84  ? 83   TYR A CB  1 
ATOM   657 C  CG  . TYR A 1 83 ? -6.557  0.386   8.847   1.00 31.76  ? 83   TYR A CG  1 
ATOM   658 C  CD1 . TYR A 1 83 ? -7.105  -0.575  7.994   1.00 38.44  ? 83   TYR A CD1 1 
ATOM   659 C  CD2 . TYR A 1 83 ? -6.117  -0.013  10.101  1.00 30.57  ? 83   TYR A CD2 1 
ATOM   660 C  CE1 . TYR A 1 83 ? -7.157  -1.899  8.377   1.00 36.63  ? 83   TYR A CE1 1 
ATOM   661 C  CE2 . TYR A 1 83 ? -6.192  -1.319  10.517  1.00 37.41  ? 83   TYR A CE2 1 
ATOM   662 C  CZ  . TYR A 1 83 ? -6.692  -2.272  9.644   1.00 38.07  ? 83   TYR A CZ  1 
ATOM   663 O  OH  . TYR A 1 83 ? -6.757  -3.566  10.092  1.00 42.28  ? 83   TYR A OH  1 
ATOM   664 N  N   . SER A 1 84 ? -8.081  4.905   8.563   1.00 37.04  ? 84   SER A N   1 
ATOM   665 C  CA  . SER A 1 84 ? -7.803  6.316   8.341   1.00 43.12  ? 84   SER A CA  1 
ATOM   666 C  C   . SER A 1 84 ? -7.262  7.090   9.620   1.00 29.06  ? 84   SER A C   1 
ATOM   667 O  O   . SER A 1 84 ? -6.231  7.758   9.563   1.00 34.58  ? 84   SER A O   1 
ATOM   668 C  CB  . SER A 1 84 ? -9.100  6.978   7.857   1.00 43.70  ? 84   SER A CB  1 
ATOM   669 O  OG  . SER A 1 84 ? -8.815  8.292   7.447   1.00 58.03  ? 84   SER A OG  1 
ATOM   670 N  N   . ASP A 1 85 ? -8.002  7.042   10.699  1.00 31.72  ? 85   ASP A N   1 
ATOM   671 C  CA  . ASP A 1 85 ? -7.573  7.767   11.922  1.00 42.79  ? 85   ASP A CA  1 
ATOM   672 C  C   . ASP A 1 85 ? -6.237  7.253   12.433  1.00 43.29  ? 85   ASP A C   1 
ATOM   673 O  O   . ASP A 1 85 ? -5.401  8.034   12.781  1.00 34.25  ? 85   ASP A O   1 
ATOM   674 C  CB  . ASP A 1 85 ? -8.601  7.620   13.019  1.00 44.16  ? 85   ASP A CB  1 
ATOM   675 C  CG  . ASP A 1 85 ? -9.940  8.276   12.642  1.00 62.83  ? 85   ASP A CG  1 
ATOM   676 O  OD1 . ASP A 1 85 ? -9.937  9.301   11.925  1.00 57.73  ? 85   ASP A OD1 1 
ATOM   677 O  OD2 . ASP A 1 85 ? -10.991 7.759   13.049  1.00 68.25  ? 85   ASP A OD2 1 
ATOM   678 N  N   . PHE A 1 86 ? -6.078  5.936   12.530  1.00 36.62  ? 86   PHE A N   1 
ATOM   679 C  CA  . PHE A 1 86 ? -4.812  5.382   12.914  1.00 34.55  ? 86   PHE A CA  1 
ATOM   680 C  C   . PHE A 1 86 ? -3.669  5.890   12.035  1.00 37.95  ? 86   PHE A C   1 
ATOM   681 O  O   . PHE A 1 86 ? -2.644  6.358   12.558  1.00 37.11  ? 86   PHE A O   1 
ATOM   682 C  CB  . PHE A 1 86 ? -4.813  3.876   12.853  1.00 33.73  ? 86   PHE A CB  1 
ATOM   683 C  CG  . PHE A 1 86 ? -3.444  3.278   13.057  1.00 28.49  ? 86   PHE A CG  1 
ATOM   684 C  CD1 . PHE A 1 86 ? -2.841  3.346   14.294  1.00 32.08  ? 86   PHE A CD1 1 
ATOM   685 C  CD2 . PHE A 1 86 ? -2.778  2.647   12.012  1.00 39.92  ? 86   PHE A CD2 1 
ATOM   686 C  CE1 . PHE A 1 86 ? -1.576  2.798   14.503  1.00 37.22  ? 86   PHE A CE1 1 
ATOM   687 C  CE2 . PHE A 1 86 ? -1.513  2.053   12.206  1.00 36.85  ? 86   PHE A CE2 1 
ATOM   688 C  CZ  . PHE A 1 86 ? -0.910  2.148   13.456  1.00 36.66  ? 86   PHE A CZ  1 
ATOM   689 N  N   . LEU A 1 87 ? -3.812  5.743   10.716  1.00 35.08  ? 87   LEU A N   1 
ATOM   690 C  CA  . LEU A 1 87 ? -2.733  6.116   9.804   1.00 37.81  ? 87   LEU A CA  1 
ATOM   691 C  C   . LEU A 1 87 ? -2.429  7.575   9.942   1.00 47.23  ? 87   LEU A C   1 
ATOM   692 O  O   . LEU A 1 87 ? -1.285  7.992   9.872   1.00 46.55  ? 87   LEU A O   1 
ATOM   693 C  CB  . LEU A 1 87 ? -3.097  5.833   8.329   1.00 37.24  ? 87   LEU A CB  1 
ATOM   694 C  CG  . LEU A 1 87 ? -3.132  4.339   8.052   1.00 36.42  ? 87   LEU A CG  1 
ATOM   695 C  CD1 . LEU A 1 87 ? -3.731  4.067   6.672   1.00 36.50  ? 87   LEU A CD1 1 
ATOM   696 C  CD2 . LEU A 1 87 ? -1.704  3.779   8.188   1.00 38.91  ? 87   LEU A CD2 1 
ATOM   697 N  N   . ASN A 1 88 ? -3.447  8.387   10.104  1.00 43.94  ? 88   ASN A N   1 
ATOM   698 C  CA  . ASN A 1 88 ? -3.174  9.805   10.192  1.00 47.85  ? 88   ASN A CA  1 
ATOM   699 C  C   . ASN A 1 88 ? -2.500  10.237  11.528  1.00 53.71  ? 88   ASN A C   1 
ATOM   700 O  O   . ASN A 1 88 ? -1.832  11.266  11.556  1.00 53.69  ? 88   ASN A O   1 
ATOM   701 C  CB  . ASN A 1 88 ? -4.417  10.568  9.798   1.00 49.17  ? 88   ASN A CB  1 
ATOM   702 C  CG  . ASN A 1 88 ? -4.742  10.391  8.260   1.00 75.79  ? 88   ASN A CG  1 
ATOM   703 O  OD1 . ASN A 1 88 ? -3.839  10.391  7.382   1.00 75.60  ? 88   ASN A OD1 1 
ATOM   704 N  ND2 . ASN A 1 88 ? -6.028  10.215  7.956   1.00 61.86  ? 88   ASN A ND2 1 
ATOM   705 N  N   . GLU A 1 89 ? -2.572  9.412   12.588  1.00 37.37  ? 89   GLU A N   1 
ATOM   706 C  CA  . GLU A 1 89 ? -1.742  9.654   13.805  1.00 43.29  ? 89   GLU A CA  1 
ATOM   707 C  C   . GLU A 1 89 ? -0.382  8.956   13.764  1.00 45.04  ? 89   GLU A C   1 
ATOM   708 O  O   . GLU A 1 89 ? 0.516   9.253   14.573  1.00 44.87  ? 89   GLU A O   1 
ATOM   709 C  CB  . GLU A 1 89 ? -2.405  9.154   15.110  1.00 35.61  ? 89   GLU A CB  1 
ATOM   710 C  CG  . GLU A 1 89 ? -3.740  9.744   15.468  1.00 43.46  ? 89   GLU A CG  1 
ATOM   711 C  CD  . GLU A 1 89 ? -3.678  11.223  15.644  1.00 59.57  ? 89   GLU A CD  1 
ATOM   712 O  OE1 . GLU A 1 89 ? -2.553  11.771  15.763  1.00 66.59  ? 89   GLU A OE1 1 
ATOM   713 O  OE2 . GLU A 1 89 ? -4.759  11.828  15.671  1.00 70.64  ? 89   GLU A OE2 1 
ATOM   714 N  N   . TYR A 1 90 ? -0.255  7.957   12.915  1.00 35.99  ? 90   TYR A N   1 
ATOM   715 C  CA  . TYR A 1 90 ? 0.859   7.039   13.054  1.00 37.25  ? 90   TYR A CA  1 
ATOM   716 C  C   . TYR A 1 90 ? 1.950   7.288   12.012  1.00 42.42  ? 90   TYR A C   1 
ATOM   717 O  O   . TYR A 1 90 ? 3.115   7.180   12.331  1.00 40.76  ? 90   TYR A O   1 
ATOM   718 C  CB  . TYR A 1 90 ? 0.379   5.595   13.017  1.00 32.03  ? 90   TYR A CB  1 
ATOM   719 C  CG  . TYR A 1 90 ? 1.385   4.592   13.534  1.00 37.69  ? 90   TYR A CG  1 
ATOM   720 C  CD1 . TYR A 1 90 ? 1.564   4.407   14.910  1.00 44.88  ? 90   TYR A CD1 1 
ATOM   721 C  CD2 . TYR A 1 90 ? 2.153   3.813   12.664  1.00 34.47  ? 90   TYR A CD2 1 
ATOM   722 C  CE1 . TYR A 1 90 ? 2.475   3.497   15.388  1.00 40.44  ? 90   TYR A CE1 1 
ATOM   723 C  CE2 . TYR A 1 90 ? 3.080   2.908   13.139  1.00 33.12  ? 90   TYR A CE2 1 
ATOM   724 C  CZ  . TYR A 1 90 ? 3.205   2.738   14.508  1.00 40.28  ? 90   TYR A CZ  1 
ATOM   725 O  OH  . TYR A 1 90 ? 4.110   1.868   15.021  1.00 37.54  ? 90   TYR A OH  1 
ATOM   726 N  N   . VAL A 1 91 ? 1.583   7.696   10.802  1.00 38.83  ? 91   VAL A N   1 
ATOM   727 C  CA  . VAL A 1 91 ? 2.565   7.952   9.735   1.00 39.46  ? 91   VAL A CA  1 
ATOM   728 C  C   . VAL A 1 91 ? 2.356   9.325   9.038   1.00 43.20  ? 91   VAL A C   1 
ATOM   729 O  O   . VAL A 1 91 ? 1.317   9.954   9.195   1.00 47.57  ? 91   VAL A O   1 
ATOM   730 C  CB  . VAL A 1 91 ? 2.511   6.845   8.640   1.00 43.29  ? 91   VAL A CB  1 
ATOM   731 C  CG1 . VAL A 1 91 ? 2.641   5.488   9.260   1.00 44.84  ? 91   VAL A CG1 1 
ATOM   732 C  CG2 . VAL A 1 91 ? 1.201   6.909   7.825   1.00 35.56  ? 91   VAL A CG2 1 
ATOM   733 N  N   . LYS A 1 92 ? 3.356   9.786   8.278   1.00 39.50  ? 92   LYS A N   1 
ATOM   734 C  CA  . LYS A 1 92 ? 3.173   10.888  7.362   1.00 48.05  ? 92   LYS A CA  1 
ATOM   735 C  C   . LYS A 1 92 ? 3.183   10.346  5.940   1.00 49.80  ? 92   LYS A C   1 
ATOM   736 O  O   . LYS A 1 92 ? 4.006   9.498   5.582   1.00 42.81  ? 92   LYS A O   1 
ATOM   737 C  CB  . LYS A 1 92 ? 4.285   11.904  7.547   1.00 61.09  ? 92   LYS A CB  1 
ATOM   738 C  CG  . LYS A 1 92 ? 4.209   12.594  8.903   1.00 67.39  ? 92   LYS A CG  1 
ATOM   739 C  CD  . LYS A 1 92 ? 2.859   13.302  9.114   1.00 80.07  ? 92   LYS A CD  1 
ATOM   740 C  CE  . LYS A 1 92 ? 2.873   14.214  10.377  1.00 95.00  ? 92   LYS A CE  1 
ATOM   741 N  NZ  . LYS A 1 92 ? 1.531   14.670  10.839  1.00 90.26  ? 92   LYS A NZ  1 
ATOM   742 N  N   . PHE A 1 93 ? 2.267   10.824  5.120   1.00 51.87  ? 93   PHE A N   1 
ATOM   743 C  CA  . PHE A 1 93 ? 2.258   10.421  3.731   1.00 57.64  ? 93   PHE A CA  1 
ATOM   744 C  C   . PHE A 1 93 ? 3.060   11.330  2.796   1.00 67.05  ? 93   PHE A C   1 
ATOM   745 O  O   . PHE A 1 93 ? 3.489   12.433  3.150   1.00 65.71  ? 93   PHE A O   1 
ATOM   746 C  CB  . PHE A 1 93 ? 0.832   10.244  3.255   1.00 55.23  ? 93   PHE A CB  1 
ATOM   747 C  CG  . PHE A 1 93 ? 0.175   9.051   3.856   1.00 54.46  ? 93   PHE A CG  1 
ATOM   748 C  CD1 . PHE A 1 93 ? 0.474   7.775   3.410   1.00 50.74  ? 93   PHE A CD1 1 
ATOM   749 C  CD2 . PHE A 1 93 ? -0.702  9.202   4.910   1.00 52.01  ? 93   PHE A CD2 1 
ATOM   750 C  CE1 . PHE A 1 93 ? -0.123  6.668   3.991   1.00 47.03  ? 93   PHE A CE1 1 
ATOM   751 C  CE2 . PHE A 1 93 ? -1.263  8.120   5.482   1.00 39.83  ? 93   PHE A CE2 1 
ATOM   752 C  CZ  . PHE A 1 93 ? -0.971  6.845   5.021   1.00 41.62  ? 93   PHE A CZ  1 
ATOM   753 N  N   . THR A 1 94 ? 3.263   10.801  1.599   1.00 71.36  ? 94   THR A N   1 
ATOM   754 C  CA  . THR A 1 94 ? 4.017   11.429  0.524   1.00 73.18  ? 94   THR A CA  1 
ATOM   755 C  C   . THR A 1 94 ? 3.249   12.664  0.085   1.00 82.22  ? 94   THR A C   1 
ATOM   756 O  O   . THR A 1 94 ? 2.011   12.641  0.013   1.00 83.54  ? 94   THR A O   1 
ATOM   757 C  CB  . THR A 1 94 ? 4.141   10.404  -0.651  1.00 74.56  ? 94   THR A CB  1 
ATOM   758 O  OG1 . THR A 1 94 ? 5.042   10.885  -1.653  1.00 84.00  ? 94   THR A OG1 1 
ATOM   759 C  CG2 . THR A 1 94 ? 2.758   10.108  -1.273  1.00 68.48  ? 94   THR A CG2 1 
ATOM   760 N  N   . PRO A 1 95 ? 3.972   13.761  -0.187  1.00 95.70  ? 95   PRO A N   1 
ATOM   761 C  CA  . PRO A 1 95 ? 3.374   15.030  -0.612  1.00 101.43 ? 95   PRO A CA  1 
ATOM   762 C  C   . PRO A 1 95 ? 2.093   14.863  -1.442  1.00 102.17 ? 95   PRO A C   1 
ATOM   763 O  O   . PRO A 1 95 ? 0.998   15.228  -0.996  1.00 98.69  ? 95   PRO A O   1 
ATOM   764 C  CB  . PRO A 1 95 ? 4.487   15.639  -1.451  1.00 104.66 ? 95   PRO A CB  1 
ATOM   765 C  CG  . PRO A 1 95 ? 5.734   15.177  -0.766  1.00 101.42 ? 95   PRO A CG  1 
ATOM   766 C  CD  . PRO A 1 95 ? 5.443   13.837  -0.161  1.00 94.56  ? 95   PRO A CD  1 
HETATM 767 CL CL  . CL  B 2 .  ? -3.232  -4.356  -15.964 1.00 30.80  ? 1096 CL  A CL  1 
HETATM 768 CL CL  . CL  C 2 .  ? -8.252  3.968   12.519  1.00 85.92  ? 1097 CL  A CL  1 
HETATM 769 CL CL  . CL  D 2 .  ? -3.392  -6.018  -1.371  1.00 39.81  ? 1098 CL  A CL  1 
HETATM 770 C  C1  . MLI E 3 .  ? -8.518  -4.590  5.557   1.00 76.63  ? 1099 MLI A C1  1 
HETATM 771 C  C2  . MLI E 3 .  ? -9.803  -4.117  6.125   1.00 79.37  ? 1099 MLI A C2  1 
HETATM 772 C  C3  . MLI E 3 .  ? -8.361  -6.063  5.398   1.00 64.60  ? 1099 MLI A C3  1 
HETATM 773 O  O6  . MLI E 3 .  ? -10.134 -4.513  7.237   1.00 98.59  ? 1099 MLI A O6  1 
HETATM 774 O  O7  . MLI E 3 .  ? -10.600 -3.224  5.473   1.00 80.30  ? 1099 MLI A O7  1 
HETATM 775 O  O8  . MLI E 3 .  ? -9.341  -6.761  5.434   1.00 77.90  ? 1099 MLI A O8  1 
HETATM 776 O  O9  . MLI E 3 .  ? -7.191  -6.705  5.667   1.00 75.26  ? 1099 MLI A O9  1 
HETATM 777 C  C1  . MLI F 3 .  ? -3.351  -5.702  7.491   1.00 91.29  ? 1100 MLI A C1  1 
HETATM 778 C  C2  . MLI F 3 .  ? -2.245  -5.589  6.508   1.00 82.67  ? 1100 MLI A C2  1 
HETATM 779 C  C3  . MLI F 3 .  ? -4.575  -5.990  6.746   1.00 84.20  ? 1100 MLI A C3  1 
HETATM 780 O  O6  . MLI F 3 .  ? -2.403  -4.701  5.701   1.00 77.45  ? 1100 MLI A O6  1 
HETATM 781 O  O7  . MLI F 3 .  ? -1.696  -6.736  5.979   1.00 84.88  ? 1100 MLI A O7  1 
HETATM 782 O  O8  . MLI F 3 .  ? -5.146  -5.055  6.219   1.00 86.02  ? 1100 MLI A O8  1 
HETATM 783 O  O9  . MLI F 3 .  ? -4.363  -7.104  5.991   1.00 79.87  ? 1100 MLI A O9  1 
HETATM 784 O  O   . HOH G 4 .  ? 10.397  1.435   12.327  1.00 50.82  ? 2001 HOH A O   1 
HETATM 785 O  O   . HOH G 4 .  ? 17.293  -3.651  6.695   1.00 43.75  ? 2002 HOH A O   1 
HETATM 786 O  O   . HOH G 4 .  ? -1.458  3.461   -10.989 0.50 33.38  ? 2003 HOH A O   1 
HETATM 787 O  O   . HOH G 4 .  ? 11.347  -3.599  -0.444  1.00 45.44  ? 2004 HOH A O   1 
HETATM 788 O  O   . HOH G 4 .  ? 2.818   -9.058  2.456   1.00 55.13  ? 2005 HOH A O   1 
HETATM 789 O  O   . HOH G 4 .  ? -5.143  -8.271  -1.044  1.00 40.60  ? 2006 HOH A O   1 
HETATM 790 O  O   . HOH G 4 .  ? -11.218 -6.333  3.045   1.00 42.93  ? 2007 HOH A O   1 
HETATM 791 O  O   . HOH G 4 .  ? -8.442  -12.808 -2.714  1.00 45.87  ? 2008 HOH A O   1 
HETATM 792 O  O   . HOH G 4 .  ? 6.158   -5.440  -2.624  1.00 45.95  ? 2009 HOH A O   1 
HETATM 793 O  O   . HOH G 4 .  ? 6.389   5.889   -3.823  1.00 60.40  ? 2010 HOH A O   1 
HETATM 794 O  O   . HOH G 4 .  ? 5.212   1.514   -6.161  1.00 40.58  ? 2011 HOH A O   1 
HETATM 795 O  O   . HOH G 4 .  ? -4.886  -14.517 -12.767 1.00 42.36  ? 2012 HOH A O   1 
HETATM 796 O  O   . HOH G 4 .  ? -6.752  -11.582 -13.309 1.00 46.47  ? 2013 HOH A O   1 
HETATM 797 O  O   . HOH G 4 .  ? -3.679  3.212   -13.103 1.00 46.07  ? 2014 HOH A O   1 
HETATM 798 O  O   . HOH G 4 .  ? -14.327 -6.107  -17.519 1.00 37.11  ? 2015 HOH A O   1 
HETATM 799 O  O   . HOH G 4 .  ? -13.054 -6.440  -8.423  1.00 37.66  ? 2016 HOH A O   1 
HETATM 800 O  O   . HOH G 4 .  ? -16.345 -5.909  -9.642  1.00 38.26  ? 2017 HOH A O   1 
HETATM 801 O  O   . HOH G 4 .  ? -10.475 -6.859  -9.840  1.00 35.09  ? 2018 HOH A O   1 
HETATM 802 O  O   . HOH G 4 .  ? -11.607 -3.712  2.745   1.00 34.09  ? 2019 HOH A O   1 
HETATM 803 O  O   . HOH G 4 .  ? -14.397 0.817   6.221   1.00 47.08  ? 2020 HOH A O   1 
HETATM 804 O  O   . HOH G 4 .  ? -14.536 -4.083  3.449   1.00 50.24  ? 2021 HOH A O   1 
HETATM 805 O  O   . HOH G 4 .  ? -9.300  10.492  5.700   1.00 45.78  ? 2022 HOH A O   1 
HETATM 806 O  O   . HOH G 4 .  ? -10.535 5.467   10.893  1.00 36.36  ? 2023 HOH A O   1 
HETATM 807 O  O   . HOH G 4 .  ? -6.804  11.154  5.287   1.00 57.31  ? 2024 HOH A O   1 
HETATM 808 O  O   . HOH G 4 .  ? 0.853   10.297  17.215  1.00 28.55  ? 2025 HOH A O   1 
HETATM 809 O  O   . HOH G 4 .  ? 3.449   9.483   14.983  1.00 63.23  ? 2026 HOH A O   1 
HETATM 810 O  O   . HOH G 4 .  ? 5.924   8.772   8.503   1.00 46.73  ? 2027 HOH A O   1 
# 
loop_
_atom_site_anisotrop.id 
_atom_site_anisotrop.type_symbol 
_atom_site_anisotrop.pdbx_label_atom_id 
_atom_site_anisotrop.pdbx_label_alt_id 
_atom_site_anisotrop.pdbx_label_comp_id 
_atom_site_anisotrop.pdbx_label_asym_id 
_atom_site_anisotrop.pdbx_label_seq_id 
_atom_site_anisotrop.pdbx_PDB_ins_code 
_atom_site_anisotrop.U[1][1] 
_atom_site_anisotrop.U[2][2] 
_atom_site_anisotrop.U[3][3] 
_atom_site_anisotrop.U[1][2] 
_atom_site_anisotrop.U[1][3] 
_atom_site_anisotrop.U[2][3] 
_atom_site_anisotrop.pdbx_auth_seq_id 
_atom_site_anisotrop.pdbx_auth_comp_id 
_atom_site_anisotrop.pdbx_auth_asym_id 
_atom_site_anisotrop.pdbx_auth_atom_id 
1   N  N   . ALA A 2  ? 0.8737 0.5806 0.6064 0.0906  -0.0353 0.0616  2    ALA A N   
2   C  CA  . ALA A 2  ? 0.8973 0.6634 0.6615 0.0865  -0.0370 0.0456  2    ALA A CA  
3   C  C   . ALA A 2  ? 0.7048 0.4841 0.4609 0.0552  -0.0220 0.0554  2    ALA A C   
4   O  O   . ALA A 2  ? 0.7514 0.5293 0.5107 0.0313  -0.0037 0.0562  2    ALA A O   
5   C  CB  . ALA A 2  ? 0.9530 0.7598 0.7644 0.0891  -0.0321 0.0161  2    ALA A CB  
6   N  N   . SER A 3  ? 0.7688 0.5603 0.5132 0.0557  -0.0300 0.0634  3    SER A N   
7   C  CA  . SER A 3  ? 0.7391 0.5448 0.4801 0.0284  -0.0162 0.0710  3    SER A CA  
8   C  C   . SER A 3  ? 0.5573 0.4116 0.3410 0.0132  -0.0040 0.0508  3    SER A C   
9   O  O   . SER A 3  ? 0.5924 0.4768 0.4087 0.0243  -0.0085 0.0290  3    SER A O   
10  C  CB  . SER A 3  ? 0.7381 0.5484 0.4599 0.0344  -0.0281 0.0803  3    SER A CB  
11  O  OG  . SER A 3  ? 0.6430 0.4964 0.3936 0.0501  -0.0408 0.0599  3    SER A OG  
12  N  N   . LEU A 4  ? 0.5550 0.4171 0.3384 -0.0122 0.0115  0.0586  4    LEU A N   
13  C  CA  . LEU A 4  ? 0.5523 0.4571 0.3726 -0.0277 0.0233  0.0434  4    LEU A CA  
14  C  C   . LEU A 4  ? 0.4537 0.3979 0.3010 -0.0153 0.0121  0.0234  4    LEU A C   
15  O  O   . LEU A 4  ? 0.4520 0.4326 0.3360 -0.0173 0.0161  0.0019  4    LEU A O   
16  C  CB  . LEU A 4  ? 0.5410 0.4416 0.3508 -0.0527 0.0387  0.0599  4    LEU A CB  
17  C  CG  . LEU A 4  ? 0.5225 0.4586 0.3649 -0.0719 0.0535  0.0510  4    LEU A CG  
18  C  CD1 . LEU A 4  ? 0.4670 0.4208 0.3342 -0.0794 0.0636  0.0384  4    LEU A CD1 
19  C  CD2 . LEU A 4  ? 0.5708 0.4935 0.3962 -0.0921 0.0664  0.0723  4    LEU A CD2 
20  N  N   . LYS A 5  ? 0.4992 0.4382 0.3272 -0.0054 -0.0005 0.0301  5    LYS A N   
21  C  CA  . LYS A 5  ? 0.5416 0.5185 0.3907 0.0057  -0.0121 0.0116  5    LYS A CA  
22  C  C   . LYS A 5  ? 0.5525 0.5485 0.4226 0.0303  -0.0267 -0.0080 5    LYS A C   
23  O  O   . LYS A 5  ? 0.4813 0.5215 0.3882 0.0308  -0.0271 -0.0319 5    LYS A O   
24  C  CB  . LYS A 5  ? 0.5253 0.4910 0.3436 0.0140  -0.0249 0.0237  5    LYS A CB  
25  C  CG  . LYS A 5  ? 0.5387 0.5443 0.3744 0.0289  -0.0403 0.0040  5    LYS A CG  
26  C  CD  . LYS A 5  ? 0.6409 0.6352 0.4407 0.0355  -0.0526 0.0176  5    LYS A CD  
27  C  CE  . LYS A 5  ? 0.5967 0.6360 0.4130 0.0467  -0.0667 -0.0029 5    LYS A CE  
28  N  NZ  . LYS A 5  ? 0.5200 0.5827 0.3601 0.0683  -0.0800 -0.0202 5    LYS A NZ  
29  N  N   . GLU A 6  ? 0.5238 0.4870 0.3721 0.0501  -0.0380 0.0016  6    GLU A N   
30  C  CA  . GLU A 6  ? 0.5756 0.5540 0.4454 0.0761  -0.0517 -0.0163 6    GLU A CA  
31  C  C   . GLU A 6  ? 0.5273 0.5360 0.4382 0.0649  -0.0377 -0.0386 6    GLU A C   
32  O  O   . GLU A 6  ? 0.5091 0.5593 0.4545 0.0762  -0.0442 -0.0633 6    GLU A O   
33  C  CB  . GLU A 6  ? 0.6267 0.5558 0.4677 0.0958  -0.0609 -0.0007 6    GLU A CB  
34  C  CG  . GLU A 6  ? 0.7988 0.7039 0.6054 0.1193  -0.0820 0.0159  6    GLU A CG  
35  C  CD  . GLU A 6  ? 0.9974 0.8496 0.7789 0.1378  -0.0886 0.0308  6    GLU A CD  
36  O  OE1 . GLU A 6  ? 1.0838 0.9422 0.8843 0.1639  -0.1007 0.0180  6    GLU A OE1 
37  O  OE2 . GLU A 6  ? 0.9501 0.7545 0.6946 0.1252  -0.0804 0.0544  6    GLU A OE2 
38  N  N   . ILE A 7  ? 0.5363 0.5271 0.4430 0.0419  -0.0181 -0.0301 7    ILE A N   
39  C  CA  . ILE A 7  ? 0.4611 0.4809 0.4028 0.0279  -0.0030 -0.0490 7    ILE A CA  
40  C  C   . ILE A 7  ? 0.4514 0.5192 0.4252 0.0130  0.0043  -0.0656 7    ILE A C   
41  O  O   . ILE A 7  ? 0.4132 0.5217 0.4242 0.0155  0.0054  -0.0912 7    ILE A O   
42  C  CB  . ILE A 7  ? 0.4535 0.4450 0.3789 0.0050  0.0159  -0.0335 7    ILE A CB  
43  C  CG1 . ILE A 7  ? 0.5745 0.5197 0.4726 0.0210  0.0088  -0.0225 7    ILE A CG1 
44  C  CG2 . ILE A 7  ? 0.4347 0.4605 0.3940 -0.0140 0.0335  -0.0511 7    ILE A CG2 
45  C  CD1 . ILE A 7  ? 0.5844 0.4985 0.4609 -0.0010 0.0258  -0.0064 7    ILE A CD1 
46  N  N   . ILE A 8  ? 0.4059 0.4693 0.3667 -0.0030 0.0103  -0.0521 8    ILE A N   
47  C  CA  . ILE A 8  ? 0.4248 0.5282 0.4150 -0.0184 0.0186  -0.0669 8    ILE A CA  
48  C  C   . ILE A 8  ? 0.4586 0.6007 0.4730 0.0023  0.0016  -0.0921 8    ILE A C   
49  O  O   . ILE A 8  ? 0.4139 0.5985 0.4663 -0.0039 0.0072  -0.1165 8    ILE A O   
50  C  CB  . ILE A 8  ? 0.3986 0.4879 0.3698 -0.0325 0.0238  -0.0498 8    ILE A CB  
51  C  CG1 . ILE A 8  ? 0.4120 0.4729 0.3661 -0.0548 0.0421  -0.0273 8    ILE A CG1 
52  C  CG2 . ILE A 8  ? 0.4205 0.5511 0.4235 -0.0427 0.0283  -0.0695 8    ILE A CG2 
53  C  CD1 . ILE A 8  ? 0.3623 0.4041 0.2944 -0.0662 0.0466  -0.0077 8    ILE A CD1 
54  N  N   . ASP A 9  ? 0.4425 0.5723 0.4348 0.0262  -0.0192 -0.0859 9    ASP A N   
55  C  CA  . ASP A 9  ? 0.5071 0.6781 0.5211 0.0469  -0.0372 -0.1090 9    ASP A CA  
56  C  C   . ASP A 9  ? 0.5479 0.7454 0.5942 0.0612  -0.0409 -0.1320 9    ASP A C   
57  O  O   . ASP A 9  ? 0.4593 0.7079 0.5444 0.0604  -0.0410 -0.1599 9    ASP A O   
58  C  CB  . ASP A 9  ? 0.4971 0.6473 0.4771 0.0722  -0.0600 -0.0947 9    ASP A CB  
59  C  CG  . ASP A 9  ? 0.5841 0.7182 0.5359 0.0591  -0.0574 -0.0774 9    ASP A CG  
60  O  OD1 . ASP A 9  ? 0.4904 0.6380 0.4566 0.0338  -0.0405 -0.0820 9    ASP A OD1 
61  O  OD2 . ASP A 9  ? 0.6323 0.7389 0.5477 0.0736  -0.0713 -0.0590 9    ASP A OD2 
62  N  N   . GLU A 10 ? 0.5021 0.6658 0.5343 0.0732  -0.0428 -0.1218 10   GLU A N   
63  C  CA  . GLU A 10 ? 0.5826 0.7690 0.6458 0.0883  -0.0458 -0.1445 10   GLU A CA  
64  C  C   . GLU A 10 ? 0.5091 0.7355 0.6117 0.0639  -0.0256 -0.1669 10   GLU A C   
65  O  O   . GLU A 10 ? 0.4995 0.7726 0.6396 0.0733  -0.0298 -0.1956 10   GLU A O   
66  C  CB  . GLU A 10 ? 0.7101 0.8479 0.7505 0.1025  -0.0483 -0.1298 10   GLU A CB  
67  C  CG  . GLU A 10 ? 0.9278 1.0343 0.9384 0.1341  -0.0719 -0.1142 10   GLU A CG  
68  C  CD  . GLU A 10 ? 1.0850 1.1358 1.0707 0.1466  -0.0728 -0.0980 10   GLU A CD  
69  O  OE1 . GLU A 10 ? 1.1274 1.1725 1.1264 0.1338  -0.0565 -0.1059 10   GLU A OE1 
70  O  OE2 . GLU A 10 ? 1.0176 1.0309 0.9702 0.1683  -0.0894 -0.0781 10   GLU A OE2 
71  N  N   . LEU A 11 ? 0.3845 0.5953 0.4787 0.0329  -0.0037 -0.1539 11   LEU A N   
72  C  CA  . LEU A 11 ? 0.3743 0.6200 0.5017 0.0075  0.0170  -0.1713 11   LEU A CA  
73  C  C   . LEU A 11 ? 0.4843 0.7785 0.6425 -0.0028 0.0193  -0.1918 11   LEU A C   
74  O  O   . LEU A 11 ? 0.3693 0.7075 0.5651 -0.0121 0.0282  -0.2176 11   LEU A O   
75  C  CB  . LEU A 11 ? 0.3658 0.5829 0.4745 -0.0216 0.0387  -0.1495 11   LEU A CB  
76  C  CG  . LEU A 11 ? 0.3937 0.5708 0.4781 -0.0164 0.0401  -0.1351 11   LEU A CG  
77  C  CD1 . LEU A 11 ? 0.3879 0.5449 0.4545 -0.0459 0.0603  -0.1139 11   LEU A CD1 
78  C  CD2 . LEU A 11 ? 0.4029 0.6039 0.5157 -0.0048 0.0398  -0.1612 11   LEU A CD2 
79  N  N   . GLY A 12 ? 0.4299 0.7166 0.5722 -0.0023 0.0120  -0.1817 12   GLY A N   
80  C  CA  . GLY A 12 ? 0.4174 0.7472 0.5868 -0.0117 0.0134  -0.2019 12   GLY A CA  
81  C  C   . GLY A 12 ? 0.4581 0.8383 0.6600 0.0108  -0.0030 -0.2340 12   GLY A C   
82  O  O   . GLY A 12 ? 0.4105 0.8378 0.6505 -0.0017 0.0057  -0.2607 12   GLY A O   
83  N  N   . LYS A 13 ? 0.4946 0.8648 0.6810 0.0437  -0.0266 -0.2303 13   LYS A N   
84  C  CA  . LYS A 13 ? 0.5774 0.9926 0.7910 0.0708  -0.0457 -0.2570 13   LYS A CA  
85  C  C   . LYS A 13 ? 0.5549 0.9991 0.8049 0.0702  -0.0368 -0.2808 13   LYS A C   
86  O  O   . LYS A 13 ? 0.6049 1.1055 0.8943 0.0742  -0.0400 -0.3122 13   LYS A O   
87  C  CB  . LYS A 13 ? 0.7502 1.1349 0.9324 0.1064  -0.0711 -0.2399 13   LYS A CB  
88  C  CG  . LYS A 13 ? 0.8873 1.3164 1.0913 0.1393  -0.0956 -0.2619 13   LYS A CG  
89  C  CD  . LYS A 13 ? 1.0849 1.4752 1.2593 0.1756  -0.1177 -0.2421 13   LYS A CD  
90  C  CE  . LYS A 13 ? 1.1623 1.5961 1.3518 0.2105  -0.1455 -0.2585 13   LYS A CE  
91  N  NZ  . LYS A 13 ? 1.1968 1.5945 1.3659 0.2482  -0.1654 -0.2422 13   LYS A NZ  
92  N  N   . GLN A 14 ? 0.4653 0.8741 0.7031 0.0630  -0.0245 -0.2673 14   GLN A N   
93  C  CA  . GLN A 14 ? 0.4172 0.8515 0.6867 0.0623  -0.0153 -0.2897 14   GLN A CA  
94  C  C   . GLN A 14 ? 0.3959 0.8730 0.6985 0.0276  0.0082  -0.3096 14   GLN A C   
95  O  O   . GLN A 14 ? 0.4938 1.0243 0.8371 0.0289  0.0097  -0.3418 14   GLN A O   
96  C  CB  . GLN A 14 ? 0.4287 0.8107 0.6719 0.0624  -0.0079 -0.2690 14   GLN A CB  
97  C  CG  . GLN A 14 ? 0.6080 1.0090 0.8787 0.0686  -0.0021 -0.2912 14   GLN A CG  
98  C  CD  . GLN A 14 ? 0.8143 1.1630 1.0571 0.0632  0.0080  -0.2712 14   GLN A CD  
99  O  OE1 . GLN A 14 ? 0.8106 1.1071 1.0168 0.0775  -0.0021 -0.2459 14   GLN A OE1 
100 N  NE2 . GLN A 14 ? 0.6689 1.0341 0.9287 0.0411  0.0287  -0.2832 14   GLN A NE2 
101 N  N   . ALA A 15 ? 0.3485 0.8013 0.6332 -0.0031 0.0264  -0.2893 15   ALA A N   
102 C  CA  . ALA A 15 ? 0.4854 0.9683 0.7950 -0.0374 0.0497  -0.3011 15   ALA A CA  
103 C  C   . ALA A 15 ? 0.6140 1.1510 0.9578 -0.0395 0.0458  -0.3301 15   ALA A C   
104 O  O   . ALA A 15 ? 0.5521 1.1267 0.9271 -0.0632 0.0631  -0.3500 15   ALA A O   
105 C  CB  . ALA A 15 ? 0.4392 0.8813 0.7201 -0.0644 0.0659  -0.2701 15   ALA A CB  
106 N  N   . LYS A 16 ? 0.6556 1.1971 0.9924 -0.0168 0.0241  -0.3318 16   LYS A N   
107 C  CA  . LYS A 16 ? 0.6489 1.2455 1.0174 -0.0166 0.0178  -0.3612 16   LYS A CA  
108 C  C   . LYS A 16 ? 0.6653 1.3153 1.0698 0.0074  0.0041  -0.3947 16   LYS A C   
109 O  O   . LYS A 16 ? 0.7406 1.4447 1.1853 -0.0067 0.0137  -0.4258 16   LYS A O   
110 C  CB  . LYS A 16 ? 0.7686 1.3511 1.1127 -0.0030 0.0001  -0.3492 16   LYS A CB  
111 C  CG  . LYS A 16 ? 0.8592 1.5001 1.2333 -0.0039 -0.0072 -0.3801 16   LYS A CG  
112 C  CD  . LYS A 16 ? 0.9814 1.6095 1.3275 0.0103  -0.0259 -0.3678 16   LYS A CD  
113 C  CE  . LYS A 16 ? 0.8860 1.5787 1.2625 0.0114  -0.0352 -0.4018 16   LYS A CE  
114 N  NZ  . LYS A 16 ? 0.9021 1.5875 1.2505 0.0253  -0.0538 -0.3916 16   LYS A NZ  
115 N  N   . GLU A 17 ? 0.5912 1.2257 0.9825 0.0433  -0.0175 -0.3884 17   GLU A N   
116 C  CA  . GLU A 17 ? 0.7892 1.4714 1.2145 0.0712  -0.0326 -0.4182 17   GLU A CA  
117 C  C   . GLU A 17 ? 0.8569 1.5695 1.3166 0.0550  -0.0131 -0.4414 17   GLU A C   
118 O  O   . GLU A 17 ? 0.9461 1.7128 1.4445 0.0700  -0.0205 -0.4739 17   GLU A O   
119 C  CB  . GLU A 17 ? 0.9250 1.5707 1.3264 0.1111  -0.0551 -0.4014 17   GLU A CB  
120 C  CG  . GLU A 17 ? 1.0483 1.6802 1.4225 0.1379  -0.0812 -0.3860 17   GLU A CG  
121 C  CD  . GLU A 17 ? 1.1321 1.7176 1.4782 0.1749  -0.1008 -0.3644 17   GLU A CD  
122 O  OE1 . GLU A 17 ? 1.1935 1.7246 1.5158 0.1692  -0.0900 -0.3431 17   GLU A OE1 
123 O  OE2 . GLU A 17 ? 1.1330 1.7362 1.4800 0.2094  -0.1271 -0.3683 17   GLU A OE2 
124 N  N   . GLN A 18 ? 0.6704 1.3505 1.1163 0.0253  0.0109  -0.4250 18   GLN A N   
125 C  CA  . GLN A 18 ? 0.6382 1.3419 1.1104 0.0111  0.0290  -0.4435 18   GLN A CA  
126 C  C   . GLN A 18 ? 0.5117 1.2325 0.9967 -0.0334 0.0579  -0.4479 18   GLN A C   
127 O  O   . GLN A 18 ? 0.5104 1.2594 1.0192 -0.0494 0.0745  -0.4659 18   GLN A O   
128 C  CB  . GLN A 18 ? 0.6176 1.2687 1.0615 0.0185  0.0319  -0.4211 18   GLN A CB  
129 C  CG  . GLN A 18 ? 0.6521 1.2739 1.0785 0.0607  0.0059  -0.4116 18   GLN A CG  
130 C  CD  . GLN A 18 ? 0.6370 1.2041 1.0355 0.0638  0.0117  -0.3905 18   GLN A CD  
131 O  OE1 . GLN A 18 ? 0.5619 1.1207 0.9570 0.0348  0.0345  -0.3859 18   GLN A OE1 
132 N  NE2 . GLN A 18 ? 0.6598 1.1903 1.0381 0.0982  -0.0087 -0.3777 18   GLN A NE2 
133 N  N   . ASN A 19 ? 0.5284 1.2302 0.9967 -0.0535 0.0645  -0.4308 19   ASN A N   
134 C  CA  . ASN A 19 ? 0.6184 1.3287 1.0964 -0.0956 0.0924  -0.4307 19   ASN A CA  
135 C  C   . ASN A 19 ? 0.6435 1.3278 1.1074 -0.1183 0.1143  -0.4132 19   ASN A C   
136 O  O   . ASN A 19 ? 0.6108 1.3261 1.0979 -0.1461 0.1357  -0.4277 19   ASN A O   
137 C  CB  . ASN A 19 ? 0.7042 1.4865 1.2317 -0.1078 0.0992  -0.4725 19   ASN A CB  
138 C  CG  . ASN A 19 ? 0.7001 1.4902 1.2352 -0.1385 0.1138  -0.4741 19   ASN A CG  
139 O  OD1 . ASN A 19 ? 0.6823 1.4246 1.1876 -0.1510 0.1200  -0.4440 19   ASN A OD1 
140 N  ND2 . ASN A 19 ? 0.8192 1.6708 1.3965 -0.1510 0.1201  -0.5110 19   ASN A ND2 
141 N  N   A LYS A 20 ? 0.6093 1.2391 1.0352 -0.1074 0.1092  -0.3826 20   LYS A N   
142 N  N   B LYS A 20 ? 0.6095 1.2393 1.0353 -0.1076 0.1094  -0.3825 20   LYS A N   
143 C  CA  A LYS A 20 ? 0.5430 1.1457 0.9500 -0.1292 0.1288  -0.3624 20   LYS A CA  
144 C  CA  B LYS A 20 ? 0.5350 1.1364 0.9411 -0.1321 0.1300  -0.3604 20   LYS A CA  
145 C  C   A LYS A 20 ? 0.4732 1.0107 0.8331 -0.1215 0.1226  -0.3233 20   LYS A C   
146 C  C   B LYS A 20 ? 0.4739 1.0115 0.8338 -0.1219 0.1228  -0.3231 20   LYS A C   
147 O  O   A LYS A 20 ? 0.4390 0.9524 0.7814 -0.0947 0.1017  -0.3145 20   LYS A O   
148 O  O   B LYS A 20 ? 0.4419 0.9558 0.7847 -0.0941 0.1015  -0.3152 20   LYS A O   
149 C  CB  A LYS A 20 ? 0.5622 1.1919 0.9886 -0.1230 0.1321  -0.3845 20   LYS A CB  
150 C  CB  B LYS A 20 ? 0.5558 1.1890 0.9839 -0.1353 0.1395  -0.3826 20   LYS A CB  
151 C  CG  A LYS A 20 ? 0.5514 1.1624 0.9688 -0.0842 0.1098  -0.3863 20   LYS A CG  
152 C  CG  B LYS A 20 ? 0.4619 1.0974 0.8871 -0.1738 0.1675  -0.3726 20   LYS A CG  
153 C  CD  A LYS A 20 ? 0.5696 1.1847 0.9923 -0.0846 0.1189  -0.3960 20   LYS A CD  
154 C  CD  B LYS A 20 ? 0.4099 1.0178 0.8112 -0.1739 0.1725  -0.3572 20   LYS A CD  
155 C  CE  A LYS A 20 ? 0.6265 1.1993 1.0267 -0.0516 0.1009  -0.3851 20   LYS A CE  
156 C  CE  B LYS A 20 ? 0.3266 0.9073 0.7012 -0.2056 0.1926  -0.3254 20   LYS A CE  
157 N  NZ  A LYS A 20 ? 0.6600 1.2261 1.0580 -0.0574 0.1130  -0.3895 20   LYS A NZ  
158 N  NZ  B LYS A 20 ? 0.3679 0.9616 0.7534 -0.2330 0.2073  -0.3213 20   LYS A NZ  
159 N  N   . ILE A 21 ? 0.4693 0.9814 0.8087 -0.1457 0.1411  -0.3001 21   ILE A N   
160 C  CA  . ILE A 21 ? 0.4547 0.9088 0.7503 -0.1428 0.1384  -0.2637 21   ILE A CA  
161 C  C   . ILE A 21 ? 0.4485 0.8804 0.7301 -0.1087 0.1176  -0.2647 21   ILE A C   
162 O  O   . ILE A 21 ? 0.4455 0.8992 0.7458 -0.0963 0.1147  -0.2872 21   ILE A O   
163 C  CB  . ILE A 21 ? 0.5401 0.9848 0.8226 -0.1715 0.1609  -0.2468 21   ILE A CB  
164 C  CG1 . ILE A 21 ? 0.5971 1.0612 0.8932 -0.2046 0.1817  -0.2434 21   ILE A CG1 
165 C  CG2 . ILE A 21 ? 0.3680 0.7591 0.6076 -0.1709 0.1596  -0.2112 21   ILE A CG2 
166 C  CD1 . ILE A 21 ? 0.6352 1.0932 0.9168 -0.2326 0.2029  -0.2242 21   ILE A CD1 
167 N  N   . ALA A 22 ? 0.4155 0.8051 0.6660 -0.0927 0.1032  -0.2418 22   ALA A N   
168 C  CA  . ALA A 22 ? 0.4339 0.7914 0.6643 -0.0635 0.0860  -0.2361 22   ALA A CA  
169 C  C   . ALA A 22 ? 0.4448 0.7479 0.6319 -0.0722 0.0907  -0.2007 22   ALA A C   
170 O  O   . ALA A 22 ? 0.4129 0.6976 0.5817 -0.0862 0.0953  -0.1789 22   ALA A O   
171 C  CB  . ALA A 22 ? 0.4234 0.7813 0.6542 -0.0326 0.0615  -0.2420 22   ALA A CB  
172 N  N   . SER A 23 ? 0.3505 0.6287 0.5229 -0.0636 0.0898  -0.1966 23   SER A N   
173 C  CA  . SER A 23 ? 0.3758 0.6114 0.5120 -0.0773 0.0985  -0.1677 23   SER A CA  
174 C  C   . SER A 23 ? 0.4519 0.6421 0.5609 -0.0544 0.0853  -0.1575 23   SER A C   
175 O  O   . SER A 23 ? 0.4000 0.5937 0.5226 -0.0293 0.0734  -0.1761 23   SER A O   
176 C  CB  . SER A 23 ? 0.4150 0.6690 0.5590 -0.1045 0.1204  -0.1715 23   SER A CB  
177 O  OG  . SER A 23 ? 0.4949 0.7777 0.6534 -0.1299 0.1347  -0.1702 23   SER A OG  
178 N  N   . ARG A 24 ? 0.4141 0.5034 0.4044 0.0647  0.0765  -0.0867 24   ARG A N   
179 C  CA  . ARG A 24 ? 0.3984 0.4820 0.3758 0.0769  0.0611  -0.0715 24   ARG A CA  
180 C  C   . ARG A 24 ? 0.3909 0.4410 0.3701 0.0746  0.0555  -0.0539 24   ARG A C   
181 O  O   . ARG A 24 ? 0.3957 0.4422 0.3905 0.0677  0.0633  -0.0542 24   ARG A O   
182 C  CB  . ARG A 24 ? 0.4807 0.6001 0.4639 0.0823  0.0606  -0.0782 24   ARG A CB  
183 C  CG  . ARG A 24 ? 0.5364 0.6462 0.5024 0.0955  0.0479  -0.0617 24   ARG A CG  
184 C  CD  . ARG A 24 ? 0.6684 0.8155 0.6287 0.1080  0.0476  -0.0681 24   ARG A CD  
185 N  NE  . ARG A 24 ? 0.6678 0.7986 0.6174 0.1164  0.0408  -0.0495 24   ARG A NE  
186 C  CZ  . ARG A 24 ? 0.6610 0.8148 0.6010 0.1307  0.0408  -0.0475 24   ARG A CZ  
187 N  NH1 . ARG A 24 ? 0.6178 0.8190 0.5586 0.1393  0.0451  -0.0653 24   ARG A NH1 
188 N  NH2 . ARG A 24 ? 0.6263 0.7575 0.5565 0.1357  0.0372  -0.0280 24   ARG A NH2 
189 N  N   . ILE A 25 ? 0.3980 0.4254 0.3609 0.0809  0.0419  -0.0394 25   ILE A N   
190 C  CA  . ILE A 25 ? 0.4058 0.4103 0.3726 0.0781  0.0338  -0.0235 25   ILE A CA  
191 C  C   . ILE A 25 ? 0.3640 0.3849 0.3453 0.0770  0.0339  -0.0185 25   ILE A C   
192 O  O   . ILE A 25 ? 0.5060 0.5427 0.4815 0.0829  0.0324  -0.0195 25   ILE A O   
193 C  CB  . ILE A 25 ? 0.4700 0.4466 0.4145 0.0825  0.0191  -0.0133 25   ILE A CB  
194 C  CG1 . ILE A 25 ? 0.4403 0.3993 0.3729 0.0838  0.0210  -0.0163 25   ILE A CG1 
195 C  CG2 . ILE A 25 ? 0.4535 0.4158 0.4045 0.0773  0.0082  0.0010  25   ILE A CG2 
196 C  CD1 . ILE A 25 ? 0.5253 0.4588 0.4319 0.0901  0.0077  -0.0108 25   ILE A CD1 
197 N  N   . LEU A 26 ? 0.4012 0.4215 0.4003 0.0721  0.0379  -0.0135 26   LEU A N   
198 C  CA  . LEU A 26 ? 0.3924 0.4288 0.4054 0.0719  0.0385  -0.0066 26   LEU A CA  
199 C  C   . LEU A 26 ? 0.5116 0.5332 0.5200 0.0701  0.0246  0.0099  26   LEU A C   
200 O  O   . LEU A 26 ? 0.5813 0.5833 0.5859 0.0670  0.0159  0.0160  26   LEU A O   
201 C  CB  . LEU A 26 ? 0.3564 0.3967 0.3886 0.0696  0.0480  -0.0061 26   LEU A CB  
202 C  CG  . LEU A 26 ? 0.4570 0.5037 0.4925 0.0678  0.0639  -0.0244 26   LEU A CG  
203 C  CD1 . LEU A 26 ? 0.4789 0.5224 0.5289 0.0680  0.0752  -0.0232 26   LEU A CD1 
204 C  CD2 . LEU A 26 ? 0.4559 0.5320 0.4903 0.0695  0.0677  -0.0384 26   LEU A CD2 
205 N  N   . LYS A 27 ? 0.5016 0.5314 0.5095 0.0713  0.0225  0.0170  27   LYS A N   
206 C  CA  . LYS A 27 ? 0.5303 0.5412 0.5348 0.0651  0.0108  0.0309  27   LYS A CA  
207 C  C   . LYS A 27 ? 0.5423 0.5681 0.5719 0.0583  0.0116  0.0419  27   LYS A C   
208 O  O   . LYS A 27 ? 0.6107 0.6456 0.6466 0.0562  0.0139  0.0509  27   LYS A O   
209 C  CB  . LYS A 27 ? 0.6291 0.6273 0.6116 0.0698  0.0080  0.0342  27   LYS A CB  
210 C  CG  . LYS A 27 ? 0.6579 0.6363 0.6150 0.0763  0.0033  0.0252  27   LYS A CG  
211 C  CD  . LYS A 27 ? 0.7630 0.7224 0.6931 0.0845  0.0008  0.0296  27   LYS A CD  
212 C  CE  . LYS A 27 ? 0.7866 0.7198 0.6898 0.0907  -0.0060 0.0239  27   LYS A CE  
213 N  NZ  . LYS A 27 ? 0.9077 0.8161 0.7809 0.1011  -0.0071 0.0301  27   LYS A NZ  
214 N  N   . ILE A 28 ? 0.4700 0.4993 0.5133 0.0568  0.0113  0.0419  28   ILE A N   
215 C  CA  . ILE A 28 ? 0.4812 0.5305 0.5497 0.0535  0.0123  0.0521  28   ILE A CA  
216 C  C   . ILE A 28 ? 0.5907 0.6362 0.6650 0.0415  -0.0008 0.0638  28   ILE A C   
217 O  O   . ILE A 28 ? 0.5041 0.5310 0.5684 0.0366  -0.0137 0.0629  28   ILE A O   
218 C  CB  . ILE A 28 ? 0.4763 0.5259 0.5516 0.0583  0.0143  0.0502  28   ILE A CB  
219 C  CG1 . ILE A 28 ? 0.4335 0.4828 0.5047 0.0662  0.0300  0.0374  28   ILE A CG1 
220 C  CG2 . ILE A 28 ? 0.4998 0.5736 0.6003 0.0579  0.0137  0.0620  28   ILE A CG2 
221 C  CD1 . ILE A 28 ? 0.3962 0.4312 0.4645 0.0716  0.0344  0.0352  28   ILE A CD1 
222 N  N   . LYS A 29 ? 0.5472 0.6103 0.6373 0.0359  0.0028  0.0738  29   LYS A N   
223 C  CA  . LYS A 29 ? 0.5768 0.6348 0.6736 0.0198  -0.0073 0.0836  29   LYS A CA  
224 C  C   . LYS A 29 ? 0.5490 0.6186 0.6627 0.0121  -0.0204 0.0858  29   LYS A C   
225 O  O   . LYS A 29 ? 0.5005 0.5978 0.6338 0.0190  -0.0172 0.0884  29   LYS A O   
226 C  CB  . LYS A 29 ? 0.6997 0.7780 0.8133 0.0149  0.0030  0.0956  29   LYS A CB  
227 C  CG  . LYS A 29 ? 0.7865 0.8595 0.9108 -0.0064 -0.0037 0.1061  29   LYS A CG  
228 C  CD  . LYS A 29 ? 0.9774 1.0649 1.1136 -0.0106 0.0108  0.1200  29   LYS A CD  
229 C  CE  . LYS A 29 ? 0.9720 1.0659 1.1310 -0.0357 0.0074  0.1309  29   LYS A CE  
230 N  NZ  . LYS A 29 ? 1.0102 1.1191 1.1813 -0.0391 0.0248  0.1465  29   LYS A NZ  
231 N  N   . GLY A 30 ? 0.4848 0.5337 0.5886 -0.0003 -0.0351 0.0838  30   GLY A N   
232 C  CA  . GLY A 30 ? 0.5359 0.6030 0.6570 -0.0096 -0.0497 0.0851  30   GLY A CA  
233 C  C   . GLY A 30 ? 0.5851 0.6407 0.6895 0.0009  -0.0600 0.0769  30   GLY A C   
234 O  O   . GLY A 30 ? 0.5146 0.5828 0.6258 -0.0042 -0.0749 0.0758  30   GLY A O   
235 N  N   . ILE A 31 ? 0.5980 0.6319 0.6796 0.0158  -0.0519 0.0707  31   ILE A N   
236 C  CA  . ILE A 31 ? 0.6093 0.6315 0.6742 0.0265  -0.0584 0.0650  31   ILE A CA  
237 C  C   . ILE A 31 ? 0.6608 0.6541 0.7022 0.0180  -0.0746 0.0584  31   ILE A C   
238 O  O   . ILE A 31 ? 0.5772 0.5432 0.6004 0.0129  -0.0734 0.0549  31   ILE A O   
239 C  CB  . ILE A 31 ? 0.5837 0.5923 0.6338 0.0416  -0.0436 0.0598  31   ILE A CB  
240 C  CG1 . ILE A 31 ? 0.5997 0.6336 0.6713 0.0497  -0.0282 0.0642  31   ILE A CG1 
241 C  CG2 . ILE A 31 ? 0.6540 0.6470 0.6847 0.0526  -0.0482 0.0561  31   ILE A CG2 
242 C  CD1 . ILE A 31 ? 0.5824 0.6030 0.6420 0.0635  -0.0144 0.0581  31   ILE A CD1 
243 N  N   . LYS A 32 ? 0.6635 0.6637 0.7030 0.0186  -0.0894 0.0567  32   LYS A N   
244 C  CA  . LYS A 32 ? 0.6529 0.6266 0.6680 0.0117  -0.1060 0.0482  32   LYS A CA  
245 C  C   . LYS A 32 ? 0.6153 0.5596 0.5957 0.0286  -0.1045 0.0419  32   LYS A C   
246 O  O   . LYS A 32 ? 0.6201 0.5312 0.5740 0.0263  -0.1086 0.0349  32   LYS A O   
247 C  CB  . LYS A 32 ? 0.6632 0.6649 0.6938 0.0024  -0.1249 0.0471  32   LYS A CB  
248 C  CG  . LYS A 32 ? 0.6711 0.7106 0.7407 -0.0139 -0.1244 0.0542  32   LYS A CG  
249 C  CD  . LYS A 32 ? 0.9128 0.9976 1.0046 -0.0183 -0.1419 0.0536  32   LYS A CD  
250 C  CE  . LYS A 32 ? 1.0417 1.1233 1.1356 -0.0456 -0.1609 0.0430  32   LYS A CE  
251 N  NZ  . LYS A 32 ? 1.0860 1.1718 1.2051 -0.0726 -0.1550 0.0465  32   LYS A NZ  
252 N  N   . ARG A 33 ? 0.5964 0.5490 0.5751 0.0463  -0.0958 0.0449  33   ARG A N   
253 C  CA  . ARG A 33 ? 0.5868 0.5134 0.5334 0.0606  -0.0945 0.0400  33   ARG A CA  
254 C  C   . ARG A 33 ? 0.6938 0.6165 0.6380 0.0747  -0.0731 0.0422  33   ARG A C   
255 O  O   . ARG A 33 ? 0.6649 0.5645 0.5861 0.0813  -0.0659 0.0370  33   ARG A O   
256 C  CB  . ARG A 33 ? 0.5401 0.4742 0.4758 0.0681  -0.1113 0.0398  33   ARG A CB  
257 C  CG  . ARG A 33 ? 0.8332 0.7367 0.7296 0.0810  -0.1143 0.0338  33   ARG A CG  
258 C  CD  . ARG A 33 ? 0.9251 0.8419 0.8100 0.0942  -0.1279 0.0355  33   ARG A CD  
259 N  NE  . ARG A 33 ? 0.7877 0.7198 0.6795 0.1133  -0.1139 0.0471  33   ARG A NE  
260 C  CZ  . ARG A 33 ? 0.7291 0.6427 0.5964 0.1334  -0.1012 0.0516  33   ARG A CZ  
261 N  NH1 . ARG A 33 ? 0.7548 0.6393 0.5902 0.1381  -0.1015 0.0455  33   ARG A NH1 
262 N  NH2 . ARG A 33 ? 0.6727 0.5953 0.5458 0.1500  -0.0868 0.0631  33   ARG A NH2 
263 N  N   . ILE A 34 ? 0.5458 0.4903 0.5130 0.0792  -0.0615 0.0490  34   ILE A N   
264 C  CA  . ILE A 34 ? 0.5566 0.4920 0.5204 0.0896  -0.0400 0.0487  34   ILE A CA  
265 C  C   . ILE A 34 ? 0.7442 0.6792 0.7154 0.0801  -0.0296 0.0421  34   ILE A C   
266 O  O   . ILE A 34 ? 0.7814 0.7317 0.7694 0.0703  -0.0337 0.0438  34   ILE A O   
267 C  CB  . ILE A 34 ? 0.5510 0.5031 0.5311 0.0998  -0.0304 0.0575  34   ILE A CB  
268 C  CG1 . ILE A 34 ? 0.6012 0.5627 0.5748 0.1112  -0.0444 0.0649  34   ILE A CG1 
269 C  CG2 . ILE A 34 ? 0.5691 0.5021 0.5410 0.1094  -0.0060 0.0560  34   ILE A CG2 
270 C  CD1 . ILE A 34 ? 0.5957 0.5764 0.5841 0.1259  -0.0347 0.0757  34   ILE A CD1 
271 N  N   . VAL A 35 ? 0.5777 0.4981 0.5353 0.0834  -0.0168 0.0346  35   VAL A N   
272 C  CA  . VAL A 35 ? 0.6110 0.5369 0.5727 0.0777  -0.0082 0.0268  35   VAL A CA  
273 C  C   . VAL A 35 ? 0.5618 0.4943 0.5353 0.0802  0.0123  0.0228  35   VAL A C   
274 O  O   . VAL A 35 ? 0.5438 0.4623 0.5089 0.0867  0.0219  0.0233  35   VAL A O   
275 C  CB  . VAL A 35 ? 0.7609 0.6696 0.6972 0.0802  -0.0104 0.0192  35   VAL A CB  
276 C  CG1 . VAL A 35 ? 0.7305 0.6501 0.6691 0.0788  0.0001  0.0102  35   VAL A CG1 
277 C  CG2 . VAL A 35 ? 0.7420 0.6355 0.6616 0.0777  -0.0304 0.0216  35   VAL A CG2 
278 N  N   . VAL A 36 ? 0.5174 0.4685 0.5086 0.0759  0.0205  0.0193  36   VAL A N   
279 C  CA  . VAL A 36 ? 0.4756 0.4301 0.4760 0.0764  0.0407  0.0115  36   VAL A CA  
280 C  C   . VAL A 36 ? 0.4793 0.4424 0.4752 0.0719  0.0476  -0.0035 36   VAL A C   
281 O  O   . VAL A 36 ? 0.4706 0.4480 0.4659 0.0705  0.0399  -0.0053 36   VAL A O   
282 C  CB  . VAL A 36 ? 0.4996 0.4726 0.5220 0.0765  0.0472  0.0147  36   VAL A CB  
283 C  CG1 . VAL A 36 ? 0.4956 0.4667 0.5229 0.0757  0.0677  0.0030  36   VAL A CG1 
284 C  CG2 . VAL A 36 ? 0.5681 0.5405 0.5973 0.0835  0.0419  0.0291  36   VAL A CG2 
285 N  N   . GLN A 37 ? 0.4539 0.4091 0.4454 0.0702  0.0624  -0.0135 37   GLN A N   
286 C  CA  . GLN A 37 ? 0.4287 0.4000 0.4181 0.0657  0.0686  -0.0295 37   GLN A CA  
287 C  C   . GLN A 37 ? 0.4646 0.4469 0.4702 0.0582  0.0876  -0.0435 37   GLN A C   
288 O  O   . GLN A 37 ? 0.5692 0.5310 0.5773 0.0565  0.1014  -0.0427 37   GLN A O   
289 C  CB  . GLN A 37 ? 0.4279 0.3844 0.4008 0.0669  0.0716  -0.0320 37   GLN A CB  
290 C  CG  . GLN A 37 ? 0.4791 0.4592 0.4522 0.0629  0.0784  -0.0488 37   GLN A CG  
291 C  CD  . GLN A 37 ? 0.5615 0.5291 0.5173 0.0660  0.0805  -0.0486 37   GLN A CD  
292 O  OE1 . GLN A 37 ? 0.5593 0.5183 0.4969 0.0751  0.0661  -0.0409 37   GLN A OE1 
293 N  NE2 . GLN A 37 ? 0.5471 0.5110 0.5078 0.0581  0.0998  -0.0571 37   GLN A NE2 
294 N  N   . LEU A 38 ? 0.3954 0.4076 0.4093 0.0550  0.0889  -0.0567 38   LEU A N   
295 C  CA  . LEU A 38 ? 0.4348 0.4589 0.4627 0.0462  0.1063  -0.0745 38   LEU A CA  
296 C  C   . LEU A 38 ? 0.4829 0.5192 0.5106 0.0366  0.1167  -0.0935 38   LEU A C   
297 O  O   . LEU A 38 ? 0.4349 0.4928 0.4557 0.0401  0.1077  -0.0971 38   LEU A O   
298 C  CB  . LEU A 38 ? 0.3579 0.4139 0.3952 0.0484  0.1026  -0.0807 38   LEU A CB  
299 C  CG  . LEU A 38 ? 0.4603 0.5312 0.5103 0.0394  0.1191  -0.1028 38   LEU A CG  
300 C  CD1 . LEU A 38 ? 0.4714 0.5100 0.5267 0.0377  0.1334  -0.0987 38   LEU A CD1 
301 C  CD2 . LEU A 38 ? 0.4395 0.5484 0.4934 0.0452  0.1125  -0.1090 38   LEU A CD2 
302 N  N   . ASN A 39 ? 0.4049 0.4272 0.4400 0.0246  0.1370  -0.1058 39   ASN A N   
303 C  CA  . ASN A 39 ? 0.4687 0.5049 0.5083 0.0110  0.1499  -0.1255 39   ASN A CA  
304 C  C   . ASN A 39 ? 0.4937 0.5502 0.5505 -0.0052 0.1656  -0.1525 39   ASN A C   
305 O  O   . ASN A 39 ? 0.5171 0.5492 0.5782 -0.0096 0.1780  -0.1547 39   ASN A O   
306 C  CB  . ASN A 39 ? 0.5411 0.5361 0.5717 0.0077  0.1635  -0.1164 39   ASN A CB  
307 C  CG  . ASN A 39 ? 0.5288 0.5000 0.5408 0.0244  0.1481  -0.0908 39   ASN A CG  
308 O  OD1 . ASN A 39 ? 0.4835 0.4687 0.4855 0.0313  0.1343  -0.0869 39   ASN A OD1 
309 N  ND2 . ASN A 39 ? 0.5926 0.5290 0.5986 0.0318  0.1505  -0.0743 39   ASN A ND2 
310 N  N   . ALA A 40 ? 0.5444 0.6478 0.6096 -0.0126 0.1642  -0.1738 40   ALA A N   
311 C  CA  . ALA A 40 ? 0.5723 0.7015 0.6549 -0.0318 0.1787  -0.2048 40   ALA A CA  
312 C  C   . ALA A 40 ? 0.6985 0.8259 0.7890 -0.0520 0.1969  -0.2191 40   ALA A C   
313 O  O   . ALA A 40 ? 0.6404 0.7987 0.7307 -0.0503 0.1908  -0.2210 40   ALA A O   
314 C  CB  . ALA A 40 ? 0.4648 0.6575 0.5532 -0.0263 0.1648  -0.2211 40   ALA A CB  
315 N  N   . VAL A 41 ? 0.5910 0.6813 0.6878 -0.0704 0.2207  -0.2291 41   VAL A N   
316 C  CA  . VAL A 41 ? 0.6273 0.6995 0.7294 -0.0908 0.2432  -0.2373 41   VAL A CA  
317 C  C   . VAL A 41 ? 0.7218 0.8194 0.8461 -0.1206 0.2610  -0.2753 41   VAL A C   
318 O  O   . VAL A 41 ? 0.7078 0.7837 0.8343 -0.1277 0.2705  -0.2865 41   VAL A O   
319 C  CB  . VAL A 41 ? 0.6635 0.6601 0.7502 -0.0875 0.2605  -0.2147 41   VAL A CB  
320 C  CG1 . VAL A 41 ? 0.7898 0.7629 0.8805 -0.1096 0.2885  -0.2225 41   VAL A CG1 
321 C  CG2 . VAL A 41 ? 0.6629 0.6396 0.7286 -0.0596 0.2416  -0.1803 41   VAL A CG2 
322 N  N   . PRO A 42 ? 0.8962 1.0430 1.0372 -0.1380 0.2650  -0.2967 42   PRO A N   
323 C  CA  . PRO A 42 ? 1.0109 1.1939 1.1763 -0.1686 0.2789  -0.3371 42   PRO A CA  
324 C  C   . PRO A 42 ? 1.0284 1.1729 1.2038 -0.2007 0.3123  -0.3488 42   PRO A C   
325 O  O   . PRO A 42 ? 1.0500 1.1305 1.2187 -0.2106 0.3330  -0.3486 42   PRO A O   
326 C  CB  . PRO A 42 ? 1.0460 1.3177 1.2250 -0.1656 0.2607  -0.3527 42   PRO A CB  
327 C  CG  . PRO A 42 ? 0.8339 1.1001 0.9946 -0.1387 0.2463  -0.3192 42   PRO A CG  
328 C  CD  . PRO A 42 ? 0.8309 1.0129 0.9700 -0.1284 0.2543  -0.2870 42   PRO A CD  
329 N  N   . LYS A 46 ? 1.1216 1.3071 1.3096 -0.2240 0.3070  -0.4693 46   LYS A N   
330 C  CA  . LYS A 46 ? 1.1658 1.3471 1.3614 -0.2341 0.3143  -0.4561 46   LYS A CA  
331 C  C   . LYS A 46 ? 1.0995 1.2833 1.2799 -0.1984 0.2923  -0.4122 46   LYS A C   
332 O  O   . LYS A 46 ? 1.0846 1.2677 1.2669 -0.1999 0.2947  -0.3975 46   LYS A O   
333 C  CB  . LYS A 46 ? 1.1541 1.4166 1.3775 -0.2605 0.3123  -0.4927 46   LYS A CB  
334 C  CG  . LYS A 46 ? 1.1180 1.4701 1.3445 -0.2389 0.2809  -0.5016 46   LYS A CG  
335 C  CD  . LYS A 46 ? 1.1281 1.5688 1.3801 -0.2557 0.2749  -0.5298 46   LYS A CD  
336 C  CE  . LYS A 46 ? 1.1558 1.6825 1.4048 -0.2274 0.2441  -0.5350 46   LYS A CE  
337 N  NZ  . LYS A 46 ? 1.1552 1.6699 1.3794 -0.1842 0.2232  -0.4899 46   LYS A NZ  
338 N  N   . ILE A 47 ? 0.9252 1.1132 1.0907 -0.1676 0.2719  -0.3930 47   ILE A N   
339 C  CA  . ILE A 47 ? 0.7595 0.9341 0.9084 -0.1362 0.2539  -0.3511 47   ILE A CA  
340 C  C   . ILE A 47 ? 0.7729 0.8776 0.9042 -0.1204 0.2601  -0.3248 47   ILE A C   
341 O  O   . ILE A 47 ? 0.7548 0.8563 0.8831 -0.1148 0.2598  -0.3328 47   ILE A O   
342 C  CB  . ILE A 47 ? 0.6942 0.9346 0.8403 -0.1119 0.2247  -0.3466 47   ILE A CB  
343 C  CG1 . ILE A 47 ? 0.7757 1.0867 0.9359 -0.1201 0.2171  -0.3662 47   ILE A CG1 
344 C  CG2 . ILE A 47 ? 0.6933 0.9089 0.8208 -0.0817 0.2078  -0.3040 47   ILE A CG2 
345 C  CD1 . ILE A 47 ? 0.8035 1.1760 0.9570 -0.0937 0.1913  -0.3613 47   ILE A CD1 
346 N  N   . ARG A 48 ? 0.6520 0.7056 0.7711 -0.1117 0.2655  -0.2943 48   ARG A N   
347 C  CA  . ARG A 48 ? 0.7566 0.7519 0.8586 -0.0920 0.2684  -0.2654 48   ARG A CA  
348 C  C   . ARG A 48 ? 0.8135 0.8114 0.9039 -0.0654 0.2455  -0.2293 48   ARG A C   
349 O  O   . ARG A 48 ? 0.7313 0.7478 0.8213 -0.0649 0.2369  -0.2225 48   ARG A O   
350 C  CB  . ARG A 48 ? 0.8214 0.7456 0.9160 -0.1045 0.2991  -0.2624 48   ARG A CB  
351 C  CG  . ARG A 48 ? 0.8050 0.7114 0.9080 -0.1322 0.3252  -0.2987 48   ARG A CG  
352 C  CD  . ARG A 48 ? 1.0021 0.9168 1.1028 -0.1219 0.3193  -0.3092 48   ARG A CD  
353 N  NE  . ARG A 48 ? 1.1117 1.0262 1.2211 -0.1483 0.3375  -0.3502 48   ARG A NE  
354 C  CZ  . ARG A 48 ? 1.2108 1.0582 1.3100 -0.1586 0.3663  -0.3591 48   ARG A CZ  
355 N  NH1 . ARG A 48 ? 1.3082 1.0854 1.3878 -0.1419 0.3809  -0.3280 48   ARG A NH1 
356 N  NH2 . ARG A 48 ? 1.2143 1.0640 1.3212 -0.1844 0.3811  -0.3998 48   ARG A NH2 
357 N  N   . TYR A 49 ? 0.6561 0.6363 0.7373 -0.0440 0.2364  -0.2072 49   TYR A N   
358 C  CA  . TYR A 49 ? 0.6534 0.6403 0.7260 -0.0230 0.2140  -0.1775 49   TYR A CA  
359 C  C   . TYR A 49 ? 0.7670 0.7009 0.8259 -0.0110 0.2198  -0.1499 49   TYR A C   
360 O  O   . TYR A 49 ? 0.6590 0.5503 0.7128 -0.0109 0.2392  -0.1483 49   TYR A O   
361 C  CB  . TYR A 49 ? 0.6173 0.6343 0.6917 -0.0075 0.1962  -0.1713 49   TYR A CB  
362 C  CG  . TYR A 49 ? 0.6124 0.6874 0.6950 -0.0120 0.1856  -0.1924 49   TYR A CG  
363 C  CD1 . TYR A 49 ? 0.5495 0.6568 0.6282 -0.0030 0.1663  -0.1835 49   TYR A CD1 
364 C  CD2 . TYR A 49 ? 0.5779 0.6747 0.6695 -0.0239 0.1954  -0.2222 49   TYR A CD2 
365 C  CE1 . TYR A 49 ? 0.4435 0.6043 0.5265 -0.0025 0.1574  -0.2007 49   TYR A CE1 
366 C  CE2 . TYR A 49 ? 0.5448 0.7003 0.6422 -0.0253 0.1850  -0.2419 49   TYR A CE2 
367 C  CZ  . TYR A 49 ? 0.4760 0.6640 0.5686 -0.0131 0.1660  -0.2297 49   TYR A CZ  
368 O  OH  . TYR A 49 ? 0.4587 0.7069 0.5544 -0.0100 0.1562  -0.2478 49   TYR A OH  
369 N  N   . SER A 50 ? 0.6232 0.5596 0.6736 0.0011  0.2028  -0.1283 50   SER A N   
370 C  CA  . SER A 50 ? 0.6799 0.5776 0.7167 0.0172  0.2018  -0.1008 50   SER A CA  
371 C  C   . SER A 50 ? 0.6288 0.5472 0.6612 0.0310  0.1748  -0.0820 50   SER A C   
372 O  O   . SER A 50 ? 0.5346 0.4873 0.5698 0.0287  0.1597  -0.0879 50   SER A O   
373 C  CB  . SER A 50 ? 0.6659 0.5262 0.6907 0.0124  0.2187  -0.0961 50   SER A CB  
374 O  OG  . SER A 50 ? 0.7720 0.6552 0.7954 0.0070  0.2092  -0.0993 50   SER A OG  
375 N  N   . MSE A 51 ? 0.5802 0.4771 0.6042 0.0464  0.1689  -0.0593 51   MSE A N   
376 C  CA  A MSE A 51 ? 0.5817 0.4942 0.6014 0.0564  0.1440  -0.0431 51   MSE A CA  
377 C  CA  B MSE A 51 ? 0.5821 0.4945 0.6017 0.0565  0.1439  -0.0429 51   MSE A CA  
378 C  C   . MSE A 51 ? 0.5428 0.4270 0.5455 0.0663  0.1419  -0.0259 51   MSE A C   
379 O  O   . MSE A 51 ? 0.5569 0.4122 0.5525 0.0751  0.1543  -0.0159 51   MSE A O   
380 C  CB  A MSE A 51 ? 0.5817 0.5105 0.6119 0.0648  0.1342  -0.0341 51   MSE A CB  
381 C  CB  B MSE A 51 ? 0.5644 0.4933 0.5939 0.0655  0.1326  -0.0327 51   MSE A CB  
382 C  CG  A MSE A 51 ? 0.6975 0.6550 0.7407 0.0571  0.1376  -0.0518 51   MSE A CG  
383 C  CG  B MSE A 51 ? 0.6720 0.6345 0.7140 0.0589  0.1299  -0.0469 51   MSE A CG  
384 SE SE  A MSE A 51 ? 0.7517 0.7201 0.8079 0.0683  0.1392  -0.0433 51   MSE A SE  
385 SE SE  B MSE A 51 ? 0.7163 0.6987 0.7719 0.0707  0.1211  -0.0321 51   MSE A SE  
386 C  CE  A MSE A 51 ? 0.4684 0.4549 0.5255 0.0765  0.1102  -0.0181 51   MSE A CE  
387 C  CE  B MSE A 51 ? 0.5204 0.4697 0.5757 0.0762  0.1488  -0.0362 51   MSE A CE  
388 N  N   . THR A 52 ? 0.5917 0.4836 0.5847 0.0670  0.1266  -0.0225 52   THR A N   
389 C  CA  . THR A 52 ? 0.5976 0.4654 0.5718 0.0775  0.1231  -0.0077 52   THR A CA  
390 C  C   . THR A 52 ? 0.5884 0.4702 0.5588 0.0856  0.0957  0.0046  52   THR A C   
391 O  O   . THR A 52 ? 0.5116 0.4176 0.4904 0.0804  0.0816  0.0001  52   THR A O   
392 C  CB  . THR A 52 ? 0.6057 0.4637 0.5681 0.0710  0.1335  -0.0158 52   THR A CB  
393 O  OG1 . THR A 52 ? 0.6060 0.4947 0.5745 0.0622  0.1243  -0.0295 52   THR A OG1 
394 C  CG2 . THR A 52 ? 0.6657 0.5024 0.6314 0.0616  0.1635  -0.0253 52   THR A CG2 
395 N  N   . ILE A 53 ? 0.4939 0.3604 0.4507 0.0985  0.0885  0.0197  53   ILE A N   
396 C  CA  . ILE A 53 ? 0.5655 0.4449 0.5191 0.1029  0.0624  0.0283  53   ILE A CA  
397 C  C   . ILE A 53 ? 0.5416 0.4071 0.4703 0.1075  0.0529  0.0299  53   ILE A C   
398 O  O   . ILE A 53 ? 0.6029 0.4470 0.5155 0.1138  0.0666  0.0320  53   ILE A O   
399 C  CB  . ILE A 53 ? 0.6129 0.4986 0.5731 0.1142  0.0552  0.0427  53   ILE A CB  
400 C  CG1 . ILE A 53 ? 0.6444 0.5057 0.5871 0.1304  0.0669  0.0531  53   ILE A CG1 
401 C  CG2 . ILE A 53 ? 0.6046 0.5069 0.5886 0.1107  0.0636  0.0409  53   ILE A CG2 
402 C  CD1 . ILE A 53 ? 0.7509 0.6252 0.6965 0.1459  0.0561  0.0678  53   ILE A CD1 
403 N  N   . HIS A 54 ? 0.5909 0.4660 0.5150 0.1050  0.0309  0.0296  54   HIS A N   
404 C  CA  . HIS A 54 ? 0.5379 0.3999 0.4365 0.1089  0.0210  0.0278  54   HIS A CA  
405 C  C   . HIS A 54 ? 0.6190 0.4845 0.5117 0.1095  -0.0042 0.0321  54   HIS A C   
406 O  O   . HIS A 54 ? 0.7434 0.6251 0.6542 0.1014  -0.0140 0.0331  54   HIS A O   
407 C  CB  . HIS A 54 ? 0.5558 0.4235 0.4527 0.1012  0.0251  0.0154  54   HIS A CB  
408 C  CG  . HIS A 54 ? 0.6416 0.5153 0.5516 0.0951  0.0488  0.0067  54   HIS A CG  
409 N  ND1 . HIS A 54 ? 0.6711 0.5328 0.5706 0.0964  0.0661  0.0032  54   HIS A ND1 
410 C  CD2 . HIS A 54 ? 0.5647 0.4543 0.4979 0.0868  0.0592  0.0005  54   HIS A CD2 
411 C  CE1 . HIS A 54 ? 0.7008 0.5708 0.6181 0.0863  0.0860  -0.0066 54   HIS A CE1 
412 N  NE2 . HIS A 54 ? 0.5539 0.4403 0.4904 0.0813  0.0816  -0.0091 54   HIS A NE2 
413 N  N   . SER A 55 ? 0.6018 0.4523 0.4685 0.1181  -0.0143 0.0338  55   SER A N   
414 C  CA  . SER A 55 ? 0.6062 0.4579 0.4651 0.1157  -0.0390 0.0336  55   SER A CA  
415 C  C   . SER A 55 ? 0.6210 0.4618 0.4667 0.1095  -0.0450 0.0243  55   SER A C   
416 O  O   . SER A 55 ? 0.6634 0.4949 0.4951 0.1141  -0.0340 0.0193  55   SER A O   
417 C  CB  . SER A 55 ? 0.6280 0.4710 0.4634 0.1295  -0.0492 0.0384  55   SER A CB  
418 O  OG  . SER A 55 ? 0.6517 0.4733 0.4582 0.1384  -0.0427 0.0350  55   SER A OG  
419 N  N   . GLN A 56 ? 0.7037 0.5459 0.5537 0.0994  -0.0613 0.0225  56   GLN A N   
420 C  CA  A GLN A 56 ? 0.7392 0.5644 0.5714 0.0968  -0.0657 0.0154  56   GLN A CA  
421 C  CA  B GLN A 56 ? 0.7442 0.5693 0.5764 0.0962  -0.0670 0.0155  56   GLN A CA  
422 C  C   . GLN A 56 ? 0.6816 0.4826 0.4778 0.1072  -0.0749 0.0111  56   GLN A C   
423 O  O   . GLN A 56 ? 0.7380 0.5223 0.5121 0.1125  -0.0735 0.0054  56   GLN A O   
424 C  CB  A GLN A 56 ? 0.7472 0.5728 0.5906 0.0825  -0.0776 0.0156  56   GLN A CB  
425 C  CB  B GLN A 56 ? 0.7653 0.5886 0.6060 0.0819  -0.0821 0.0155  56   GLN A CB  
426 C  CG  A GLN A 56 ? 0.7586 0.5907 0.6098 0.0748  -0.0948 0.0180  56   GLN A CG  
427 C  CG  B GLN A 56 ? 0.8024 0.6010 0.6155 0.0811  -0.1012 0.0098  56   GLN A CG  
428 C  CD  A GLN A 56 ? 0.7659 0.5950 0.6272 0.0574  -0.1047 0.0173  56   GLN A CD  
429 C  CD  B GLN A 56 ? 0.7375 0.5400 0.5650 0.0633  -0.1170 0.0096  56   GLN A CD  
430 O  OE1 A GLN A 56 ? 0.7697 0.6238 0.6618 0.0468  -0.1047 0.0231  56   GLN A OE1 
431 O  OE1 B GLN A 56 ? 0.8086 0.6206 0.6377 0.0604  -0.1318 0.0081  56   GLN A OE1 
432 N  NE2 A GLN A 56 ? 0.5673 0.3637 0.4019 0.0550  -0.1111 0.0108  56   GLN A NE2 
433 N  NE2 B GLN A 56 ? 0.7035 0.5016 0.5420 0.0513  -0.1134 0.0112  56   GLN A NE2 
434 N  N   . ASN A 57 ? 0.7535 0.5550 0.5421 0.1134  -0.0832 0.0142  57   ASN A N   
435 C  CA  . ASN A 57 ? 0.7543 0.5335 0.5061 0.1239  -0.0940 0.0093  57   ASN A CA  
436 C  C   . ASN A 57 ? 0.8193 0.5914 0.5509 0.1412  -0.0781 0.0115  57   ASN A C   
437 O  O   . ASN A 57 ? 0.8730 0.6255 0.5729 0.1511  -0.0812 0.0063  57   ASN A O   
438 C  CB  . ASN A 57 ? 0.9396 0.7226 0.6871 0.1211  -0.1170 0.0078  57   ASN A CB  
439 C  CG  . ASN A 57 ? 0.9239 0.7383 0.7008 0.1201  -0.1167 0.0171  57   ASN A CG  
440 O  OD1 . ASN A 57 ? 0.6157 0.4508 0.4262 0.1066  -0.1158 0.0205  57   ASN A OD1 
441 N  ND2 . ASN A 57 ? 0.9284 0.7468 0.6904 0.1375  -0.1165 0.0223  57   ASN A ND2 
442 N  N   . ASN A 58 ? 0.6615 0.5782 1.0268 0.0156  0.3192  0.1607  58   ASN A N   
443 C  CA  . ASN A 58 ? 0.8629 0.8068 1.2621 0.0175  0.3204  0.2028  58   ASN A CA  
444 C  C   . ASN A 58 ? 0.7976 0.7779 1.2642 0.0178  0.2766  0.2361  58   ASN A C   
445 O  O   . ASN A 58 ? 0.7605 0.7541 1.2281 0.0050  0.2286  0.2428  58   ASN A O   
446 C  CB  . ASN A 58 ? 1.0288 0.9649 1.3747 0.0026  0.3038  0.1929  58   ASN A CB  
447 C  CG  . ASN A 58 ? 1.2375 1.1392 1.5196 0.0038  0.3537  0.1711  58   ASN A CG  
448 O  OD1 . ASN A 58 ? 1.2889 1.1596 1.5165 -0.0017 0.3588  0.1281  58   ASN A OD1 
449 N  ND2 . ASN A 58 ? 1.3403 1.2467 1.6292 0.0104  0.3923  0.2010  58   ASN A ND2 
450 N  N   . PHE A 59 ? 0.7894 0.7811 1.3082 0.0330  0.2919  0.2562  59   PHE A N   
451 C  CA  . PHE A 59 ? 0.6378 0.6534 1.2052 0.0327  0.2454  0.2757  59   PHE A CA  
452 C  C   . PHE A 59 ? 0.6194 0.6707 1.2333 0.0237  0.2131  0.3150  59   PHE A C   
453 O  O   . PHE A 59 ? 0.5160 0.5763 1.1398 0.0132  0.1587  0.3183  59   PHE A O   
454 C  CB  . PHE A 59 ? 0.6089 0.6282 1.2207 0.0520  0.2668  0.2923  59   PHE A CB  
455 C  CG  . PHE A 59 ? 0.4540 0.4894 1.0999 0.0508  0.2156  0.3063  59   PHE A CG  
456 C  CD1 . PHE A 59 ? 0.4766 0.4898 1.0816 0.0434  0.1839  0.2735  59   PHE A CD1 
457 C  CD2 . PHE A 59 ? 0.5503 0.6241 1.2678 0.0558  0.1970  0.3522  59   PHE A CD2 
458 C  CE1 . PHE A 59 ? 0.4683 0.4901 1.0941 0.0430  0.1379  0.2847  59   PHE A CE1 
459 C  CE2 . PHE A 59 ? 0.5235 0.6074 1.2644 0.0533  0.1459  0.3638  59   PHE A CE2 
460 C  CZ  . PHE A 59 ? 0.5141 0.5689 1.2044 0.0473  0.1169  0.3295  59   PHE A CZ  
461 N  N   . ARG A 60 ? 0.7130 0.7822 1.3525 0.0269  0.2477  0.3435  60   ARG A N   
462 C  CA  . ARG A 60 ? 0.9205 1.0264 1.6126 0.0159  0.2207  0.3849  60   ARG A CA  
463 C  C   . ARG A 60 ? 0.8902 0.9837 1.5346 -0.0041 0.1956  0.3761  60   ARG A C   
464 O  O   . ARG A 60 ? 0.9417 1.0559 1.6192 -0.0182 0.1596  0.4039  60   ARG A O   
465 C  CB  . ARG A 60 ? 1.0310 1.1707 1.7872 0.0283  0.2697  0.4270  60   ARG A CB  
466 C  CG  . ARG A 60 ? 1.0442 1.2030 1.8614 0.0508  0.2898  0.4454  60   ARG A CG  
467 C  CD  . ARG A 60 ? 0.9990 1.1824 1.8688 0.0467  0.2307  0.4643  60   ARG A CD  
468 N  NE  . ARG A 60 ? 1.0051 1.2142 1.9432 0.0698  0.2518  0.4924  60   ARG A NE  
469 C  CZ  . ARG A 60 ? 0.8994 1.1197 1.8715 0.0743  0.2123  0.5039  60   ARG A CZ  
470 N  NH1 . ARG A 60 ? 0.9004 1.1431 1.9325 0.0979  0.2341  0.5310  60   ARG A NH1 
471 N  NH2 . ARG A 60 ? 0.8260 1.0324 1.7690 0.0569  0.1513  0.4881  60   ARG A NH2 
472 N  N   . LYS A 61 ? 0.7862 0.8442 1.3531 -0.0063 0.2120  0.3385  61   LYS A N   
473 C  CA  . LYS A 61 ? 0.9201 0.9639 1.4375 -0.0226 0.1893  0.3324  61   LYS A CA  
474 C  C   . LYS A 61 ? 0.8574 0.8851 1.3418 -0.0325 0.1271  0.3033  61   LYS A C   
475 O  O   . LYS A 61 ? 0.7344 0.7577 1.2224 -0.0264 0.1116  0.2814  61   LYS A O   
476 C  CB  . LYS A 61 ? 1.0485 1.0633 1.4976 -0.0196 0.2371  0.3098  61   LYS A CB  
477 C  CG  . LYS A 61 ? 1.1643 1.1904 1.6417 -0.0061 0.3042  0.3359  61   LYS A CG  
478 C  CD  . LYS A 61 ? 1.2466 1.2372 1.6456 -0.0045 0.3498  0.3141  61   LYS A CD  
479 C  CE  . LYS A 61 ? 1.2661 1.2664 1.6933 0.0112  0.4190  0.3412  61   LYS A CE  
480 N  NZ  . LYS A 61 ? 1.3292 1.2895 1.6709 0.0121  0.4641  0.3211  61   LYS A NZ  
481 N  N   . GLN A 62 ? 0.7365 0.7537 1.1891 -0.0462 0.0928  0.3043  62   GLN A N   
482 C  CA  . GLN A 62 ? 0.7291 0.7296 1.1498 -0.0516 0.0365  0.2754  62   GLN A CA  
483 C  C   . GLN A 62 ? 0.6433 0.6216 1.0057 -0.0456 0.0463  0.2244  62   GLN A C   
484 O  O   . GLN A 62 ? 0.7132 0.6766 1.0298 -0.0451 0.0799  0.2091  62   GLN A O   
485 C  CB  . GLN A 62 ? 0.7884 0.7768 1.1842 -0.0649 -0.0026 0.2869  62   GLN A CB  
486 C  CG  . GLN A 62 ? 0.8774 0.8516 1.2569 -0.0668 -0.0639 0.2637  62   GLN A CG  
487 C  CD  . GLN A 62 ? 1.0069 0.9605 1.3530 -0.0769 -0.1027 0.2713  62   GLN A CD  
488 O  OE1 . GLN A 62 ? 1.0632 1.0081 1.3804 -0.0828 -0.0840 0.2854  62   GLN A OE1 
489 N  NE2 . GLN A 62 ? 0.9875 0.9286 1.3323 -0.0779 -0.1560 0.2617  62   GLN A NE2 
490 N  N   . ILE A 63 ? 0.5275 0.5034 0.8911 -0.0423 0.0172  0.1985  63   ILE A N   
491 C  CA  . ILE A 63 ? 0.6894 0.6506 1.0093 -0.0389 0.0264  0.1511  63   ILE A CA  
492 C  C   . ILE A 63 ? 0.6249 0.5714 0.8867 -0.0452 0.0032  0.1253  63   ILE A C   
493 O  O   . ILE A 63 ? 0.4574 0.4014 0.7128 -0.0489 -0.0416 0.1319  63   ILE A O   
494 C  CB  . ILE A 63 ? 0.6892 0.6532 1.0256 -0.0339 0.0034  0.1306  63   ILE A CB  
495 C  CG1 . ILE A 63 ? 0.7977 0.7505 1.0946 -0.0338 0.0172  0.0830  63   ILE A CG1 
496 C  CG2 . ILE A 63 ? 0.6542 0.6195 0.9985 -0.0367 -0.0556 0.1362  63   ILE A CG2 
497 C  CD1 . ILE A 63 ? 0.7493 0.7024 1.0629 -0.0283 0.0245  0.0645  63   ILE A CD1 
498 N  N   . GLY A 64 ? 0.5437 0.4772 0.7618 -0.0463 0.0336  0.0974  64   GLY A N   
499 C  CA  . GLY A 64 ? 0.6775 0.5997 0.8405 -0.0513 0.0096  0.0662  64   GLY A CA  
500 C  C   . GLY A 64 ? 0.6025 0.5290 0.7603 -0.0505 -0.0011 0.0221  64   GLY A C   
501 O  O   . GLY A 64 ? 0.5602 0.4817 0.7138 -0.0514 0.0349  0.0014  64   GLY A O   
502 N  N   . ILE A 65 ? 0.4210 0.3556 0.5806 -0.0486 -0.0487 0.0077  65   ILE A N   
503 C  CA  A ILE A 65 ? 0.4336 0.3783 0.5971 -0.0476 -0.0567 -0.0318 65   ILE A CA  
504 C  CA  B ILE A 65 ? 0.4382 0.3831 0.6019 -0.0473 -0.0593 -0.0312 65   ILE A CA  
505 C  C   . ILE A 65 ? 0.4304 0.3731 0.5485 -0.0545 -0.0591 -0.0669 65   ILE A C   
506 O  O   . ILE A 65 ? 0.4373 0.3708 0.5190 -0.0568 -0.0742 -0.0608 65   ILE A O   
507 C  CB  A ILE A 65 ? 0.4235 0.3789 0.6099 -0.0400 -0.1038 -0.0349 65   ILE A CB  
508 C  CB  B ILE A 65 ? 0.4259 0.3798 0.6098 -0.0398 -0.1098 -0.0302 65   ILE A CB  
509 C  CG1 A ILE A 65 ? 0.4974 0.4490 0.6570 -0.0380 -0.1480 -0.0343 65   ILE A CG1 
510 C  CG1 B ILE A 65 ? 0.4982 0.4522 0.7241 -0.0352 -0.1093 -0.0001 65   ILE A CG1 
511 C  CG2 A ILE A 65 ? 0.4096 0.3637 0.6360 -0.0354 -0.1061 -0.0002 65   ILE A CG2 
512 C  CG2 B ILE A 65 ? 0.3410 0.3094 0.5258 -0.0372 -0.1247 -0.0709 65   ILE A CG2 
513 C  CD1 A ILE A 65 ? 0.5518 0.5072 0.7276 -0.0279 -0.1947 -0.0388 65   ILE A CD1 
514 C  CD1 B ILE A 65 ? 0.4578 0.4093 0.6954 -0.0291 -0.1600 0.0096  65   ILE A CD1 
515 N  N   . THR A 66 ? 0.3818 0.3311 0.5010 -0.0595 -0.0428 -0.1022 66   THR A N   
516 C  CA  . THR A 66 ? 0.4182 0.3718 0.5025 -0.0684 -0.0525 -0.1395 66   THR A CA  
517 C  C   . THR A 66 ? 0.3796 0.3597 0.4946 -0.0675 -0.0717 -0.1709 66   THR A C   
518 O  O   . THR A 66 ? 0.4236 0.4110 0.5765 -0.0602 -0.0705 -0.1629 66   THR A O   
519 C  CB  . THR A 66 ? 0.6272 0.5603 0.6806 -0.0805 -0.0050 -0.1554 66   THR A CB  
520 O  OG1 . THR A 66 ? 0.5715 0.5073 0.6550 -0.0839 0.0237  -0.1716 66   THR A OG1 
521 C  CG2 . THR A 66 ? 0.7489 0.6555 0.7841 -0.0778 0.0315  -0.1210 66   THR A CG2 
522 N  N   . PRO A 67 ? 0.4202 0.4162 0.5203 -0.0751 -0.0884 -0.2065 67   PRO A N   
523 C  CA  . PRO A 67 ? 0.4579 0.4860 0.5936 -0.0742 -0.1049 -0.2364 67   PRO A CA  
524 C  C   . PRO A 67 ? 0.4508 0.4790 0.6151 -0.0814 -0.0643 -0.2484 67   PRO A C   
525 O  O   . PRO A 67 ? 0.5073 0.5565 0.7063 -0.0752 -0.0736 -0.2580 67   PRO A O   
526 C  CB  . PRO A 67 ? 0.5696 0.6149 0.6824 -0.0859 -0.1236 -0.2716 67   PRO A CB  
527 C  CG  . PRO A 67 ? 0.6184 0.6399 0.6789 -0.0858 -0.1356 -0.2541 67   PRO A CG  
528 C  CD  . PRO A 67 ? 0.5309 0.5182 0.5802 -0.0845 -0.0968 -0.2200 67   PRO A CD  
529 N  N   . GLN A 68 ? 0.4103 0.4122 0.5573 -0.0928 -0.0193 -0.2474 68   GLN A N   
530 C  CA  . GLN A 68 ? 0.5520 0.5457 0.7224 -0.0980 0.0204  -0.2532 68   GLN A CA  
531 C  C   . GLN A 68 ? 0.4773 0.4671 0.6784 -0.0817 0.0229  -0.2213 68   GLN A C   
532 O  O   . GLN A 68 ? 0.4695 0.4554 0.6905 -0.0831 0.0477  -0.2255 68   GLN A O   
533 C  CB  . GLN A 68 ? 0.5845 0.5422 0.7269 -0.1095 0.0687  -0.2542 68   GLN A CB  
534 C  CG  . GLN A 68 ? 0.8319 0.7635 0.9585 -0.0983 0.0853  -0.2153 68   GLN A CG  
535 C  CD  . GLN A 68 ? 1.1024 0.9989 1.2231 -0.1001 0.1411  -0.2073 68   GLN A CD  
536 O  OE1 . GLN A 68 ? 1.2463 1.1249 1.3492 -0.1150 0.1683  -0.2363 68   GLN A OE1 
537 N  NE2 . GLN A 68 ? 1.0144 0.9006 1.1521 -0.0850 0.1575  -0.1678 68   GLN A NE2 
538 N  N   . ASP A 69 ? 0.4140 0.3459 0.3912 -0.0058 -0.0558 0.0581  69   ASP A N   
539 C  CA  . ASP A 69 ? 0.4793 0.4232 0.4543 0.0011  -0.0450 0.0611  69   ASP A CA  
540 C  C   . ASP A 69 ? 0.4452 0.4235 0.4544 -0.0010 -0.0418 0.0507  69   ASP A C   
541 O  O   . ASP A 69 ? 0.4351 0.4230 0.4419 0.0042  -0.0333 0.0525  69   ASP A O   
542 C  CB  . ASP A 69 ? 0.4248 0.3646 0.3882 0.0142  -0.0507 0.0669  69   ASP A CB  
543 C  CG  . ASP A 69 ? 0.4515 0.3648 0.3822 0.0181  -0.0501 0.0743  69   ASP A CG  
544 O  OD1 . ASP A 69 ? 0.5021 0.3982 0.4120 0.0177  -0.0413 0.0779  69   ASP A OD1 
545 O  OD2 . ASP A 69 ? 0.4399 0.3491 0.3651 0.0209  -0.0598 0.0751  69   ASP A OD2 
546 N  N   . ALA A 70 ? 0.3913 0.3883 0.4321 -0.0079 -0.0491 0.0383  70   ALA A N   
547 C  CA  . ALA A 70 ? 0.3378 0.3725 0.4165 -0.0085 -0.0474 0.0236  70   ALA A CA  
548 C  C   . ALA A 70 ? 0.3625 0.4096 0.4343 -0.0169 -0.0255 0.0235  70   ALA A C   
549 O  O   . ALA A 70 ? 0.3450 0.4111 0.4262 -0.0105 -0.0205 0.0195  70   ALA A O   
550 C  CB  . ALA A 70 ? 0.3369 0.3916 0.4538 -0.0162 -0.0586 0.0072  70   ALA A CB  
551 N  N   . GLU A 71 ? 0.3724 0.4039 0.4219 -0.0321 -0.0136 0.0292  71   GLU A N   
552 C  CA  . GLU A 71 ? 0.3922 0.4308 0.4290 -0.0444 0.0060  0.0296  71   GLU A CA  
553 C  C   . GLU A 71 ? 0.4185 0.4384 0.4247 -0.0331 0.0107  0.0421  71   GLU A C   
554 O  O   . GLU A 71 ? 0.3993 0.4366 0.4084 -0.0352 0.0213  0.0384  71   GLU A O   
555 C  CB  . GLU A 71 ? 0.6051 0.6245 0.6183 -0.0664 0.0150  0.0342  71   GLU A CB  
556 C  CG  . GLU A 71 ? 0.8316 0.8808 0.8802 -0.0830 0.0155  0.0187  71   GLU A CG  
557 C  CD  . GLU A 71 ? 1.1618 1.2647 1.2516 -0.0889 0.0258  -0.0014 71   GLU A CD  
558 O  OE1 . GLU A 71 ? 1.0731 1.1845 1.1519 -0.0900 0.0391  -0.0008 71   GLU A OE1 
559 O  OE2 . GLU A 71 ? 1.1303 1.2675 1.2644 -0.0920 0.0199  -0.0194 71   GLU A OE2 
560 N  N   . ASP A 72 ? 0.3880 0.3760 0.3677 -0.0210 0.0027  0.0549  72   ASP A N   
561 C  CA  . ASP A 72 ? 0.3932 0.3682 0.3507 -0.0079 0.0046  0.0644  72   ASP A CA  
562 C  C   . ASP A 72 ? 0.4148 0.4187 0.3978 0.0031  0.0020  0.0579  72   ASP A C   
563 O  O   . ASP A 72 ? 0.4004 0.4082 0.3751 0.0059  0.0096  0.0600  72   ASP A O   
564 C  CB  . ASP A 72 ? 0.3424 0.2892 0.2770 0.0049  -0.0045 0.0742  72   ASP A CB  
565 C  CG  . ASP A 72 ? 0.5017 0.4117 0.4008 -0.0011 -0.0020 0.0819  72   ASP A CG  
566 O  OD1 . ASP A 72 ? 0.5251 0.4269 0.4129 -0.0170 0.0056  0.0822  72   ASP A OD1 
567 O  OD2 . ASP A 72 ? 0.5349 0.4232 0.4160 0.0096  -0.0085 0.0868  72   ASP A OD2 
568 N  N   . LEU A 73 ? 0.3770 0.3971 0.3883 0.0092  -0.0111 0.0503  73   LEU A N   
569 C  CA  . LEU A 73 ? 0.4178 0.4590 0.4505 0.0208  -0.0184 0.0444  73   LEU A CA  
570 C  C   . LEU A 73 ? 0.3983 0.4705 0.4531 0.0152  -0.0076 0.0314  73   LEU A C   
571 O  O   . LEU A 73 ? 0.3394 0.4217 0.3962 0.0233  -0.0061 0.0303  73   LEU A O   
572 C  CB  . LEU A 73 ? 0.3654 0.4110 0.4199 0.0270  -0.0386 0.0387  73   LEU A CB  
573 C  CG  . LEU A 73 ? 0.3970 0.4152 0.4269 0.0322  -0.0490 0.0510  73   LEU A CG  
574 C  CD1 . LEU A 73 ? 0.3682 0.3861 0.4154 0.0334  -0.0706 0.0449  73   LEU A CD1 
575 C  CD2 . LEU A 73 ? 0.3462 0.3570 0.3557 0.0423  -0.0472 0.0614  73   LEU A CD2 
576 N  N   . LYS A 74 ? 0.3154 0.4034 0.3854 0.0003  0.0003  0.0209  74   LYS A N   
577 C  CA  . LYS A 74 ? 0.3631 0.4840 0.4520 -0.0089 0.0142  0.0065  74   LYS A CA  
578 C  C   . LYS A 74 ? 0.3657 0.4734 0.4197 -0.0162 0.0313  0.0162  74   LYS A C   
579 O  O   . LYS A 74 ? 0.3530 0.4823 0.4157 -0.0156 0.0390  0.0079  74   LYS A O   
580 C  CB  . LYS A 74 ? 0.4131 0.5576 0.5262 -0.0270 0.0207  -0.0081 74   LYS A CB  
581 C  CG  . LYS A 74 ? 0.4245 0.5854 0.5773 -0.0190 0.0014  -0.0213 74   LYS A CG  
582 C  CD  . LYS A 74 ? 0.6957 0.8884 0.8806 -0.0362 0.0076  -0.0396 74   LYS A CD  
583 C  CE  . LYS A 74 ? 0.7300 0.9600 0.9708 -0.0236 -0.0102 -0.0641 74   LYS A CE  
584 N  NZ  . LYS A 74 ? 0.6739 0.9063 0.9398 -0.0273 -0.0257 -0.0723 74   LYS A NZ  
585 N  N   . LEU A 75 ? 0.3786 0.4493 0.3924 -0.0231 0.0356  0.0326  75   LEU A N   
586 C  CA  . LEU A 75 ? 0.4245 0.4741 0.3998 -0.0302 0.0476  0.0428  75   LEU A CA  
587 C  C   . LEU A 75 ? 0.3728 0.4151 0.3396 -0.0107 0.0416  0.0500  75   LEU A C   
588 O  O   . LEU A 75 ? 0.3968 0.4385 0.3478 -0.0130 0.0502  0.0515  75   LEU A O   
589 C  CB  . LEU A 75 ? 0.4339 0.4397 0.3682 -0.0386 0.0473  0.0578  75   LEU A CB  
590 C  CG  . LEU A 75 ? 0.5547 0.5628 0.4907 -0.0614 0.0537  0.0527  75   LEU A CG  
591 C  CD1 . LEU A 75 ? 0.6700 0.6301 0.5675 -0.0646 0.0472  0.0672  75   LEU A CD1 
592 C  CD2 . LEU A 75 ? 0.5661 0.5910 0.4951 -0.0849 0.0719  0.0459  75   LEU A CD2 
593 N  N   . ILE A 76 ? 0.3692 0.4066 0.3454 0.0068  0.0269  0.0539  76   ILE A N   
594 C  CA  . ILE A 76 ? 0.3712 0.4051 0.3418 0.0233  0.0208  0.0599  76   ILE A CA  
595 C  C   . ILE A 76 ? 0.3470 0.4145 0.3462 0.0274  0.0214  0.0466  76   ILE A C   
596 O  O   . ILE A 76 ? 0.3955 0.4626 0.3834 0.0317  0.0256  0.0490  76   ILE A O   
597 C  CB  . ILE A 76 ? 0.3781 0.4011 0.3499 0.0373  0.0059  0.0668  76   ILE A CB  
598 C  CG1 . ILE A 76 ? 0.4051 0.3952 0.3456 0.0365  0.0065  0.0781  76   ILE A CG1 
599 C  CG2 . ILE A 76 ? 0.2845 0.3117 0.2568 0.0523  -0.0010 0.0707  76   ILE A CG2 
600 C  CD1 . ILE A 76 ? 0.4253 0.4077 0.3671 0.0458  -0.0056 0.0818  76   ILE A CD1 
601 N  N   . ALA A 77 ? 0.3237 0.4189 0.3596 0.0262  0.0161  0.0312  77   ALA A N   
602 C  CA  . ALA A 77 ? 0.3149 0.4436 0.3826 0.0317  0.0142  0.0142  77   ALA A CA  
603 C  C   . ALA A 77 ? 0.3574 0.5008 0.4165 0.0190  0.0347  0.0073  77   ALA A C   
604 O  O   . ALA A 77 ? 0.3520 0.5062 0.4123 0.0257  0.0367  0.0028  77   ALA A O   
605 C  CB  . ALA A 77 ? 0.2901 0.4457 0.4003 0.0311  0.0042  -0.0042 77   ALA A CB  
606 N  N   . GLU A 78 ? 0.3236 0.4658 0.3709 -0.0016 0.0496  0.0066  78   GLU A N   
607 C  CA  . GLU A 78 ? 0.3952 0.5472 0.4256 -0.0197 0.0705  0.0015  78   GLU A CA  
608 C  C   . GLU A 78 ? 0.4565 0.5771 0.4434 -0.0175 0.0745  0.0177  78   GLU A C   
609 O  O   . GLU A 78 ? 0.4071 0.5410 0.3882 -0.0218 0.0849  0.0108  78   GLU A O   
610 C  CB  . GLU A 78 ? 0.4173 0.5687 0.4379 -0.0456 0.0839  0.0000  78   GLU A CB  
611 C  CG  . GLU A 78 ? 0.6385 0.8352 0.7117 -0.0483 0.0824  -0.0232 78   GLU A CG  
612 C  CD  . GLU A 78 ? 0.7604 0.9610 0.8329 -0.0729 0.0920  -0.0263 78   GLU A CD  
613 O  OE1 . GLU A 78 ? 0.8577 1.0194 0.8863 -0.0874 0.0970  -0.0084 78   GLU A OE1 
614 O  OE2 . GLU A 78 ? 0.7757 1.0182 0.8933 -0.0773 0.0925  -0.0478 78   GLU A OE2 
615 N  N   . PHE A 79 ? 0.3881 0.4692 0.3467 -0.0095 0.0649  0.0371  79   PHE A N   
616 C  CA  . PHE A 79 ? 0.4098 0.4595 0.3298 -0.0053 0.0650  0.0516  79   PHE A CA  
617 C  C   . PHE A 79 ? 0.4279 0.4926 0.3639 0.0138  0.0573  0.0482  79   PHE A C   
618 O  O   . PHE A 79 ? 0.4470 0.5081 0.3643 0.0117  0.0637  0.0490  79   PHE A O   
619 C  CB  . PHE A 79 ? 0.3782 0.3873 0.2715 0.0016  0.0547  0.0689  79   PHE A CB  
620 C  CG  . PHE A 79 ? 0.4585 0.4440 0.3285 0.0158  0.0474  0.0806  79   PHE A CG  
621 C  CD1 . PHE A 79 ? 0.6194 0.5715 0.4471 0.0077  0.0509  0.0902  79   PHE A CD1 
622 C  CD2 . PHE A 79 ? 0.4632 0.4585 0.3523 0.0359  0.0355  0.0817  79   PHE A CD2 
623 C  CE1 . PHE A 79 ? 0.5891 0.5192 0.3969 0.0222  0.0420  0.0999  79   PHE A CE1 
624 C  CE2 . PHE A 79 ? 0.5335 0.5103 0.4034 0.0481  0.0291  0.0914  79   PHE A CE2 
625 C  CZ  . PHE A 79 ? 0.5075 0.4529 0.3385 0.0419  0.0324  0.0996  79   PHE A CZ  
626 N  N   . LEU A 80 ? 0.3991 0.4802 0.3679 0.0296  0.0432  0.0433  80   LEU A N   
627 C  CA  . LEU A 80 ? 0.3797 0.4723 0.3625 0.0463  0.0332  0.0403  80   LEU A CA  
628 C  C   . LEU A 80 ? 0.3629 0.4863 0.3613 0.0417  0.0433  0.0222  80   LEU A C   
629 O  O   . LEU A 80 ? 0.4075 0.5282 0.3941 0.0480  0.0435  0.0237  80   LEU A O   
630 C  CB  . LEU A 80 ? 0.3200 0.4210 0.3313 0.0602  0.0143  0.0377  80   LEU A CB  
631 C  CG  . LEU A 80 ? 0.3684 0.4436 0.3645 0.0658  0.0044  0.0536  80   LEU A CG  
632 C  CD1 . LEU A 80 ? 0.3768 0.4614 0.3990 0.0740  -0.0137 0.0488  80   LEU A CD1 
633 C  CD2 . LEU A 80 ? 0.3729 0.4281 0.3434 0.0738  0.0025  0.0672  80   LEU A CD2 
634 N  N   . GLU A 81 ? 0.3545 0.5086 0.3804 0.0314  0.0510  0.0040  81   GLU A N   
635 C  CA  . GLU A 81 ? 0.4523 0.6434 0.4987 0.0266  0.0621  -0.0181 81   GLU A CA  
636 C  C   . GLU A 81 ? 0.4235 0.6045 0.4308 0.0087  0.0827  -0.0138 81   GLU A C   
637 O  O   . GLU A 81 ? 0.3888 0.5844 0.3954 0.0105  0.0886  -0.0235 81   GLU A O   
638 C  CB  . GLU A 81 ? 0.4269 0.6567 0.5135 0.0172  0.0672  -0.0404 81   GLU A CB  
639 C  CG  . GLU A 81 ? 0.5116 0.7557 0.6408 0.0355  0.0444  -0.0508 81   GLU A CG  
640 C  CD  . GLU A 81 ? 0.7554 1.0360 0.9259 0.0272  0.0467  -0.0732 81   GLU A CD  
641 O  OE1 . GLU A 81 ? 0.7385 1.0359 0.9047 0.0046  0.0685  -0.0801 81   GLU A OE1 
642 O  OE2 . GLU A 81 ? 0.8535 1.1440 1.0596 0.0421  0.0249  -0.0835 81   GLU A OE2 
643 N  N   . LYS A 82 ? 0.4486 0.6009 0.4202 -0.0091 0.0919  0.0009  82   LYS A N   
644 C  CA  . LYS A 82 ? 0.4916 0.6261 0.4182 -0.0301 0.1089  0.0067  82   LYS A CA  
645 C  C   . LYS A 82 ? 0.4916 0.5974 0.3880 -0.0171 0.1016  0.0200  82   LYS A C   
646 O  O   . LYS A 82 ? 0.5285 0.6354 0.4027 -0.0271 0.1130  0.0159  82   LYS A O   
647 C  CB  . LYS A 82 ? 0.5855 0.6852 0.4765 -0.0496 0.1135  0.0218  82   LYS A CB  
648 C  CG  . LYS A 82 ? 0.6714 0.7365 0.5061 -0.0693 0.1235  0.0334  82   LYS A CG  
649 C  CD  . LYS A 82 ? 0.7892 0.8128 0.5866 -0.0863 0.1225  0.0489  82   LYS A CD  
650 C  CE  . LYS A 82 ? 0.8759 0.8537 0.6086 -0.1058 0.1274  0.0625  82   LYS A CE  
651 N  NZ  . LYS A 82 ? 0.8632 0.8647 0.5818 -0.1369 0.1506  0.0493  82   LYS A NZ  
652 N  N   . TYR A 83 ? 0.4078 0.4920 0.3055 0.0049  0.0827  0.0338  83   TYR A N   
653 C  CA  . TYR A 83 ? 0.4733 0.5300 0.3432 0.0163  0.0746  0.0469  83   TYR A CA  
654 C  C   . TYR A 83 ? 0.4297 0.5062 0.3282 0.0380  0.0623  0.0403  83   TYR A C   
655 O  O   . TYR A 83 ? 0.4867 0.5440 0.3691 0.0495  0.0530  0.0508  83   TYR A O   
656 C  CB  . TYR A 83 ? 0.4488 0.4654 0.2956 0.0239  0.0623  0.0672  83   TYR A CB  
657 C  CG  . TYR A 83 ? 0.4728 0.4559 0.2778 0.0043  0.0700  0.0766  83   TYR A CG  
658 C  CD1 . TYR A 83 ? 0.5597 0.5359 0.3651 -0.0059 0.0719  0.0784  83   TYR A CD1 
659 C  CD2 . TYR A 83 ? 0.4823 0.4361 0.2430 -0.0055 0.0738  0.0839  83   TYR A CD2 
660 C  CE1 . TYR A 83 ? 0.5635 0.5027 0.3255 -0.0250 0.0762  0.0879  83   TYR A CE1 
661 C  CE2 . TYR A 83 ? 0.5969 0.5125 0.3122 -0.0257 0.0777  0.0934  83   TYR A CE2 
662 C  CZ  . TYR A 83 ? 0.6079 0.5152 0.3235 -0.0352 0.0783  0.0957  83   TYR A CZ  
663 O  OH  . TYR A 83 ? 0.6921 0.5560 0.3584 -0.0563 0.0795  0.1057  83   TYR A OH  
664 N  N   . SER A 84 ? 0.4508 0.5642 0.3924 0.0433  0.0600  0.0226  84   SER A N   
665 C  CA  . SER A 84 ? 0.5132 0.6419 0.4831 0.0638  0.0436  0.0158  84   SER A CA  
666 C  C   . SER A 84 ? 0.3411 0.4676 0.2957 0.0699  0.0440  0.0137  84   SER A C   
667 O  O   . SER A 84 ? 0.4176 0.5291 0.3674 0.0848  0.0286  0.0238  84   SER A O   
668 C  CB  . SER A 84 ? 0.4919 0.6605 0.5080 0.0659  0.0418  -0.0080 84   SER A CB  
669 O  OG  . SER A 84 ? 0.6631 0.8381 0.7035 0.0859  0.0205  -0.0128 84   SER A OG  
670 N  N   . ASP A 85 ? 0.3709 0.5150 0.3195 0.0573  0.0612  -0.0008 85   ASP A N   
671 C  CA  . ASP A 85 ? 0.5169 0.6591 0.4496 0.0621  0.0622  -0.0045 85   ASP A CA  
672 C  C   . ASP A 85 ? 0.5534 0.6512 0.4401 0.0622  0.0580  0.0195  85   ASP A C   
673 O  O   . ASP A 85 ? 0.4438 0.5317 0.3259 0.0762  0.0456  0.0245  85   ASP A O   
674 C  CB  . ASP A 85 ? 0.5273 0.6955 0.4549 0.0440  0.0852  -0.0244 85   ASP A CB  
675 C  CG  . ASP A 85 ? 0.7292 0.9489 0.7093 0.0471  0.0882  -0.0541 85   ASP A CG  
676 O  OD1 . ASP A 85 ? 0.6482 0.8802 0.6650 0.0687  0.0679  -0.0616 85   ASP A OD1 
677 O  OD2 . ASP A 85 ? 0.7870 1.0345 0.7716 0.0271  0.1095  -0.0705 85   ASP A OD2 
678 N  N   . PHE A 86 ? 0.4892 0.5600 0.3420 0.0461  0.0670  0.0330  86   PHE A N   
679 C  CA  . PHE A 86 ? 0.4911 0.5182 0.3036 0.0485  0.0591  0.0541  86   PHE A CA  
680 C  C   . PHE A 86 ? 0.5321 0.5496 0.3601 0.0709  0.0377  0.0660  86   PHE A C   
681 O  O   . PHE A 86 ? 0.5314 0.5327 0.3457 0.0816  0.0270  0.0742  86   PHE A O   
682 C  CB  . PHE A 86 ? 0.5025 0.4984 0.2806 0.0312  0.0658  0.0663  86   PHE A CB  
683 C  CG  . PHE A 86 ? 0.4634 0.4132 0.2058 0.0385  0.0521  0.0864  86   PHE A CG  
684 C  CD1 . PHE A 86 ? 0.5294 0.4540 0.2354 0.0360  0.0503  0.0919  86   PHE A CD1 
685 C  CD2 . PHE A 86 ? 0.6127 0.5451 0.3590 0.0481  0.0402  0.0979  86   PHE A CD2 
686 C  CE1 . PHE A 86 ? 0.6189 0.5009 0.2945 0.0443  0.0348  0.1086  86   PHE A CE1 
687 C  CE2 . PHE A 86 ? 0.5966 0.4895 0.3139 0.0566  0.0263  0.1130  86   PHE A CE2 
688 C  CZ  . PHE A 86 ? 0.6139 0.4816 0.2974 0.0553  0.0226  0.1181  86   PHE A CZ  
689 N  N   . LEU A 87 ? 0.4720 0.4609 0.4000 0.0683  -0.0673 0.1042  87   LEU A N   
690 C  CA  . LEU A 87 ? 0.5287 0.4723 0.4358 0.0463  -0.0527 0.0879  87   LEU A CA  
691 C  C   . LEU A 87 ? 0.6728 0.5694 0.5524 0.0436  -0.0314 0.0706  87   LEU A C   
692 O  O   . LEU A 87 ? 0.6725 0.5503 0.5458 0.0223  -0.0149 0.0460  87   LEU A O   
693 C  CB  . LEU A 87 ? 0.5413 0.4478 0.4260 0.0435  -0.0578 0.1057  87   LEU A CB  
694 C  CG  . LEU A 87 ? 0.5097 0.4550 0.4191 0.0390  -0.0755 0.1174  87   LEU A CG  
695 C  CD1 . LEU A 87 ? 0.5289 0.4425 0.4155 0.0393  -0.0833 0.1366  87   LEU A CD1 
696 C  CD2 . LEU A 87 ? 0.5300 0.4918 0.4566 0.0179  -0.0688 0.0950  87   LEU A CD2 
697 N  N   . ASN A 88 ? 0.6442 0.5192 0.5060 0.0648  -0.0303 0.0822  88   ASN A N   
698 C  CA  . ASN A 88 ? 0.7225 0.5430 0.5526 0.0626  -0.0083 0.0660  88   ASN A CA  
699 C  C   . ASN A 88 ? 0.7824 0.6293 0.6290 0.0555  0.0023  0.0384  88   ASN A C   
700 O  O   . ASN A 88 ? 0.8042 0.6077 0.6282 0.0418  0.0238  0.0163  88   ASN A O   
701 C  CB  . ASN A 88 ? 0.7622 0.5432 0.5631 0.0892  -0.0096 0.0870  88   ASN A CB  
702 C  CG  . ASN A 88 ? 1.1229 0.8614 0.8954 0.0895  -0.0151 0.1073  88   ASN A CG  
703 O  OD1 . ASN A 88 ? 1.1394 0.8407 0.8925 0.0660  -0.0042 0.0984  88   ASN A OD1 
704 N  ND2 . ASN A 88 ? 0.9438 0.6922 0.7146 0.1156  -0.0321 0.1335  88   ASN A ND2 
705 N  N   . GLU A 89 ? 0.5398 0.4565 0.4237 0.0619  -0.0117 0.0380  89   GLU A N   
706 C  CA  . GLU A 89 ? 0.5986 0.5474 0.4989 0.0522  -0.0041 0.0095  89   GLU A CA  
707 C  C   . GLU A 89 ? 0.6037 0.5820 0.5256 0.0272  -0.0041 -0.0107 89   GLU A C   
708 O  O   . GLU A 89 ? 0.5905 0.5911 0.5232 0.0146  0.0039  -0.0391 89   GLU A O   
709 C  CB  . GLU A 89 ? 0.4718 0.4830 0.3984 0.0722  -0.0181 0.0168  89   GLU A CB  
710 C  CG  . GLU A 89 ? 0.5780 0.5800 0.4933 0.0993  -0.0189 0.0333  89   GLU A CG  
711 C  CD  . GLU A 89 ? 0.8098 0.7589 0.6946 0.1005  0.0021  0.0156  89   GLU A CD  
712 O  OE1 . GLU A 89 ? 0.9080 0.8375 0.7846 0.0777  0.0177  -0.0132 89   GLU A OE1 
713 O  OE2 . GLU A 89 ? 0.9621 0.8902 0.8318 0.1242  0.0036  0.0296  89   GLU A OE2 
714 N  N   . TYR A 90 ? 0.4835 0.4693 0.4145 0.0219  -0.0148 0.0031  90   TYR A N   
715 C  CA  . TYR A 90 ? 0.4760 0.5046 0.4346 0.0063  -0.0200 -0.0118 90   TYR A CA  
716 C  C   . TYR A 90 ? 0.5573 0.5502 0.5043 -0.0205 -0.0042 -0.0299 90   TYR A C   
717 O  O   . TYR A 90 ? 0.5212 0.5412 0.4864 -0.0375 0.0017  -0.0564 90   TYR A O   
718 C  CB  . TYR A 90 ? 0.3887 0.4585 0.3699 0.0183  -0.0426 0.0127  90   TYR A CB  
719 C  CG  . TYR A 90 ? 0.4325 0.5554 0.4442 0.0114  -0.0510 -0.0007 90   TYR A CG  
720 C  CD1 . TYR A 90 ? 0.5000 0.6743 0.5311 0.0207  -0.0577 -0.0102 90   TYR A CD1 
721 C  CD2 . TYR A 90 ? 0.3894 0.5115 0.4088 -0.0021 -0.0524 -0.0037 90   TYR A CD2 
722 C  CE1 . TYR A 90 ? 0.4192 0.6416 0.4756 0.0182  -0.0668 -0.0213 90   TYR A CE1 
723 C  CE2 . TYR A 90 ? 0.3470 0.5174 0.3940 -0.0047 -0.0604 -0.0161 90   TYR A CE2 
724 C  CZ  . TYR A 90 ? 0.4149 0.6355 0.4799 0.0070  -0.0685 -0.0235 90   TYR A CZ  
725 O  OH  . TYR A 90 ? 0.3559 0.6246 0.4456 0.0083  -0.0778 -0.0350 90   TYR A OH  
726 N  N   . VAL A 91 ? 0.5425 0.4753 0.4579 -0.0241 0.0038  -0.0169 91   VAL A N   
727 C  CA  . VAL A 91 ? 0.5689 0.4622 0.4681 -0.0505 0.0214  -0.0324 91   VAL A CA  
728 C  C   . VAL A 91 ? 0.6593 0.4713 0.5108 -0.0571 0.0437  -0.0339 91   VAL A C   
729 O  O   . VAL A 91 ? 0.7311 0.5152 0.5611 -0.0368 0.0421  -0.0176 91   VAL A O   
730 C  CB  . VAL A 91 ? 0.6164 0.5101 0.5182 -0.0522 0.0098  -0.0139 91   VAL A CB  
731 C  CG1 . VAL A 91 ? 0.5995 0.5621 0.5421 -0.0439 -0.0111 -0.0097 91   VAL A CG1 
732 C  CG2 . VAL A 91 ? 0.5417 0.3951 0.4142 -0.0346 0.0010  0.0189  91   VAL A CG2 
733 N  N   . LYS A 92 ? 0.6312 0.4046 0.4652 -0.0851 0.0656  -0.0537 92   LYS A N   
734 C  CA  . LYS A 92 ? 0.7853 0.4731 0.5674 -0.0923 0.0866  -0.0499 92   LYS A CA  
735 C  C   . LYS A 92 ? 0.8244 0.4815 0.5863 -0.0988 0.0853  -0.0334 92   LYS A C   
736 O  O   . LYS A 92 ? 0.7176 0.4063 0.5026 -0.1153 0.0837  -0.0433 92   LYS A O   
737 C  CB  . LYS A 92 ? 0.9635 0.6231 0.7345 -0.1226 0.1164  -0.0856 92   LYS A CB  
738 C  CG  . LYS A 92 ? 1.0325 0.7126 0.8153 -0.1167 0.1196  -0.1031 92   LYS A CG  
739 C  CD  . LYS A 92 ? 1.2173 0.8557 0.9693 -0.0861 0.1156  -0.0792 92   LYS A CD  
740 C  CE  . LYS A 92 ? 1.4042 1.0471 1.1582 -0.0840 0.1256  -0.1010 92   LYS A CE  
741 N  NZ  . LYS A 92 ? 1.3553 0.9812 1.0928 -0.0489 0.1170  -0.0788 92   LYS A NZ  
742 N  N   . PHE A 93 ? 0.8855 0.4818 0.6035 -0.0843 0.0854  -0.0085 93   PHE A N   
743 C  CA  . PHE A 93 ? 0.9793 0.5403 0.6707 -0.0908 0.0852  0.0066  93   PHE A CA  
744 C  C   . PHE A 93 ? 1.1391 0.6243 0.7843 -0.1182 0.1169  -0.0076 93   PHE A C   
745 O  O   . PHE A 93 ? 1.1412 0.5880 0.7672 -0.1311 0.1408  -0.0267 93   PHE A O   
746 C  CB  . PHE A 93 ? 0.9607 0.5064 0.6315 -0.0598 0.0641  0.0425  93   PHE A CB  
747 C  CG  . PHE A 93 ? 0.9104 0.5316 0.6271 -0.0410 0.0342  0.0568  93   PHE A CG  
748 C  CD1 . PHE A 93 ? 0.8427 0.5018 0.5834 -0.0492 0.0209  0.0604  93   PHE A CD1 
749 C  CD2 . PHE A 93 ? 0.8624 0.5160 0.5976 -0.0164 0.0216  0.0653  93   PHE A CD2 
750 C  CE1 . PHE A 93 ? 0.7612 0.4845 0.5413 -0.0337 -0.0045 0.0735  93   PHE A CE1 
751 C  CE2 . PHE A 93 ? 0.6727 0.3925 0.4478 -0.0024 -0.0026 0.0776  93   PHE A CE2 
752 C  CZ  . PHE A 93 ? 0.6771 0.4303 0.4739 -0.0115 -0.0156 0.0821  93   PHE A CZ  
753 N  N   . THR A 94 ? 1.2068 0.6711 0.8335 -0.1281 0.1173  0.0015  94   THR A N   
754 C  CA  . THR A 94 ? 1.2683 0.6629 0.8493 -0.1554 0.1465  -0.0086 94   THR A CA  
755 C  C   . THR A 94 ? 1.4336 0.7398 0.9504 -0.1417 0.1580  0.0089  94   THR A C   
756 O  O   . THR A 94 ? 1.4575 0.7567 0.9601 -0.1084 0.1367  0.0378  94   THR A O   
757 C  CB  . THR A 94 ? 1.2862 0.6850 0.8619 -0.1613 0.1375  0.0034  94   THR A CB  
758 O  OG1 . THR A 94 ? 1.4382 0.7787 0.9749 -0.1918 0.1679  -0.0102 94   THR A OG1 
759 C  CG2 . THR A 94 ? 1.2244 0.6047 0.7728 -0.1299 0.1123  0.0411  94   THR A CG2 
760 N  N   . PRO A 95 ? 1.6400 0.8787 1.1177 -0.1667 0.1925  -0.0094 95   PRO A N   
761 C  CA  . PRO A 95 ? 1.7674 0.9096 1.1769 -0.1554 0.2085  0.0051  95   PRO A CA  
762 C  C   . PRO A 95 ? 1.7999 0.9110 1.1711 -0.1200 0.1858  0.0450  95   PRO A C   
763 O  O   . PRO A 95 ? 1.7596 0.8664 1.1240 -0.0854 0.1702  0.0638  95   PRO A O   
764 C  CB  . PRO A 95 ? 1.8441 0.9198 1.2125 -0.1951 0.2464  -0.0140 95   PRO A CB  
765 C  CG  . PRO A 95 ? 1.7596 0.9058 1.1881 -0.2278 0.2560  -0.0515 95   PRO A CG  
766 C  CD  . PRO A 95 ? 1.6164 0.8650 1.1113 -0.2088 0.2198  -0.0457 95   PRO A CD  
767 CL CL  . CL  B .  ? 0.4748 0.3339 0.3614 0.0835  -0.0272 -0.0312 1096 CL  A CL  
768 CL CL  . CL  C .  ? 1.4831 1.4224 0.3592 -0.1735 0.0996  -0.0662 1097 CL  A CL  
769 CL CL  . CL  D .  ? 0.4515 0.5701 0.4909 -0.0332 0.0629  0.0522  1098 CL  A CL  
770 C  C1  . MLI E .  ? 1.5119 0.9030 0.4966 -0.2511 0.2892  -0.1584 1099 MLI A C1  
771 C  C2  . MLI E .  ? 1.5622 0.9262 0.5274 -0.2468 0.2924  -0.1621 1099 MLI A C2  
772 C  C3  . MLI E .  ? 1.3557 0.7579 0.3409 -0.2430 0.2944  -0.1663 1099 MLI A C3  
773 O  O6  . MLI E .  ? 1.8200 1.1671 0.7590 -0.2417 0.2917  -0.1718 1099 MLI A O6  
774 O  O7  . MLI E .  ? 1.5686 0.9316 0.5509 -0.2534 0.2921  -0.1563 1099 MLI A O7  
775 O  O8  . MLI E .  ? 1.5349 0.9259 0.4990 -0.2377 0.2995  -0.1653 1099 MLI A O8  
776 O  O9  . MLI E .  ? 1.4797 0.8912 0.4885 -0.2395 0.2826  -0.1746 1099 MLI A O9  
777 C  C1  . MLI F .  ? 1.4218 1.0951 0.9516 -0.3427 -0.3268 -0.2247 1100 MLI A C1  
778 C  C2  . MLI F .  ? 1.3019 0.8986 0.9405 -0.3465 -0.4016 -0.1882 1100 MLI A C2  
779 C  C3  . MLI F .  ? 1.3141 0.9252 0.9600 -0.2854 -0.2585 -0.1995 1100 MLI A C3  
780 O  O6  . MLI F .  ? 1.2462 0.7148 0.9817 -0.3235 -0.3869 -0.2650 1100 MLI A O6  
781 O  O7  . MLI F .  ? 1.3028 0.9226 0.9997 -0.3380 -0.4482 -0.0384 1100 MLI A O7  
782 O  O8  . MLI F .  ? 1.3483 0.8548 1.0653 -0.2580 -0.2201 -0.2964 1100 MLI A O8  
783 O  O9  . MLI F .  ? 1.2299 0.8382 0.9668 -0.2634 -0.2877 -0.0573 1100 MLI A O9  
# 
